data_5OC8
# 
_entry.id   5OC8 
# 
_audit_conform.dict_name       mmcif_pdbx.dic 
_audit_conform.dict_version    5.383 
_audit_conform.dict_location   http://mmcif.pdb.org/dictionaries/ascii/mmcif_pdbx.dic 
# 
loop_
_database_2.database_id 
_database_2.database_code 
_database_2.pdbx_database_accession 
_database_2.pdbx_DOI 
PDB   5OC8         pdb_00005oc8 10.2210/pdb5oc8/pdb 
WWPDB D_1200005559 ?            ?                   
# 
loop_
_pdbx_audit_revision_history.ordinal 
_pdbx_audit_revision_history.data_content_type 
_pdbx_audit_revision_history.major_revision 
_pdbx_audit_revision_history.minor_revision 
_pdbx_audit_revision_history.revision_date 
1 'Structure model' 1 0 2018-08-22 
2 'Structure model' 1 1 2018-09-05 
3 'Structure model' 1 2 2018-11-14 
4 'Structure model' 1 3 2024-01-17 
# 
_pdbx_audit_revision_details.ordinal             1 
_pdbx_audit_revision_details.revision_ordinal    1 
_pdbx_audit_revision_details.data_content_type   'Structure model' 
_pdbx_audit_revision_details.provider            repository 
_pdbx_audit_revision_details.type                'Initial release' 
_pdbx_audit_revision_details.description         ? 
_pdbx_audit_revision_details.details             ? 
# 
loop_
_pdbx_audit_revision_group.ordinal 
_pdbx_audit_revision_group.revision_ordinal 
_pdbx_audit_revision_group.data_content_type 
_pdbx_audit_revision_group.group 
1 2 'Structure model' 'Data collection'        
2 2 'Structure model' 'Database references'    
3 3 'Structure model' 'Data collection'        
4 3 'Structure model' 'Database references'    
5 4 'Structure model' 'Data collection'        
6 4 'Structure model' 'Database references'    
7 4 'Structure model' 'Refinement description' 
# 
loop_
_pdbx_audit_revision_category.ordinal 
_pdbx_audit_revision_category.revision_ordinal 
_pdbx_audit_revision_category.data_content_type 
_pdbx_audit_revision_category.category 
1 2 'Structure model' citation                      
2 2 'Structure model' citation_author               
3 3 'Structure model' citation                      
4 3 'Structure model' citation_author               
5 4 'Structure model' chem_comp_atom                
6 4 'Structure model' chem_comp_bond                
7 4 'Structure model' database_2                    
8 4 'Structure model' pdbx_initial_refinement_model 
# 
loop_
_pdbx_audit_revision_item.ordinal 
_pdbx_audit_revision_item.revision_ordinal 
_pdbx_audit_revision_item.data_content_type 
_pdbx_audit_revision_item.item 
1  2 'Structure model' '_citation.country'                   
2  2 'Structure model' '_citation.journal_abbrev'            
3  2 'Structure model' '_citation.journal_id_ASTM'           
4  2 'Structure model' '_citation.journal_id_CSD'            
5  2 'Structure model' '_citation.journal_id_ISSN'           
6  2 'Structure model' '_citation.pdbx_database_id_DOI'      
7  2 'Structure model' '_citation.pdbx_database_id_PubMed'   
8  2 'Structure model' '_citation.title'                     
9  2 'Structure model' '_citation.year'                      
10 3 'Structure model' '_citation.journal_volume'            
11 3 'Structure model' '_citation.page_first'                
12 3 'Structure model' '_citation.page_last'                 
13 3 'Structure model' '_citation.title'                     
14 3 'Structure model' '_citation_author.name'               
15 4 'Structure model' '_database_2.pdbx_DOI'                
16 4 'Structure model' '_database_2.pdbx_database_accession' 
# 
_pdbx_database_status.status_code                     REL 
_pdbx_database_status.status_code_sf                  REL 
_pdbx_database_status.status_code_mr                  ? 
_pdbx_database_status.entry_id                        5OC8 
_pdbx_database_status.recvd_initial_deposition_date   2017-06-29 
_pdbx_database_status.SG_entry                        N 
_pdbx_database_status.deposit_site                    PDBE 
_pdbx_database_status.process_site                    PDBE 
_pdbx_database_status.status_code_cs                  ? 
_pdbx_database_status.methods_development_category    ? 
_pdbx_database_status.pdb_format_compatible           Y 
_pdbx_database_status.status_code_nmr_data            ? 
# 
_pdbx_database_related.db_name        PDB 
_pdbx_database_related.details        . 
_pdbx_database_related.db_id          5LN2 
_pdbx_database_related.content_type   unspecified 
# 
_audit_author.name               'Kallen, J.' 
_audit_author.pdbx_ordinal       1 
_audit_author.identifier_ORCID   0000-0002-9389-9056 
# 
_citation.abstract                  ? 
_citation.abstract_id_CAS           ? 
_citation.book_id_ISBN              ? 
_citation.book_publisher            ? 
_citation.book_publisher_city       ? 
_citation.book_title                ? 
_citation.coordinate_linkage        ? 
_citation.country                   US 
_citation.database_id_Medline       ? 
_citation.details                   ? 
_citation.id                        primary 
_citation.journal_abbrev            'Cancer Res.' 
_citation.journal_id_ASTM           CNREA8 
_citation.journal_id_CSD            0400 
_citation.journal_id_ISSN           1538-7445 
_citation.journal_full              ? 
_citation.journal_issue             ? 
_citation.journal_volume            78 
_citation.language                  ? 
_citation.page_first                6257 
_citation.page_last                 6267 
_citation.title                     
'Dose and Schedule Determine Distinct Molecular Mechanisms Underlying the Efficacy of the p53-MDM2 Inhibitor HDM201.' 
_citation.year                      2018 
_citation.database_id_CSD           ? 
_citation.pdbx_database_id_DOI      10.1158/0008-5472.CAN-18-0338 
_citation.pdbx_database_id_PubMed   30135191 
_citation.unpublished_flag          ? 
# 
loop_
_citation_author.citation_id 
_citation_author.name 
_citation_author.ordinal 
_citation_author.identifier_ORCID 
primary 'Jeay, S.'        1  ?                   
primary 'Ferretti, S.'    2  ?                   
primary 'Holzer, P.'      3  ?                   
primary 'Fuchs, J.'       4  ?                   
primary 'Chapeau, E.A.'   5  ?                   
primary 'Wartmann, M.'    6  ?                   
primary 'Sterker, D.'     7  ?                   
primary 'Romanet, V.'     8  ?                   
primary 'Murakami, M.'    9  ?                   
primary 'Kerr, G.'        10 ?                   
primary 'Durand, E.Y.'    11 ?                   
primary 'Gaulis, S.'      12 ?                   
primary 'Cortes-Cros, M.' 13 ?                   
primary 'Ruetz, S.'       14 ?                   
primary 'Stachyra, T.M.'  15 ?                   
primary 'Kallen, J.'      16 ?                   
primary 'Furet, P.'       17 ?                   
primary 'Wurthner, J.'    18 0000-0003-4838-435X 
primary 'Guerreiro, N.'   19 ?                   
primary 'Halilovic, E.'   20 ?                   
primary 'Jullion, A.'     21 ?                   
primary 'Kauffmann, A.'   22 ?                   
primary 'Kuriakose, E.'   23 ?                   
primary 'Wiesmann, M.'    24 ?                   
primary 'Jensen, M.R.'    25 ?                   
primary 'Hofmann, F.'     26 ?                   
primary 'Sellers, W.R.'   27 0000-0002-3539-9803 
# 
loop_
_entity.id 
_entity.type 
_entity.src_method 
_entity.pdbx_description 
_entity.formula_weight 
_entity.pdbx_number_of_molecules 
_entity.pdbx_ec 
_entity.pdbx_mutation 
_entity.pdbx_fragment 
_entity.details 
1 polymer     man 'E3 ubiquitin-protein ligase Mdm2' 11156.052 1  2.3.2.27 ? 'N-terminal domain, p53 binding domain' ? 
2 non-polymer syn 
;(4~{S})-5-(5-chloranyl-1-methyl-2-oxidanylidene-pyridin-3-yl)-4-(4-chlorophenyl)-2-(2,4-dimethoxypyrimidin-5-yl)-3-propan-2-yl-4~{H}-pyrrolo[3,4-d]imidazol-6-one
;
555.413   1  ?        ? ?                                       ? 
3 non-polymer syn 'CHLORIDE ION' 35.453    1  ?        ? ?                                       ? 
4 water       nat water 18.015    83 ?        ? ?                                       ? 
# 
_entity_name_com.entity_id   1 
_entity_name_com.name        
'Double minute 2 protein,Hdm2,Oncoprotein Mdm2,RING-type E3 ubiquitin transferase Mdm2,p53-binding protein Mdm2' 
# 
_entity_poly.entity_id                      1 
_entity_poly.type                           'polypeptide(L)' 
_entity_poly.nstd_linkage                   no 
_entity_poly.nstd_monomer                   no 
_entity_poly.pdbx_seq_one_letter_code       
;GSQIPASEQETLVRPKPLLLKLLKSVGAQKDTYTMKEVLFYLGQYIMTKRLYDEKQQHIVYCSNDLLGDLFGVPSFSVKE
HRKIYTMIYRNLVVVN
;
_entity_poly.pdbx_seq_one_letter_code_can   
;GSQIPASEQETLVRPKPLLLKLLKSVGAQKDTYTMKEVLFYLGQYIMTKRLYDEKQQHIVYCSNDLLGDLFGVPSFSVKE
HRKIYTMIYRNLVVVN
;
_entity_poly.pdbx_strand_id                 A 
_entity_poly.pdbx_target_identifier         ? 
# 
loop_
_pdbx_entity_nonpoly.entity_id 
_pdbx_entity_nonpoly.name 
_pdbx_entity_nonpoly.comp_id 
2 
;(4~{S})-5-(5-chloranyl-1-methyl-2-oxidanylidene-pyridin-3-yl)-4-(4-chlorophenyl)-2-(2,4-dimethoxypyrimidin-5-yl)-3-propan-2-yl-4~{H}-pyrrolo[3,4-d]imidazol-6-one
;
9QW 
3 'CHLORIDE ION' CL  
4 water HOH 
# 
loop_
_entity_poly_seq.entity_id 
_entity_poly_seq.num 
_entity_poly_seq.mon_id 
_entity_poly_seq.hetero 
1 1  GLY n 
1 2  SER n 
1 3  GLN n 
1 4  ILE n 
1 5  PRO n 
1 6  ALA n 
1 7  SER n 
1 8  GLU n 
1 9  GLN n 
1 10 GLU n 
1 11 THR n 
1 12 LEU n 
1 13 VAL n 
1 14 ARG n 
1 15 PRO n 
1 16 LYS n 
1 17 PRO n 
1 18 LEU n 
1 19 LEU n 
1 20 LEU n 
1 21 LYS n 
1 22 LEU n 
1 23 LEU n 
1 24 LYS n 
1 25 SER n 
1 26 VAL n 
1 27 GLY n 
1 28 ALA n 
1 29 GLN n 
1 30 LYS n 
1 31 ASP n 
1 32 THR n 
1 33 TYR n 
1 34 THR n 
1 35 MET n 
1 36 LYS n 
1 37 GLU n 
1 38 VAL n 
1 39 LEU n 
1 40 PHE n 
1 41 TYR n 
1 42 LEU n 
1 43 GLY n 
1 44 GLN n 
1 45 TYR n 
1 46 ILE n 
1 47 MET n 
1 48 THR n 
1 49 LYS n 
1 50 ARG n 
1 51 LEU n 
1 52 TYR n 
1 53 ASP n 
1 54 GLU n 
1 55 LYS n 
1 56 GLN n 
1 57 GLN n 
1 58 HIS n 
1 59 ILE n 
1 60 VAL n 
1 61 TYR n 
1 62 CYS n 
1 63 SER n 
1 64 ASN n 
1 65 ASP n 
1 66 LEU n 
1 67 LEU n 
1 68 GLY n 
1 69 ASP n 
1 70 LEU n 
1 71 PHE n 
1 72 GLY n 
1 73 VAL n 
1 74 PRO n 
1 75 SER n 
1 76 PHE n 
1 77 SER n 
1 78 VAL n 
1 79 LYS n 
1 80 GLU n 
1 81 HIS n 
1 82 ARG n 
1 83 LYS n 
1 84 ILE n 
1 85 TYR n 
1 86 THR n 
1 87 MET n 
1 88 ILE n 
1 89 TYR n 
1 90 ARG n 
1 91 ASN n 
1 92 LEU n 
1 93 VAL n 
1 94 VAL n 
1 95 VAL n 
1 96 ASN n 
# 
_entity_src_gen.entity_id                          1 
_entity_src_gen.pdbx_src_id                        1 
_entity_src_gen.pdbx_alt_source_flag               sample 
_entity_src_gen.pdbx_seq_type                      'Biological sequence' 
_entity_src_gen.pdbx_beg_seq_num                   1 
_entity_src_gen.pdbx_end_seq_num                   96 
_entity_src_gen.gene_src_common_name               Human 
_entity_src_gen.gene_src_genus                     ? 
_entity_src_gen.pdbx_gene_src_gene                 MDM2 
_entity_src_gen.gene_src_species                   ? 
_entity_src_gen.gene_src_strain                    ? 
_entity_src_gen.gene_src_tissue                    ? 
_entity_src_gen.gene_src_tissue_fraction           ? 
_entity_src_gen.gene_src_details                   ? 
_entity_src_gen.pdbx_gene_src_fragment             ? 
_entity_src_gen.pdbx_gene_src_scientific_name      'Homo sapiens' 
_entity_src_gen.pdbx_gene_src_ncbi_taxonomy_id     9606 
_entity_src_gen.pdbx_gene_src_variant              ? 
_entity_src_gen.pdbx_gene_src_cell_line            ? 
_entity_src_gen.pdbx_gene_src_atcc                 ? 
_entity_src_gen.pdbx_gene_src_organ                ? 
_entity_src_gen.pdbx_gene_src_organelle            ? 
_entity_src_gen.pdbx_gene_src_cell                 ? 
_entity_src_gen.pdbx_gene_src_cellular_location    ? 
_entity_src_gen.host_org_common_name               ? 
_entity_src_gen.pdbx_host_org_scientific_name      'Escherichia coli BL21' 
_entity_src_gen.pdbx_host_org_ncbi_taxonomy_id     511693 
_entity_src_gen.host_org_genus                     ? 
_entity_src_gen.pdbx_host_org_gene                 ? 
_entity_src_gen.pdbx_host_org_organ                ? 
_entity_src_gen.host_org_species                   ? 
_entity_src_gen.pdbx_host_org_tissue               ? 
_entity_src_gen.pdbx_host_org_tissue_fraction      ? 
_entity_src_gen.pdbx_host_org_strain               ? 
_entity_src_gen.pdbx_host_org_variant              ? 
_entity_src_gen.pdbx_host_org_cell_line            ? 
_entity_src_gen.pdbx_host_org_atcc                 ? 
_entity_src_gen.pdbx_host_org_culture_collection   ? 
_entity_src_gen.pdbx_host_org_cell                 ? 
_entity_src_gen.pdbx_host_org_organelle            ? 
_entity_src_gen.pdbx_host_org_cellular_location    ? 
_entity_src_gen.pdbx_host_org_vector_type          plasmid 
_entity_src_gen.pdbx_host_org_vector               ? 
_entity_src_gen.host_org_details                   ? 
_entity_src_gen.expression_system_id               ? 
_entity_src_gen.plasmid_name                       'pET28-derived vector' 
_entity_src_gen.plasmid_details                    ? 
_entity_src_gen.pdbx_description                   ? 
# 
loop_
_chem_comp.id 
_chem_comp.type 
_chem_comp.mon_nstd_flag 
_chem_comp.name 
_chem_comp.pdbx_synonyms 
_chem_comp.formula 
_chem_comp.formula_weight 
9QW non-polymer         . 
;(4~{S})-5-(5-chloranyl-1-methyl-2-oxidanylidene-pyridin-3-yl)-4-(4-chlorophenyl)-2-(2,4-dimethoxypyrimidin-5-yl)-3-propan-2-yl-4~{H}-pyrrolo[3,4-d]imidazol-6-one
;
? 'C26 H24 Cl2 N6 O4' 555.413 
ALA 'L-peptide linking' y ALANINE ? 'C3 H7 N O2'        89.093  
ARG 'L-peptide linking' y ARGININE ? 'C6 H15 N4 O2 1'    175.209 
ASN 'L-peptide linking' y ASPARAGINE ? 'C4 H8 N2 O3'       132.118 
ASP 'L-peptide linking' y 'ASPARTIC ACID' ? 'C4 H7 N O4'        133.103 
CL  non-polymer         . 'CHLORIDE ION' ? 'Cl -1'             35.453  
CYS 'L-peptide linking' y CYSTEINE ? 'C3 H7 N O2 S'      121.158 
GLN 'L-peptide linking' y GLUTAMINE ? 'C5 H10 N2 O3'      146.144 
GLU 'L-peptide linking' y 'GLUTAMIC ACID' ? 'C5 H9 N O4'        147.129 
GLY 'peptide linking'   y GLYCINE ? 'C2 H5 N O2'        75.067  
HIS 'L-peptide linking' y HISTIDINE ? 'C6 H10 N3 O2 1'    156.162 
HOH non-polymer         . WATER ? 'H2 O'              18.015  
ILE 'L-peptide linking' y ISOLEUCINE ? 'C6 H13 N O2'       131.173 
LEU 'L-peptide linking' y LEUCINE ? 'C6 H13 N O2'       131.173 
LYS 'L-peptide linking' y LYSINE ? 'C6 H15 N2 O2 1'    147.195 
MET 'L-peptide linking' y METHIONINE ? 'C5 H11 N O2 S'     149.211 
PHE 'L-peptide linking' y PHENYLALANINE ? 'C9 H11 N O2'       165.189 
PRO 'L-peptide linking' y PROLINE ? 'C5 H9 N O2'        115.130 
SER 'L-peptide linking' y SERINE ? 'C3 H7 N O3'        105.093 
THR 'L-peptide linking' y THREONINE ? 'C4 H9 N O3'        119.119 
TYR 'L-peptide linking' y TYROSINE ? 'C9 H11 N O3'       181.189 
VAL 'L-peptide linking' y VALINE ? 'C5 H11 N O2'       117.146 
# 
loop_
_pdbx_poly_seq_scheme.asym_id 
_pdbx_poly_seq_scheme.entity_id 
_pdbx_poly_seq_scheme.seq_id 
_pdbx_poly_seq_scheme.mon_id 
_pdbx_poly_seq_scheme.ndb_seq_num 
_pdbx_poly_seq_scheme.pdb_seq_num 
_pdbx_poly_seq_scheme.auth_seq_num 
_pdbx_poly_seq_scheme.pdb_mon_id 
_pdbx_poly_seq_scheme.auth_mon_id 
_pdbx_poly_seq_scheme.pdb_strand_id 
_pdbx_poly_seq_scheme.pdb_ins_code 
_pdbx_poly_seq_scheme.hetero 
A 1 1  GLY 1  16  ?   ?   ?   A . n 
A 1 2  SER 2  17  ?   ?   ?   A . n 
A 1 3  GLN 3  18  ?   ?   ?   A . n 
A 1 4  ILE 4  19  19  ILE ILE A . n 
A 1 5  PRO 5  20  20  PRO PRO A . n 
A 1 6  ALA 6  21  21  ALA ALA A . n 
A 1 7  SER 7  22  22  SER SER A . n 
A 1 8  GLU 8  23  23  GLU GLU A . n 
A 1 9  GLN 9  24  24  GLN GLN A . n 
A 1 10 GLU 10 25  25  GLU GLU A . n 
A 1 11 THR 11 26  26  THR THR A . n 
A 1 12 LEU 12 27  27  LEU LEU A . n 
A 1 13 VAL 13 28  28  VAL VAL A . n 
A 1 14 ARG 14 29  29  ARG ARG A . n 
A 1 15 PRO 15 30  30  PRO PRO A . n 
A 1 16 LYS 16 31  31  LYS LYS A . n 
A 1 17 PRO 17 32  32  PRO PRO A . n 
A 1 18 LEU 18 33  33  LEU LEU A . n 
A 1 19 LEU 19 34  34  LEU LEU A . n 
A 1 20 LEU 20 35  35  LEU LEU A . n 
A 1 21 LYS 21 36  36  LYS LYS A . n 
A 1 22 LEU 22 37  37  LEU LEU A . n 
A 1 23 LEU 23 38  38  LEU LEU A . n 
A 1 24 LYS 24 39  39  LYS LYS A . n 
A 1 25 SER 25 40  40  SER SER A . n 
A 1 26 VAL 26 41  41  VAL VAL A . n 
A 1 27 GLY 27 42  42  GLY GLY A . n 
A 1 28 ALA 28 43  43  ALA ALA A . n 
A 1 29 GLN 29 44  44  GLN GLN A . n 
A 1 30 LYS 30 45  45  LYS LYS A . n 
A 1 31 ASP 31 46  46  ASP ASP A . n 
A 1 32 THR 32 47  47  THR THR A . n 
A 1 33 TYR 33 48  48  TYR TYR A . n 
A 1 34 THR 34 49  49  THR THR A . n 
A 1 35 MET 35 50  50  MET MET A . n 
A 1 36 LYS 36 51  51  LYS LYS A . n 
A 1 37 GLU 37 52  52  GLU GLU A . n 
A 1 38 VAL 38 53  53  VAL VAL A . n 
A 1 39 LEU 39 54  54  LEU LEU A . n 
A 1 40 PHE 40 55  55  PHE PHE A . n 
A 1 41 TYR 41 56  56  TYR TYR A . n 
A 1 42 LEU 42 57  57  LEU LEU A . n 
A 1 43 GLY 43 58  58  GLY GLY A . n 
A 1 44 GLN 44 59  59  GLN GLN A . n 
A 1 45 TYR 45 60  60  TYR TYR A . n 
A 1 46 ILE 46 61  61  ILE ILE A . n 
A 1 47 MET 47 62  62  MET MET A . n 
A 1 48 THR 48 63  63  THR THR A . n 
A 1 49 LYS 49 64  64  LYS LYS A . n 
A 1 50 ARG 50 65  65  ARG ARG A . n 
A 1 51 LEU 51 66  66  LEU LEU A . n 
A 1 52 TYR 52 67  67  TYR TYR A . n 
A 1 53 ASP 53 68  68  ASP ASP A . n 
A 1 54 GLU 54 69  69  GLU GLU A . n 
A 1 55 LYS 55 70  70  LYS LYS A . n 
A 1 56 GLN 56 71  71  GLN GLN A . n 
A 1 57 GLN 57 72  72  GLN GLN A . n 
A 1 58 HIS 58 73  73  HIS HIS A . n 
A 1 59 ILE 59 74  74  ILE ILE A . n 
A 1 60 VAL 60 75  75  VAL VAL A . n 
A 1 61 TYR 61 76  76  TYR TYR A . n 
A 1 62 CYS 62 77  77  CYS CYS A . n 
A 1 63 SER 63 78  78  SER SER A . n 
A 1 64 ASN 64 79  79  ASN ASN A . n 
A 1 65 ASP 65 80  80  ASP ASP A . n 
A 1 66 LEU 66 81  81  LEU LEU A . n 
A 1 67 LEU 67 82  82  LEU LEU A . n 
A 1 68 GLY 68 83  83  GLY GLY A . n 
A 1 69 ASP 69 84  84  ASP ASP A . n 
A 1 70 LEU 70 85  85  LEU LEU A . n 
A 1 71 PHE 71 86  86  PHE PHE A . n 
A 1 72 GLY 72 87  87  GLY GLY A . n 
A 1 73 VAL 73 88  88  VAL VAL A . n 
A 1 74 PRO 74 89  89  PRO PRO A . n 
A 1 75 SER 75 90  90  SER SER A . n 
A 1 76 PHE 76 91  91  PHE PHE A . n 
A 1 77 SER 77 92  92  SER SER A . n 
A 1 78 VAL 78 93  93  VAL VAL A . n 
A 1 79 LYS 79 94  94  LYS LYS A . n 
A 1 80 GLU 80 95  95  GLU GLU A . n 
A 1 81 HIS 81 96  96  HIS HIS A . n 
A 1 82 ARG 82 97  97  ARG ARG A . n 
A 1 83 LYS 83 98  98  LYS LYS A . n 
A 1 84 ILE 84 99  99  ILE ILE A . n 
A 1 85 TYR 85 100 100 TYR TYR A . n 
A 1 86 THR 86 101 101 THR THR A . n 
A 1 87 MET 87 102 102 MET MET A . n 
A 1 88 ILE 88 103 103 ILE ILE A . n 
A 1 89 TYR 89 104 104 TYR TYR A . n 
A 1 90 ARG 90 105 105 ARG ARG A . n 
A 1 91 ASN 91 106 106 ASN ASN A . n 
A 1 92 LEU 92 107 107 LEU LEU A . n 
A 1 93 VAL 93 108 108 VAL VAL A . n 
A 1 94 VAL 94 109 109 VAL VAL A . n 
A 1 95 VAL 95 110 110 VAL VAL A . n 
A 1 96 ASN 96 111 111 ASN ASN A . n 
# 
loop_
_pdbx_nonpoly_scheme.asym_id 
_pdbx_nonpoly_scheme.entity_id 
_pdbx_nonpoly_scheme.mon_id 
_pdbx_nonpoly_scheme.ndb_seq_num 
_pdbx_nonpoly_scheme.pdb_seq_num 
_pdbx_nonpoly_scheme.auth_seq_num 
_pdbx_nonpoly_scheme.pdb_mon_id 
_pdbx_nonpoly_scheme.auth_mon_id 
_pdbx_nonpoly_scheme.pdb_strand_id 
_pdbx_nonpoly_scheme.pdb_ins_code 
B 2 9QW 1  201 1  9QW LI1 A . 
C 3 CL  1  202 1  CL  CL  A . 
D 4 HOH 1  301 38 HOH HOH A . 
D 4 HOH 2  302 23 HOH HOH A . 
D 4 HOH 3  303 45 HOH HOH A . 
D 4 HOH 4  304 14 HOH HOH A . 
D 4 HOH 5  305 54 HOH HOH A . 
D 4 HOH 6  306 72 HOH HOH A . 
D 4 HOH 7  307 12 HOH HOH A . 
D 4 HOH 8  308 75 HOH HOH A . 
D 4 HOH 9  309 65 HOH HOH A . 
D 4 HOH 10 310 73 HOH HOH A . 
D 4 HOH 11 311 43 HOH HOH A . 
D 4 HOH 12 312 53 HOH HOH A . 
D 4 HOH 13 313 49 HOH HOH A . 
D 4 HOH 14 314 22 HOH HOH A . 
D 4 HOH 15 315 34 HOH HOH A . 
D 4 HOH 16 316 76 HOH HOH A . 
D 4 HOH 17 317 16 HOH HOH A . 
D 4 HOH 18 318 9  HOH HOH A . 
D 4 HOH 19 319 25 HOH HOH A . 
D 4 HOH 20 320 11 HOH HOH A . 
D 4 HOH 21 321 19 HOH HOH A . 
D 4 HOH 22 322 13 HOH HOH A . 
D 4 HOH 23 323 40 HOH HOH A . 
D 4 HOH 24 324 4  HOH HOH A . 
D 4 HOH 25 325 2  HOH HOH A . 
D 4 HOH 26 326 8  HOH HOH A . 
D 4 HOH 27 327 5  HOH HOH A . 
D 4 HOH 28 328 80 HOH HOH A . 
D 4 HOH 29 329 7  HOH HOH A . 
D 4 HOH 30 330 1  HOH HOH A . 
D 4 HOH 31 331 51 HOH HOH A . 
D 4 HOH 32 332 31 HOH HOH A . 
D 4 HOH 33 333 32 HOH HOH A . 
D 4 HOH 34 334 6  HOH HOH A . 
D 4 HOH 35 335 3  HOH HOH A . 
D 4 HOH 36 336 26 HOH HOH A . 
D 4 HOH 37 337 47 HOH HOH A . 
D 4 HOH 38 338 18 HOH HOH A . 
D 4 HOH 39 339 63 HOH HOH A . 
D 4 HOH 40 340 68 HOH HOH A . 
D 4 HOH 41 341 20 HOH HOH A . 
D 4 HOH 42 342 35 HOH HOH A . 
D 4 HOH 43 343 17 HOH HOH A . 
D 4 HOH 44 344 10 HOH HOH A . 
D 4 HOH 45 345 36 HOH HOH A . 
D 4 HOH 46 346 28 HOH HOH A . 
D 4 HOH 47 347 61 HOH HOH A . 
D 4 HOH 48 348 50 HOH HOH A . 
D 4 HOH 49 349 39 HOH HOH A . 
D 4 HOH 50 350 57 HOH HOH A . 
D 4 HOH 51 351 79 HOH HOH A . 
D 4 HOH 52 352 71 HOH HOH A . 
D 4 HOH 53 353 15 HOH HOH A . 
D 4 HOH 54 354 77 HOH HOH A . 
D 4 HOH 55 355 83 HOH HOH A . 
D 4 HOH 56 356 69 HOH HOH A . 
D 4 HOH 57 357 70 HOH HOH A . 
D 4 HOH 58 358 21 HOH HOH A . 
D 4 HOH 59 359 59 HOH HOH A . 
D 4 HOH 60 360 82 HOH HOH A . 
D 4 HOH 61 361 24 HOH HOH A . 
D 4 HOH 62 362 41 HOH HOH A . 
D 4 HOH 63 363 46 HOH HOH A . 
D 4 HOH 64 364 27 HOH HOH A . 
D 4 HOH 65 365 42 HOH HOH A . 
D 4 HOH 66 366 62 HOH HOH A . 
D 4 HOH 67 367 78 HOH HOH A . 
D 4 HOH 68 368 58 HOH HOH A . 
D 4 HOH 69 369 55 HOH HOH A . 
D 4 HOH 70 370 33 HOH HOH A . 
D 4 HOH 71 371 81 HOH HOH A . 
D 4 HOH 72 372 52 HOH HOH A . 
D 4 HOH 73 373 60 HOH HOH A . 
D 4 HOH 74 374 67 HOH HOH A . 
D 4 HOH 75 375 74 HOH HOH A . 
D 4 HOH 76 376 48 HOH HOH A . 
D 4 HOH 77 377 64 HOH HOH A . 
D 4 HOH 78 378 30 HOH HOH A . 
D 4 HOH 79 379 66 HOH HOH A . 
D 4 HOH 80 380 56 HOH HOH A . 
D 4 HOH 81 381 44 HOH HOH A . 
D 4 HOH 82 382 37 HOH HOH A . 
D 4 HOH 83 383 29 HOH HOH A . 
# 
loop_
_software.citation_id 
_software.classification 
_software.compiler_name 
_software.compiler_version 
_software.contact_author 
_software.contact_author_email 
_software.date 
_software.description 
_software.dependencies 
_software.hardware 
_software.language 
_software.location 
_software.mods 
_software.name 
_software.os 
_software.os_version 
_software.type 
_software.version 
_software.pdbx_ordinal 
? 'data scaling'    ? ? ? ? ? ? ? ? ? ? ? XSCALE      ? ? ? .        1 
? phasing           ? ? ? ? ? ? ? ? ? ? ? PHASER      ? ? ? .        2 
? refinement        ? ? ? ? ? ? ? ? ? ? ? REFMAC      ? ? ? 5.5.0063 3 
? 'data extraction' ? ? ? ? ? ? ? ? ? ? ? PDB_EXTRACT ? ? ? 3.22     4 
? 'data reduction'  ? ? ? ? ? ? ? ? ? ? ? XDS         ? ? ? .        5 
# 
_cell.angle_alpha                  90.000 
_cell.angle_alpha_esd              ? 
_cell.angle_beta                   90.000 
_cell.angle_beta_esd               ? 
_cell.angle_gamma                  120.000 
_cell.angle_gamma_esd              ? 
_cell.entry_id                     5OC8 
_cell.details                      ? 
_cell.formula_units_Z              ? 
_cell.length_a                     56.406 
_cell.length_a_esd                 ? 
_cell.length_b                     56.406 
_cell.length_b_esd                 ? 
_cell.length_c                     104.913 
_cell.length_c_esd                 ? 
_cell.volume                       ? 
_cell.volume_esd                   ? 
_cell.Z_PDB                        12 
_cell.reciprocal_angle_alpha       ? 
_cell.reciprocal_angle_beta        ? 
_cell.reciprocal_angle_gamma       ? 
_cell.reciprocal_angle_alpha_esd   ? 
_cell.reciprocal_angle_beta_esd    ? 
_cell.reciprocal_angle_gamma_esd   ? 
_cell.reciprocal_length_a          ? 
_cell.reciprocal_length_b          ? 
_cell.reciprocal_length_c          ? 
_cell.reciprocal_length_a_esd      ? 
_cell.reciprocal_length_b_esd      ? 
_cell.reciprocal_length_c_esd      ? 
_cell.pdbx_unique_axis             ? 
# 
_symmetry.entry_id                         5OC8 
_symmetry.cell_setting                     ? 
_symmetry.Int_Tables_number                178 
_symmetry.space_group_name_Hall            ? 
_symmetry.space_group_name_H-M             'P 61 2 2' 
_symmetry.pdbx_full_space_group_name_H-M   ? 
# 
_exptl.absorpt_coefficient_mu     ? 
_exptl.absorpt_correction_T_max   ? 
_exptl.absorpt_correction_T_min   ? 
_exptl.absorpt_correction_type    ? 
_exptl.absorpt_process_details    ? 
_exptl.entry_id                   5OC8 
_exptl.crystals_number            1 
_exptl.details                    ? 
_exptl.method                     'X-RAY DIFFRACTION' 
_exptl.method_details             ? 
# 
_exptl_crystal.colour                      ? 
_exptl_crystal.density_diffrn              ? 
_exptl_crystal.density_Matthews            2.16 
_exptl_crystal.density_method              ? 
_exptl_crystal.density_percent_sol         43.04 
_exptl_crystal.description                 ? 
_exptl_crystal.F_000                       ? 
_exptl_crystal.id                          1 
_exptl_crystal.preparation                 ? 
_exptl_crystal.size_max                    ? 
_exptl_crystal.size_mid                    ? 
_exptl_crystal.size_min                    ? 
_exptl_crystal.size_rad                    ? 
_exptl_crystal.colour_lustre               ? 
_exptl_crystal.colour_modifier             ? 
_exptl_crystal.colour_primary              ? 
_exptl_crystal.density_meas                ? 
_exptl_crystal.density_meas_esd            ? 
_exptl_crystal.density_meas_gt             ? 
_exptl_crystal.density_meas_lt             ? 
_exptl_crystal.density_meas_temp           ? 
_exptl_crystal.density_meas_temp_esd       ? 
_exptl_crystal.density_meas_temp_gt        ? 
_exptl_crystal.density_meas_temp_lt        ? 
_exptl_crystal.pdbx_crystal_image_url      ? 
_exptl_crystal.pdbx_crystal_image_format   ? 
_exptl_crystal.pdbx_mosaicity              ? 
_exptl_crystal.pdbx_mosaicity_esd          ? 
# 
_exptl_crystal_grow.apparatus       ? 
_exptl_crystal_grow.atmosphere      ? 
_exptl_crystal_grow.crystal_id      1 
_exptl_crystal_grow.details         ? 
_exptl_crystal_grow.method          'VAPOR DIFFUSION, HANGING DROP' 
_exptl_crystal_grow.method_ref      ? 
_exptl_crystal_grow.pH              5.0 
_exptl_crystal_grow.pressure        ? 
_exptl_crystal_grow.pressure_esd    ? 
_exptl_crystal_grow.seeding         ? 
_exptl_crystal_grow.seeding_ref     ? 
_exptl_crystal_grow.temp            298 
_exptl_crystal_grow.temp_details    ? 
_exptl_crystal_grow.temp_esd        ? 
_exptl_crystal_grow.time            ? 
_exptl_crystal_grow.pdbx_details    '3M AmSO4, 0.1M citrate' 
_exptl_crystal_grow.pdbx_pH_range   ? 
# 
_diffrn.ambient_environment    ? 
_diffrn.ambient_temp           100 
_diffrn.ambient_temp_details   ? 
_diffrn.ambient_temp_esd       ? 
_diffrn.crystal_id             1 
_diffrn.crystal_support        ? 
_diffrn.crystal_treatment      ? 
_diffrn.details                ? 
_diffrn.id                     1 
_diffrn.ambient_pressure       ? 
_diffrn.ambient_pressure_esd   ? 
_diffrn.ambient_pressure_gt    ? 
_diffrn.ambient_pressure_lt    ? 
_diffrn.ambient_temp_gt        ? 
_diffrn.ambient_temp_lt        ? 
# 
_diffrn_detector.details                      ? 
_diffrn_detector.detector                     PIXEL 
_diffrn_detector.diffrn_id                    1 
_diffrn_detector.type                         'PSI PILATUS 6M' 
_diffrn_detector.area_resol_mean              ? 
_diffrn_detector.dtime                        ? 
_diffrn_detector.pdbx_frames_total            ? 
_diffrn_detector.pdbx_collection_time_total   ? 
_diffrn_detector.pdbx_collection_date         2012-01-26 
# 
_diffrn_radiation.collimation                      ? 
_diffrn_radiation.diffrn_id                        1 
_diffrn_radiation.filter_edge                      ? 
_diffrn_radiation.inhomogeneity                    ? 
_diffrn_radiation.monochromator                    'SI 111 channel' 
_diffrn_radiation.polarisn_norm                    ? 
_diffrn_radiation.polarisn_ratio                   ? 
_diffrn_radiation.probe                            ? 
_diffrn_radiation.type                             ? 
_diffrn_radiation.xray_symbol                      ? 
_diffrn_radiation.wavelength_id                    1 
_diffrn_radiation.pdbx_monochromatic_or_laue_m_l   M 
_diffrn_radiation.pdbx_wavelength_list             ? 
_diffrn_radiation.pdbx_wavelength                  ? 
_diffrn_radiation.pdbx_diffrn_protocol             'SINGLE WAVELENGTH' 
_diffrn_radiation.pdbx_analyzer                    ? 
_diffrn_radiation.pdbx_scattering_type             x-ray 
# 
_diffrn_radiation_wavelength.id           1 
_diffrn_radiation_wavelength.wavelength   0.99986 
_diffrn_radiation_wavelength.wt           1.0 
# 
_diffrn_source.current                     ? 
_diffrn_source.details                     ? 
_diffrn_source.diffrn_id                   1 
_diffrn_source.power                       ? 
_diffrn_source.size                        ? 
_diffrn_source.source                      SYNCHROTRON 
_diffrn_source.target                      ? 
_diffrn_source.type                        'SLS BEAMLINE X10SA' 
_diffrn_source.voltage                     ? 
_diffrn_source.take-off_angle              ? 
_diffrn_source.pdbx_wavelength_list        0.99986 
_diffrn_source.pdbx_wavelength             ? 
_diffrn_source.pdbx_synchrotron_beamline   X10SA 
_diffrn_source.pdbx_synchrotron_site       SLS 
# 
_reflns.B_iso_Wilson_estimate            29.000 
_reflns.entry_id                         5OC8 
_reflns.data_reduction_details           ? 
_reflns.data_reduction_method            ? 
_reflns.d_resolution_high                1.560 
_reflns.d_resolution_low                 19.210 
_reflns.details                          ? 
_reflns.limit_h_max                      ? 
_reflns.limit_h_min                      ? 
_reflns.limit_k_max                      ? 
_reflns.limit_k_min                      ? 
_reflns.limit_l_max                      ? 
_reflns.limit_l_min                      ? 
_reflns.number_all                       ? 
_reflns.number_obs                       14706 
_reflns.observed_criterion               ? 
_reflns.observed_criterion_F_max         ? 
_reflns.observed_criterion_F_min         ? 
_reflns.observed_criterion_I_max         ? 
_reflns.observed_criterion_I_min         ? 
_reflns.observed_criterion_sigma_F       ? 
_reflns.observed_criterion_sigma_I       -3.000 
_reflns.percent_possible_obs             99.900 
_reflns.R_free_details                   ? 
_reflns.Rmerge_F_all                     ? 
_reflns.Rmerge_F_obs                     ? 
_reflns.Friedel_coverage                 ? 
_reflns.number_gt                        ? 
_reflns.threshold_expression             ? 
_reflns.pdbx_redundancy                  18.400 
_reflns.pdbx_Rmerge_I_obs                0.055 
_reflns.pdbx_Rmerge_I_all                ? 
_reflns.pdbx_Rsym_value                  ? 
_reflns.pdbx_netI_over_av_sigmaI         ? 
_reflns.pdbx_netI_over_sigmaI            31.600 
_reflns.pdbx_res_netI_over_av_sigmaI_2   ? 
_reflns.pdbx_res_netI_over_sigmaI_2      ? 
_reflns.pdbx_chi_squared                 ? 
_reflns.pdbx_scaling_rejects             ? 
_reflns.pdbx_d_res_high_opt              ? 
_reflns.pdbx_d_res_low_opt               ? 
_reflns.pdbx_d_res_opt_method            ? 
_reflns.phase_calculation_details        ? 
_reflns.pdbx_Rrim_I_all                  0.057 
_reflns.pdbx_Rpim_I_all                  0.054 
_reflns.pdbx_d_opt                       ? 
_reflns.pdbx_number_measured_all         ? 
_reflns.pdbx_diffrn_id                   1 
_reflns.pdbx_ordinal                     1 
_reflns.pdbx_CC_half                     ? 
_reflns.pdbx_R_split                     ? 
# 
_reflns_shell.d_res_high                  1.560 
_reflns_shell.d_res_low                   19.210 
_reflns_shell.meanI_over_sigI_all         ? 
_reflns_shell.meanI_over_sigI_obs         4.000 
_reflns_shell.number_measured_all         ? 
_reflns_shell.number_measured_obs         ? 
_reflns_shell.number_possible             ? 
_reflns_shell.number_unique_all           ? 
_reflns_shell.number_unique_obs           ? 
_reflns_shell.percent_possible_all        100.000 
_reflns_shell.percent_possible_obs        ? 
_reflns_shell.Rmerge_F_all                ? 
_reflns_shell.Rmerge_F_obs                ? 
_reflns_shell.Rmerge_I_all                ? 
_reflns_shell.Rmerge_I_obs                0.833 
_reflns_shell.meanI_over_sigI_gt          ? 
_reflns_shell.meanI_over_uI_all           ? 
_reflns_shell.meanI_over_uI_gt            ? 
_reflns_shell.number_measured_gt          ? 
_reflns_shell.number_unique_gt            ? 
_reflns_shell.percent_possible_gt         ? 
_reflns_shell.Rmerge_F_gt                 ? 
_reflns_shell.Rmerge_I_gt                 ? 
_reflns_shell.pdbx_redundancy             18.100 
_reflns_shell.pdbx_Rsym_value             ? 
_reflns_shell.pdbx_chi_squared            ? 
_reflns_shell.pdbx_netI_over_sigmaI_all   ? 
_reflns_shell.pdbx_netI_over_sigmaI_obs   ? 
_reflns_shell.pdbx_Rrim_I_all             0.858 
_reflns_shell.pdbx_Rpim_I_all             0.422 
_reflns_shell.pdbx_rejects                ? 
_reflns_shell.pdbx_ordinal                1 
_reflns_shell.pdbx_diffrn_id              1 
_reflns_shell.pdbx_CC_half                ? 
_reflns_shell.pdbx_R_split                ? 
# 
_refine.aniso_B[1][1]                            -0.0200 
_refine.aniso_B[1][2]                            -0.0100 
_refine.aniso_B[1][3]                            0.0000 
_refine.aniso_B[2][2]                            -0.0200 
_refine.aniso_B[2][3]                            0.0000 
_refine.aniso_B[3][3]                            0.0300 
_refine.B_iso_max                                58.490 
_refine.B_iso_mean                               24.0690 
_refine.B_iso_min                                11.000 
_refine.correlation_coeff_Fo_to_Fc               0.9460 
_refine.correlation_coeff_Fo_to_Fc_free          0.9410 
_refine.details                                  
'HYDROGENS HAVE BEEN ADDED IN THE RIDING POSITIONS U VALUES      : REFINED INDIVIDUALLY' 
_refine.diff_density_max                         ? 
_refine.diff_density_max_esd                     ? 
_refine.diff_density_min                         ? 
_refine.diff_density_min_esd                     ? 
_refine.diff_density_rms                         ? 
_refine.diff_density_rms_esd                     ? 
_refine.entry_id                                 5OC8 
_refine.pdbx_refine_id                           'X-RAY DIFFRACTION' 
_refine.ls_abs_structure_details                 ? 
_refine.ls_abs_structure_Flack                   ? 
_refine.ls_abs_structure_Flack_esd               ? 
_refine.ls_abs_structure_Rogers                  ? 
_refine.ls_abs_structure_Rogers_esd              ? 
_refine.ls_d_res_high                            1.5600 
_refine.ls_d_res_low                             19.2100 
_refine.ls_extinction_coef                       ? 
_refine.ls_extinction_coef_esd                   ? 
_refine.ls_extinction_expression                 ? 
_refine.ls_extinction_method                     ? 
_refine.ls_goodness_of_fit_all                   ? 
_refine.ls_goodness_of_fit_all_esd               ? 
_refine.ls_goodness_of_fit_obs                   ? 
_refine.ls_goodness_of_fit_obs_esd               ? 
_refine.ls_hydrogen_treatment                    ? 
_refine.ls_matrix_type                           ? 
_refine.ls_number_constraints                    ? 
_refine.ls_number_parameters                     ? 
_refine.ls_number_reflns_all                     ? 
_refine.ls_number_reflns_obs                     13970 
_refine.ls_number_reflns_R_free                  736 
_refine.ls_number_reflns_R_work                  ? 
_refine.ls_number_restraints                     ? 
_refine.ls_percent_reflns_obs                    99.9600 
_refine.ls_percent_reflns_R_free                 5.0000 
_refine.ls_R_factor_all                          ? 
_refine.ls_R_factor_obs                          0.2382 
_refine.ls_R_factor_R_free                       0.2603 
_refine.ls_R_factor_R_free_error                 ? 
_refine.ls_R_factor_R_free_error_details         ? 
_refine.ls_R_factor_R_work                       0.2370 
_refine.ls_R_Fsqd_factor_obs                     ? 
_refine.ls_R_I_factor_obs                        ? 
_refine.ls_redundancy_reflns_all                 ? 
_refine.ls_redundancy_reflns_obs                 ? 
_refine.ls_restrained_S_all                      ? 
_refine.ls_restrained_S_obs                      ? 
_refine.ls_shift_over_esd_max                    ? 
_refine.ls_shift_over_esd_mean                   ? 
_refine.ls_structure_factor_coef                 ? 
_refine.ls_weighting_details                     ? 
_refine.ls_weighting_scheme                      ? 
_refine.ls_wR_factor_all                         ? 
_refine.ls_wR_factor_obs                         ? 
_refine.ls_wR_factor_R_free                      ? 
_refine.ls_wR_factor_R_work                      ? 
_refine.occupancy_max                            ? 
_refine.occupancy_min                            ? 
_refine.solvent_model_details                    ? 
_refine.solvent_model_param_bsol                 ? 
_refine.solvent_model_param_ksol                 ? 
_refine.ls_R_factor_gt                           ? 
_refine.ls_goodness_of_fit_gt                    ? 
_refine.ls_goodness_of_fit_ref                   ? 
_refine.ls_shift_over_su_max                     ? 
_refine.ls_shift_over_su_max_lt                  ? 
_refine.ls_shift_over_su_mean                    ? 
_refine.ls_shift_over_su_mean_lt                 ? 
_refine.pdbx_ls_sigma_I                          ? 
_refine.pdbx_ls_sigma_F                          0.000 
_refine.pdbx_ls_sigma_Fsqd                       ? 
_refine.pdbx_data_cutoff_high_absF               ? 
_refine.pdbx_data_cutoff_high_rms_absF           ? 
_refine.pdbx_data_cutoff_low_absF                ? 
_refine.pdbx_isotropic_thermal_model             ? 
_refine.pdbx_ls_cross_valid_method               THROUGHOUT 
_refine.pdbx_method_to_determine_struct          'MOLECULAR REPLACEMENT' 
_refine.pdbx_starting_model                      5LN2 
_refine.pdbx_stereochemistry_target_values       ? 
_refine.pdbx_R_Free_selection_details            RANDOM 
_refine.pdbx_stereochem_target_val_spec_case     ? 
_refine.pdbx_overall_ESU_R                       0.1120 
_refine.pdbx_overall_ESU_R_Free                  0.1050 
_refine.pdbx_solvent_vdw_probe_radii             1.2000 
_refine.pdbx_solvent_ion_probe_radii             0.8000 
_refine.pdbx_solvent_shrinkage_radii             0.8000 
_refine.pdbx_real_space_R                        ? 
_refine.pdbx_density_correlation                 ? 
_refine.pdbx_pd_number_of_powder_patterns        ? 
_refine.pdbx_pd_number_of_points                 ? 
_refine.pdbx_pd_meas_number_of_points            ? 
_refine.pdbx_pd_proc_ls_prof_R_factor            ? 
_refine.pdbx_pd_proc_ls_prof_wR_factor           ? 
_refine.pdbx_pd_Marquardt_correlation_coeff      ? 
_refine.pdbx_pd_Fsqrd_R_factor                   ? 
_refine.pdbx_pd_ls_matrix_band_width             ? 
_refine.pdbx_overall_phase_error                 ? 
_refine.pdbx_overall_SU_R_free_Cruickshank_DPI   ? 
_refine.pdbx_overall_SU_R_free_Blow_DPI          ? 
_refine.pdbx_overall_SU_R_Blow_DPI               ? 
_refine.pdbx_TLS_residual_ADP_flag               ? 
_refine.pdbx_diffrn_id                           1 
_refine.overall_SU_B                             2.1770 
_refine.overall_SU_ML                            0.0790 
_refine.overall_SU_R_Cruickshank_DPI             0.1117 
_refine.overall_SU_R_free                        ? 
_refine.overall_FOM_free_R_set                   ? 
_refine.overall_FOM_work_R_set                   ? 
_refine.pdbx_average_fsc_overall                 ? 
_refine.pdbx_average_fsc_work                    ? 
_refine.pdbx_average_fsc_free                    ? 
# 
_refine_hist.cycle_id                         final 
_refine_hist.pdbx_refine_id                   'X-RAY DIFFRACTION' 
_refine_hist.d_res_high                       1.5600 
_refine_hist.d_res_low                        19.2100 
_refine_hist.pdbx_number_atoms_ligand         39 
_refine_hist.number_atoms_solvent             83 
_refine_hist.number_atoms_total               886 
_refine_hist.pdbx_number_residues_total       93 
_refine_hist.pdbx_B_iso_mean_ligand           21.19 
_refine_hist.pdbx_B_iso_mean_solvent          37.74 
_refine_hist.pdbx_number_atoms_protein        764 
_refine_hist.pdbx_number_atoms_nucleic_acid   0 
# 
loop_
_refine_ls_restr.pdbx_refine_id 
_refine_ls_restr.criterion 
_refine_ls_restr.dev_ideal 
_refine_ls_restr.dev_ideal_target 
_refine_ls_restr.number 
_refine_ls_restr.rejects 
_refine_ls_restr.type 
_refine_ls_restr.weight 
_refine_ls_restr.pdbx_restraint_function 
'X-RAY DIFFRACTION' ? 0.008  0.022  851  ? r_bond_refined_d       ? ? 
'X-RAY DIFFRACTION' ? 1.220  2.058  1164 ? r_angle_refined_deg    ? ? 
'X-RAY DIFFRACTION' ? 4.781  5.000  102  ? r_dihedral_angle_1_deg ? ? 
'X-RAY DIFFRACTION' ? 44.881 24.118 34   ? r_dihedral_angle_2_deg ? ? 
'X-RAY DIFFRACTION' ? 13.474 15.000 161  ? r_dihedral_angle_3_deg ? ? 
'X-RAY DIFFRACTION' ? 8.445  15.000 4    ? r_dihedral_angle_4_deg ? ? 
'X-RAY DIFFRACTION' ? 0.085  0.200  132  ? r_chiral_restr         ? ? 
'X-RAY DIFFRACTION' ? 0.007  0.021  630  ? r_gen_planes_refined   ? ? 
# 
_refine_ls_shell.pdbx_refine_id                   'X-RAY DIFFRACTION' 
_refine_ls_shell.d_res_high                       1.5600 
_refine_ls_shell.d_res_low                        1.6000 
_refine_ls_shell.number_reflns_all                1049 
_refine_ls_shell.number_reflns_obs                ? 
_refine_ls_shell.number_reflns_R_free             53 
_refine_ls_shell.number_reflns_R_work             996 
_refine_ls_shell.percent_reflns_obs               100.0000 
_refine_ls_shell.percent_reflns_R_free            ? 
_refine_ls_shell.R_factor_all                     ? 
_refine_ls_shell.R_factor_obs                     ? 
_refine_ls_shell.R_factor_R_free                  0.3050 
_refine_ls_shell.R_factor_R_free_error            0.0000 
_refine_ls_shell.R_factor_R_work                  0.3160 
_refine_ls_shell.redundancy_reflns_all            ? 
_refine_ls_shell.redundancy_reflns_obs            ? 
_refine_ls_shell.wR_factor_all                    ? 
_refine_ls_shell.wR_factor_obs                    ? 
_refine_ls_shell.wR_factor_R_free                 ? 
_refine_ls_shell.wR_factor_R_work                 ? 
_refine_ls_shell.pdbx_total_number_of_bins_used   20 
_refine_ls_shell.pdbx_phase_error                 ? 
_refine_ls_shell.pdbx_fsc_work                    ? 
_refine_ls_shell.pdbx_fsc_free                    ? 
# 
_struct.entry_id                     5OC8 
_struct.title                        'HDM2 (17-111, WILD TYPE) COMPLEXED WITH NVP-HDM201 AT 1.56A' 
_struct.pdbx_model_details           ? 
_struct.pdbx_formula_weight          ? 
_struct.pdbx_formula_weight_method   ? 
_struct.pdbx_model_type_details      ? 
_struct.pdbx_CASP_flag               N 
# 
_struct_keywords.entry_id        5OC8 
_struct_keywords.text            'PPI WITH P53, INHIBITOR COMPLEX, CELL CYCLE, LIGASE' 
_struct_keywords.pdbx_keywords   LIGASE 
# 
loop_
_struct_asym.id 
_struct_asym.pdbx_blank_PDB_chainid_flag 
_struct_asym.pdbx_modified 
_struct_asym.entity_id 
_struct_asym.details 
A N N 1 ? 
B N N 2 ? 
C N N 3 ? 
D N N 4 ? 
# 
_struct_ref.id                         1 
_struct_ref.db_name                    UNP 
_struct_ref.db_code                    MDM2_HUMAN 
_struct_ref.pdbx_db_accession          Q00987 
_struct_ref.pdbx_db_isoform            Q00987-11 
_struct_ref.entity_id                  1 
_struct_ref.pdbx_seq_one_letter_code   
;SQIPASEQETLVRPKPLLLKLLKSVGAQKDTYTMKEVLFYLGQYIMTKRLYDEKQQHIVYCSNDLLGDLFGVPSFSVKEH
RKIYTMIYRNLVVVN
;
_struct_ref.pdbx_align_begin           23 
# 
_struct_ref_seq.align_id                      1 
_struct_ref_seq.ref_id                        1 
_struct_ref_seq.pdbx_PDB_id_code              5OC8 
_struct_ref_seq.pdbx_strand_id                A 
_struct_ref_seq.seq_align_beg                 2 
_struct_ref_seq.pdbx_seq_align_beg_ins_code   ? 
_struct_ref_seq.seq_align_end                 96 
_struct_ref_seq.pdbx_seq_align_end_ins_code   ? 
_struct_ref_seq.pdbx_db_accession             Q00987 
_struct_ref_seq.db_align_beg                  23 
_struct_ref_seq.pdbx_db_align_beg_ins_code    ? 
_struct_ref_seq.db_align_end                  117 
_struct_ref_seq.pdbx_db_align_end_ins_code    ? 
_struct_ref_seq.pdbx_auth_seq_align_beg       17 
_struct_ref_seq.pdbx_auth_seq_align_end       111 
# 
_struct_ref_seq_dif.align_id                     1 
_struct_ref_seq_dif.pdbx_pdb_id_code             5OC8 
_struct_ref_seq_dif.mon_id                       GLY 
_struct_ref_seq_dif.pdbx_pdb_strand_id           A 
_struct_ref_seq_dif.seq_num                      1 
_struct_ref_seq_dif.pdbx_pdb_ins_code            ? 
_struct_ref_seq_dif.pdbx_seq_db_name             UNP 
_struct_ref_seq_dif.pdbx_seq_db_accession_code   Q00987 
_struct_ref_seq_dif.db_mon_id                    ? 
_struct_ref_seq_dif.pdbx_seq_db_seq_num          ? 
_struct_ref_seq_dif.details                      'expression tag' 
_struct_ref_seq_dif.pdbx_auth_seq_num            16 
_struct_ref_seq_dif.pdbx_ordinal                 1 
# 
_pdbx_struct_assembly.id                   1 
_pdbx_struct_assembly.details              software_defined_assembly 
_pdbx_struct_assembly.method_details       PISA 
_pdbx_struct_assembly.oligomeric_details   monomeric 
_pdbx_struct_assembly.oligomeric_count     1 
# 
loop_
_pdbx_struct_assembly_prop.biol_id 
_pdbx_struct_assembly_prop.type 
_pdbx_struct_assembly_prop.value 
_pdbx_struct_assembly_prop.details 
1 'ABSA (A^2)' 110  ? 
1 MORE         -7   ? 
1 'SSA (A^2)'  5800 ? 
# 
_pdbx_struct_assembly_gen.assembly_id       1 
_pdbx_struct_assembly_gen.oper_expression   1 
_pdbx_struct_assembly_gen.asym_id_list      A,B,C,D 
# 
_pdbx_struct_assembly_auth_evidence.id                     1 
_pdbx_struct_assembly_auth_evidence.assembly_id            1 
_pdbx_struct_assembly_auth_evidence.experimental_support   none 
_pdbx_struct_assembly_auth_evidence.details                ? 
# 
_pdbx_struct_oper_list.id                   1 
_pdbx_struct_oper_list.type                 'identity operation' 
_pdbx_struct_oper_list.name                 1_555 
_pdbx_struct_oper_list.symmetry_operation   x,y,z 
_pdbx_struct_oper_list.matrix[1][1]         1.0000000000 
_pdbx_struct_oper_list.matrix[1][2]         0.0000000000 
_pdbx_struct_oper_list.matrix[1][3]         0.0000000000 
_pdbx_struct_oper_list.vector[1]            0.0000000000 
_pdbx_struct_oper_list.matrix[2][1]         0.0000000000 
_pdbx_struct_oper_list.matrix[2][2]         1.0000000000 
_pdbx_struct_oper_list.matrix[2][3]         0.0000000000 
_pdbx_struct_oper_list.vector[2]            0.0000000000 
_pdbx_struct_oper_list.matrix[3][1]         0.0000000000 
_pdbx_struct_oper_list.matrix[3][2]         0.0000000000 
_pdbx_struct_oper_list.matrix[3][3]         1.0000000000 
_pdbx_struct_oper_list.vector[3]            0.0000000000 
# 
loop_
_struct_conf.conf_type_id 
_struct_conf.id 
_struct_conf.pdbx_PDB_helix_id 
_struct_conf.beg_label_comp_id 
_struct_conf.beg_label_asym_id 
_struct_conf.beg_label_seq_id 
_struct_conf.pdbx_beg_PDB_ins_code 
_struct_conf.end_label_comp_id 
_struct_conf.end_label_asym_id 
_struct_conf.end_label_seq_id 
_struct_conf.pdbx_end_PDB_ins_code 
_struct_conf.beg_auth_comp_id 
_struct_conf.beg_auth_asym_id 
_struct_conf.beg_auth_seq_id 
_struct_conf.end_auth_comp_id 
_struct_conf.end_auth_asym_id 
_struct_conf.end_auth_seq_id 
_struct_conf.pdbx_PDB_helix_class 
_struct_conf.details 
_struct_conf.pdbx_PDB_helix_length 
HELX_P HELX_P1 AA1 PRO A 5  ? GLU A 10 ? PRO A 20 GLU A 25  5 ? 6  
HELX_P HELX_P2 AA2 LYS A 16 ? LYS A 24 ? LYS A 31 LYS A 39  1 ? 9  
HELX_P HELX_P3 AA3 MET A 35 ? ARG A 50 ? MET A 50 ARG A 65  1 ? 16 
HELX_P HELX_P4 AA4 ASP A 65 ? GLY A 72 ? ASP A 80 GLY A 87  1 ? 8  
HELX_P HELX_P5 AA5 GLU A 80 ? ARG A 90 ? GLU A 95 ARG A 105 1 ? 11 
# 
_struct_conf_type.id          HELX_P 
_struct_conf_type.criteria    ? 
_struct_conf_type.reference   ? 
# 
loop_
_struct_sheet.id 
_struct_sheet.type 
_struct_sheet.number_strands 
_struct_sheet.details 
AA1 ? 3 ? 
AA2 ? 3 ? 
# 
loop_
_struct_sheet_order.sheet_id 
_struct_sheet_order.range_id_1 
_struct_sheet_order.range_id_2 
_struct_sheet_order.offset 
_struct_sheet_order.sense 
AA1 1 2 ? anti-parallel 
AA1 2 3 ? anti-parallel 
AA2 1 2 ? anti-parallel 
AA2 2 3 ? anti-parallel 
# 
loop_
_struct_sheet_range.sheet_id 
_struct_sheet_range.id 
_struct_sheet_range.beg_label_comp_id 
_struct_sheet_range.beg_label_asym_id 
_struct_sheet_range.beg_label_seq_id 
_struct_sheet_range.pdbx_beg_PDB_ins_code 
_struct_sheet_range.end_label_comp_id 
_struct_sheet_range.end_label_asym_id 
_struct_sheet_range.end_label_seq_id 
_struct_sheet_range.pdbx_end_PDB_ins_code 
_struct_sheet_range.beg_auth_comp_id 
_struct_sheet_range.beg_auth_asym_id 
_struct_sheet_range.beg_auth_seq_id 
_struct_sheet_range.end_auth_comp_id 
_struct_sheet_range.end_auth_asym_id 
_struct_sheet_range.end_auth_seq_id 
AA1 1 TYR A 33 ? THR A 34 ? TYR A 48  THR A 49  
AA1 2 LEU A 12 ? PRO A 15 ? LEU A 27  PRO A 30  
AA1 3 LEU A 92 ? VAL A 94 ? LEU A 107 VAL A 109 
AA2 1 TYR A 52 ? ASP A 53 ? TYR A 67  ASP A 68  
AA2 2 GLN A 56 ? TYR A 61 ? GLN A 71  TYR A 76  
AA2 3 SER A 75 ? SER A 77 ? SER A 90  SER A 92  
# 
loop_
_pdbx_struct_sheet_hbond.sheet_id 
_pdbx_struct_sheet_hbond.range_id_1 
_pdbx_struct_sheet_hbond.range_id_2 
_pdbx_struct_sheet_hbond.range_1_label_atom_id 
_pdbx_struct_sheet_hbond.range_1_label_comp_id 
_pdbx_struct_sheet_hbond.range_1_label_asym_id 
_pdbx_struct_sheet_hbond.range_1_label_seq_id 
_pdbx_struct_sheet_hbond.range_1_PDB_ins_code 
_pdbx_struct_sheet_hbond.range_1_auth_atom_id 
_pdbx_struct_sheet_hbond.range_1_auth_comp_id 
_pdbx_struct_sheet_hbond.range_1_auth_asym_id 
_pdbx_struct_sheet_hbond.range_1_auth_seq_id 
_pdbx_struct_sheet_hbond.range_2_label_atom_id 
_pdbx_struct_sheet_hbond.range_2_label_comp_id 
_pdbx_struct_sheet_hbond.range_2_label_asym_id 
_pdbx_struct_sheet_hbond.range_2_label_seq_id 
_pdbx_struct_sheet_hbond.range_2_PDB_ins_code 
_pdbx_struct_sheet_hbond.range_2_auth_atom_id 
_pdbx_struct_sheet_hbond.range_2_auth_comp_id 
_pdbx_struct_sheet_hbond.range_2_auth_asym_id 
_pdbx_struct_sheet_hbond.range_2_auth_seq_id 
AA1 1 2 O TYR A 33 ? O TYR A 48 N VAL A 13 ? N VAL A 28  
AA1 2 3 N ARG A 14 ? N ARG A 29 O VAL A 93 ? O VAL A 108 
AA2 1 2 N ASP A 53 ? N ASP A 68 O GLN A 56 ? O GLN A 71  
AA2 2 3 N VAL A 60 ? N VAL A 75 O PHE A 76 ? O PHE A 91  
# 
loop_
_struct_site.id 
_struct_site.pdbx_evidence_code 
_struct_site.pdbx_auth_asym_id 
_struct_site.pdbx_auth_comp_id 
_struct_site.pdbx_auth_seq_id 
_struct_site.pdbx_auth_ins_code 
_struct_site.pdbx_num_residues 
_struct_site.details 
AC1 Software A 9QW 201 ? 11 'binding site for residue 9QW A 201' 
AC2 Software A CL  202 ? 8  'binding site for residue CL A 202'  
# 
loop_
_struct_site_gen.id 
_struct_site_gen.site_id 
_struct_site_gen.pdbx_num_res 
_struct_site_gen.label_comp_id 
_struct_site_gen.label_asym_id 
_struct_site_gen.label_seq_id 
_struct_site_gen.pdbx_auth_ins_code 
_struct_site_gen.auth_comp_id 
_struct_site_gen.auth_asym_id 
_struct_site_gen.auth_seq_id 
_struct_site_gen.label_atom_id 
_struct_site_gen.label_alt_id 
_struct_site_gen.symmetry 
_struct_site_gen.details 
1  AC1 11 LEU A 39 ? LEU A 54  . ? 1_555  ? 
2  AC1 11 GLY A 43 ? GLY A 58  . ? 1_555  ? 
3  AC1 11 MET A 47 ? MET A 62  . ? 1_555  ? 
4  AC1 11 TYR A 52 ? TYR A 67  . ? 1_555  ? 
5  AC1 11 GLN A 57 ? GLN A 72  . ? 1_555  ? 
6  AC1 11 VAL A 78 ? VAL A 93  . ? 1_555  ? 
7  AC1 11 HIS A 81 ? HIS A 96  . ? 1_555  ? 
8  AC1 11 TYR A 85 ? TYR A 100 . ? 1_555  ? 
9  AC1 11 HOH D .  ? HOH A 315 . ? 1_555  ? 
10 AC1 11 HOH D .  ? HOH A 322 . ? 1_555  ? 
11 AC1 11 HOH D .  ? HOH A 333 . ? 6_555  ? 
12 AC2 8  TYR A 45 ? TYR A 60  . ? 1_555  ? 
13 AC2 8  LYS A 49 ? LYS A 64  . ? 12_565 ? 
14 AC2 8  LYS A 49 ? LYS A 64  . ? 1_555  ? 
15 AC2 8  ASP A 65 ? ASP A 80  . ? 12_565 ? 
16 AC2 8  ASP A 65 ? ASP A 80  . ? 1_555  ? 
17 AC2 8  LEU A 66 ? LEU A 81  . ? 12_565 ? 
18 AC2 8  LEU A 66 ? LEU A 81  . ? 1_555  ? 
19 AC2 8  HOH D .  ? HOH A 335 . ? 1_555  ? 
# 
_pdbx_validate_torsion.id              1 
_pdbx_validate_torsion.PDB_model_num   1 
_pdbx_validate_torsion.auth_comp_id    GLN 
_pdbx_validate_torsion.auth_asym_id    A 
_pdbx_validate_torsion.auth_seq_id     71 
_pdbx_validate_torsion.PDB_ins_code    ? 
_pdbx_validate_torsion.label_alt_id    ? 
_pdbx_validate_torsion.phi             -156.09 
_pdbx_validate_torsion.psi             67.04 
# 
_phasing.method   MR 
# 
loop_
_pdbx_unobs_or_zero_occ_residues.id 
_pdbx_unobs_or_zero_occ_residues.PDB_model_num 
_pdbx_unobs_or_zero_occ_residues.polymer_flag 
_pdbx_unobs_or_zero_occ_residues.occupancy_flag 
_pdbx_unobs_or_zero_occ_residues.auth_asym_id 
_pdbx_unobs_or_zero_occ_residues.auth_comp_id 
_pdbx_unobs_or_zero_occ_residues.auth_seq_id 
_pdbx_unobs_or_zero_occ_residues.PDB_ins_code 
_pdbx_unobs_or_zero_occ_residues.label_asym_id 
_pdbx_unobs_or_zero_occ_residues.label_comp_id 
_pdbx_unobs_or_zero_occ_residues.label_seq_id 
1 1 Y 1 A GLY 16 ? A GLY 1 
2 1 Y 1 A SER 17 ? A SER 2 
3 1 Y 1 A GLN 18 ? A GLN 3 
# 
loop_
_chem_comp_atom.comp_id 
_chem_comp_atom.atom_id 
_chem_comp_atom.type_symbol 
_chem_comp_atom.pdbx_aromatic_flag 
_chem_comp_atom.pdbx_stereo_config 
_chem_comp_atom.pdbx_ordinal 
9QW C1   C  Y N 1   
9QW C2   C  Y N 2   
9QW C12  C  N S 3   
9QW C13  C  Y N 4   
9QW C14  C  N N 5   
9QW C16  C  Y N 6   
9QW C17  C  Y N 7   
9QW C18  C  Y N 8   
9QW C19  C  Y N 9   
9QW C20  C  Y N 10  
9QW C21  C  N N 11  
9QW C23  C  N N 12  
9QW C24  C  N N 13  
9QW C25  C  N N 14  
9QW C27  C  Y N 15  
9QW C29  C  Y N 16  
9QW N3   N  Y N 17  
9QW C4   C  Y N 18  
9QW N5   N  Y N 19  
9QW C6   C  N N 20  
9QW C7   C  N N 21  
9QW C8   C  N N 22  
9QW C9   C  Y N 23  
9QW C10  C  N N 24  
9QW N11  N  N N 25  
9QW O15  O  N N 26  
9QW N22  N  N N 27  
9QW CL2  CL N N 28  
9QW N28  N  Y N 29  
9QW N30  N  Y N 30  
9QW C31  C  Y N 31  
9QW O32  O  N N 32  
9QW C33  C  N N 33  
9QW O34  O  N N 34  
9QW C35  C  N N 35  
9QW O36  O  N N 36  
9QW CL3  CL N N 37  
9QW C38  C  N N 38  
9QW H1   H  N N 39  
9QW H2   H  N N 40  
9QW H3   H  N N 41  
9QW H4   H  N N 42  
9QW H5   H  N N 43  
9QW H6   H  N N 44  
9QW H7   H  N N 45  
9QW H8   H  N N 46  
9QW H9   H  N N 47  
9QW H10  H  N N 48  
9QW H11  H  N N 49  
9QW H12  H  N N 50  
9QW H13  H  N N 51  
9QW H14  H  N N 52  
9QW H15  H  N N 53  
9QW H16  H  N N 54  
9QW H17  H  N N 55  
9QW H18  H  N N 56  
9QW H19  H  N N 57  
9QW H20  H  N N 58  
9QW H21  H  N N 59  
9QW H22  H  N N 60  
9QW H23  H  N N 61  
9QW H24  H  N N 62  
ALA N    N  N N 63  
ALA CA   C  N S 64  
ALA C    C  N N 65  
ALA O    O  N N 66  
ALA CB   C  N N 67  
ALA OXT  O  N N 68  
ALA H    H  N N 69  
ALA H2   H  N N 70  
ALA HA   H  N N 71  
ALA HB1  H  N N 72  
ALA HB2  H  N N 73  
ALA HB3  H  N N 74  
ALA HXT  H  N N 75  
ARG N    N  N N 76  
ARG CA   C  N S 77  
ARG C    C  N N 78  
ARG O    O  N N 79  
ARG CB   C  N N 80  
ARG CG   C  N N 81  
ARG CD   C  N N 82  
ARG NE   N  N N 83  
ARG CZ   C  N N 84  
ARG NH1  N  N N 85  
ARG NH2  N  N N 86  
ARG OXT  O  N N 87  
ARG H    H  N N 88  
ARG H2   H  N N 89  
ARG HA   H  N N 90  
ARG HB2  H  N N 91  
ARG HB3  H  N N 92  
ARG HG2  H  N N 93  
ARG HG3  H  N N 94  
ARG HD2  H  N N 95  
ARG HD3  H  N N 96  
ARG HE   H  N N 97  
ARG HH11 H  N N 98  
ARG HH12 H  N N 99  
ARG HH21 H  N N 100 
ARG HH22 H  N N 101 
ARG HXT  H  N N 102 
ASN N    N  N N 103 
ASN CA   C  N S 104 
ASN C    C  N N 105 
ASN O    O  N N 106 
ASN CB   C  N N 107 
ASN CG   C  N N 108 
ASN OD1  O  N N 109 
ASN ND2  N  N N 110 
ASN OXT  O  N N 111 
ASN H    H  N N 112 
ASN H2   H  N N 113 
ASN HA   H  N N 114 
ASN HB2  H  N N 115 
ASN HB3  H  N N 116 
ASN HD21 H  N N 117 
ASN HD22 H  N N 118 
ASN HXT  H  N N 119 
ASP N    N  N N 120 
ASP CA   C  N S 121 
ASP C    C  N N 122 
ASP O    O  N N 123 
ASP CB   C  N N 124 
ASP CG   C  N N 125 
ASP OD1  O  N N 126 
ASP OD2  O  N N 127 
ASP OXT  O  N N 128 
ASP H    H  N N 129 
ASP H2   H  N N 130 
ASP HA   H  N N 131 
ASP HB2  H  N N 132 
ASP HB3  H  N N 133 
ASP HD2  H  N N 134 
ASP HXT  H  N N 135 
CL  CL   CL N N 136 
CYS N    N  N N 137 
CYS CA   C  N R 138 
CYS C    C  N N 139 
CYS O    O  N N 140 
CYS CB   C  N N 141 
CYS SG   S  N N 142 
CYS OXT  O  N N 143 
CYS H    H  N N 144 
CYS H2   H  N N 145 
CYS HA   H  N N 146 
CYS HB2  H  N N 147 
CYS HB3  H  N N 148 
CYS HG   H  N N 149 
CYS HXT  H  N N 150 
GLN N    N  N N 151 
GLN CA   C  N S 152 
GLN C    C  N N 153 
GLN O    O  N N 154 
GLN CB   C  N N 155 
GLN CG   C  N N 156 
GLN CD   C  N N 157 
GLN OE1  O  N N 158 
GLN NE2  N  N N 159 
GLN OXT  O  N N 160 
GLN H    H  N N 161 
GLN H2   H  N N 162 
GLN HA   H  N N 163 
GLN HB2  H  N N 164 
GLN HB3  H  N N 165 
GLN HG2  H  N N 166 
GLN HG3  H  N N 167 
GLN HE21 H  N N 168 
GLN HE22 H  N N 169 
GLN HXT  H  N N 170 
GLU N    N  N N 171 
GLU CA   C  N S 172 
GLU C    C  N N 173 
GLU O    O  N N 174 
GLU CB   C  N N 175 
GLU CG   C  N N 176 
GLU CD   C  N N 177 
GLU OE1  O  N N 178 
GLU OE2  O  N N 179 
GLU OXT  O  N N 180 
GLU H    H  N N 181 
GLU H2   H  N N 182 
GLU HA   H  N N 183 
GLU HB2  H  N N 184 
GLU HB3  H  N N 185 
GLU HG2  H  N N 186 
GLU HG3  H  N N 187 
GLU HE2  H  N N 188 
GLU HXT  H  N N 189 
GLY N    N  N N 190 
GLY CA   C  N N 191 
GLY C    C  N N 192 
GLY O    O  N N 193 
GLY OXT  O  N N 194 
GLY H    H  N N 195 
GLY H2   H  N N 196 
GLY HA2  H  N N 197 
GLY HA3  H  N N 198 
GLY HXT  H  N N 199 
HIS N    N  N N 200 
HIS CA   C  N S 201 
HIS C    C  N N 202 
HIS O    O  N N 203 
HIS CB   C  N N 204 
HIS CG   C  Y N 205 
HIS ND1  N  Y N 206 
HIS CD2  C  Y N 207 
HIS CE1  C  Y N 208 
HIS NE2  N  Y N 209 
HIS OXT  O  N N 210 
HIS H    H  N N 211 
HIS H2   H  N N 212 
HIS HA   H  N N 213 
HIS HB2  H  N N 214 
HIS HB3  H  N N 215 
HIS HD1  H  N N 216 
HIS HD2  H  N N 217 
HIS HE1  H  N N 218 
HIS HE2  H  N N 219 
HIS HXT  H  N N 220 
HOH O    O  N N 221 
HOH H1   H  N N 222 
HOH H2   H  N N 223 
ILE N    N  N N 224 
ILE CA   C  N S 225 
ILE C    C  N N 226 
ILE O    O  N N 227 
ILE CB   C  N S 228 
ILE CG1  C  N N 229 
ILE CG2  C  N N 230 
ILE CD1  C  N N 231 
ILE OXT  O  N N 232 
ILE H    H  N N 233 
ILE H2   H  N N 234 
ILE HA   H  N N 235 
ILE HB   H  N N 236 
ILE HG12 H  N N 237 
ILE HG13 H  N N 238 
ILE HG21 H  N N 239 
ILE HG22 H  N N 240 
ILE HG23 H  N N 241 
ILE HD11 H  N N 242 
ILE HD12 H  N N 243 
ILE HD13 H  N N 244 
ILE HXT  H  N N 245 
LEU N    N  N N 246 
LEU CA   C  N S 247 
LEU C    C  N N 248 
LEU O    O  N N 249 
LEU CB   C  N N 250 
LEU CG   C  N N 251 
LEU CD1  C  N N 252 
LEU CD2  C  N N 253 
LEU OXT  O  N N 254 
LEU H    H  N N 255 
LEU H2   H  N N 256 
LEU HA   H  N N 257 
LEU HB2  H  N N 258 
LEU HB3  H  N N 259 
LEU HG   H  N N 260 
LEU HD11 H  N N 261 
LEU HD12 H  N N 262 
LEU HD13 H  N N 263 
LEU HD21 H  N N 264 
LEU HD22 H  N N 265 
LEU HD23 H  N N 266 
LEU HXT  H  N N 267 
LYS N    N  N N 268 
LYS CA   C  N S 269 
LYS C    C  N N 270 
LYS O    O  N N 271 
LYS CB   C  N N 272 
LYS CG   C  N N 273 
LYS CD   C  N N 274 
LYS CE   C  N N 275 
LYS NZ   N  N N 276 
LYS OXT  O  N N 277 
LYS H    H  N N 278 
LYS H2   H  N N 279 
LYS HA   H  N N 280 
LYS HB2  H  N N 281 
LYS HB3  H  N N 282 
LYS HG2  H  N N 283 
LYS HG3  H  N N 284 
LYS HD2  H  N N 285 
LYS HD3  H  N N 286 
LYS HE2  H  N N 287 
LYS HE3  H  N N 288 
LYS HZ1  H  N N 289 
LYS HZ2  H  N N 290 
LYS HZ3  H  N N 291 
LYS HXT  H  N N 292 
MET N    N  N N 293 
MET CA   C  N S 294 
MET C    C  N N 295 
MET O    O  N N 296 
MET CB   C  N N 297 
MET CG   C  N N 298 
MET SD   S  N N 299 
MET CE   C  N N 300 
MET OXT  O  N N 301 
MET H    H  N N 302 
MET H2   H  N N 303 
MET HA   H  N N 304 
MET HB2  H  N N 305 
MET HB3  H  N N 306 
MET HG2  H  N N 307 
MET HG3  H  N N 308 
MET HE1  H  N N 309 
MET HE2  H  N N 310 
MET HE3  H  N N 311 
MET HXT  H  N N 312 
PHE N    N  N N 313 
PHE CA   C  N S 314 
PHE C    C  N N 315 
PHE O    O  N N 316 
PHE CB   C  N N 317 
PHE CG   C  Y N 318 
PHE CD1  C  Y N 319 
PHE CD2  C  Y N 320 
PHE CE1  C  Y N 321 
PHE CE2  C  Y N 322 
PHE CZ   C  Y N 323 
PHE OXT  O  N N 324 
PHE H    H  N N 325 
PHE H2   H  N N 326 
PHE HA   H  N N 327 
PHE HB2  H  N N 328 
PHE HB3  H  N N 329 
PHE HD1  H  N N 330 
PHE HD2  H  N N 331 
PHE HE1  H  N N 332 
PHE HE2  H  N N 333 
PHE HZ   H  N N 334 
PHE HXT  H  N N 335 
PRO N    N  N N 336 
PRO CA   C  N S 337 
PRO C    C  N N 338 
PRO O    O  N N 339 
PRO CB   C  N N 340 
PRO CG   C  N N 341 
PRO CD   C  N N 342 
PRO OXT  O  N N 343 
PRO H    H  N N 344 
PRO HA   H  N N 345 
PRO HB2  H  N N 346 
PRO HB3  H  N N 347 
PRO HG2  H  N N 348 
PRO HG3  H  N N 349 
PRO HD2  H  N N 350 
PRO HD3  H  N N 351 
PRO HXT  H  N N 352 
SER N    N  N N 353 
SER CA   C  N S 354 
SER C    C  N N 355 
SER O    O  N N 356 
SER CB   C  N N 357 
SER OG   O  N N 358 
SER OXT  O  N N 359 
SER H    H  N N 360 
SER H2   H  N N 361 
SER HA   H  N N 362 
SER HB2  H  N N 363 
SER HB3  H  N N 364 
SER HG   H  N N 365 
SER HXT  H  N N 366 
THR N    N  N N 367 
THR CA   C  N S 368 
THR C    C  N N 369 
THR O    O  N N 370 
THR CB   C  N R 371 
THR OG1  O  N N 372 
THR CG2  C  N N 373 
THR OXT  O  N N 374 
THR H    H  N N 375 
THR H2   H  N N 376 
THR HA   H  N N 377 
THR HB   H  N N 378 
THR HG1  H  N N 379 
THR HG21 H  N N 380 
THR HG22 H  N N 381 
THR HG23 H  N N 382 
THR HXT  H  N N 383 
TYR N    N  N N 384 
TYR CA   C  N S 385 
TYR C    C  N N 386 
TYR O    O  N N 387 
TYR CB   C  N N 388 
TYR CG   C  Y N 389 
TYR CD1  C  Y N 390 
TYR CD2  C  Y N 391 
TYR CE1  C  Y N 392 
TYR CE2  C  Y N 393 
TYR CZ   C  Y N 394 
TYR OH   O  N N 395 
TYR OXT  O  N N 396 
TYR H    H  N N 397 
TYR H2   H  N N 398 
TYR HA   H  N N 399 
TYR HB2  H  N N 400 
TYR HB3  H  N N 401 
TYR HD1  H  N N 402 
TYR HD2  H  N N 403 
TYR HE1  H  N N 404 
TYR HE2  H  N N 405 
TYR HH   H  N N 406 
TYR HXT  H  N N 407 
VAL N    N  N N 408 
VAL CA   C  N S 409 
VAL C    C  N N 410 
VAL O    O  N N 411 
VAL CB   C  N N 412 
VAL CG1  C  N N 413 
VAL CG2  C  N N 414 
VAL OXT  O  N N 415 
VAL H    H  N N 416 
VAL H2   H  N N 417 
VAL HA   H  N N 418 
VAL HB   H  N N 419 
VAL HG11 H  N N 420 
VAL HG12 H  N N 421 
VAL HG13 H  N N 422 
VAL HG21 H  N N 423 
VAL HG22 H  N N 424 
VAL HG23 H  N N 425 
VAL HXT  H  N N 426 
# 
loop_
_chem_comp_bond.comp_id 
_chem_comp_bond.atom_id_1 
_chem_comp_bond.atom_id_2 
_chem_comp_bond.value_order 
_chem_comp_bond.pdbx_aromatic_flag 
_chem_comp_bond.pdbx_stereo_config 
_chem_comp_bond.pdbx_ordinal 
9QW CL3 C24  sing N N 1   
9QW O15 C10  doub N N 2   
9QW C24 C25  sing N N 3   
9QW C24 C23  doub N N 4   
9QW C25 C14  doub N N 5   
9QW C23 N22  sing N N 6   
9QW C10 N11  sing N N 7   
9QW C10 C1   sing N N 8   
9QW C14 N11  sing N N 9   
9QW C14 C21  sing N N 10  
9QW N22 C21  sing N N 11  
9QW N22 C35  sing N N 12  
9QW N11 C12  sing N N 13  
9QW C21 O36  doub N N 14  
9QW C1  N5   sing Y N 15  
9QW C1  C2   doub Y N 16  
9QW N5  C4   doub Y N 17  
9QW C20 C19  doub Y N 18  
9QW C20 C13  sing Y N 19  
9QW C19 C18  sing Y N 20  
9QW C4  C9   sing N N 21  
9QW C4  N3   sing Y N 22  
9QW C2  C12  sing N N 23  
9QW C2  N3   sing Y N 24  
9QW O32 C33  sing N N 25  
9QW O32 C31  sing N N 26  
9QW C12 C13  sing N N 27  
9QW C13 C16  doub Y N 28  
9QW C9  C31  doub Y N 29  
9QW C9  C27  sing Y N 30  
9QW C31 N30  sing Y N 31  
9QW C18 CL2  sing N N 32  
9QW C18 C17  doub Y N 33  
9QW N3  C6   sing N N 34  
9QW C27 N28  doub Y N 35  
9QW N30 C29  doub Y N 36  
9QW N28 C29  sing Y N 37  
9QW C29 O34  sing N N 38  
9QW C16 C17  sing Y N 39  
9QW O34 C38  sing N N 40  
9QW C8  C6   sing N N 41  
9QW C6  C7   sing N N 42  
9QW C12 H1   sing N N 43  
9QW C16 H2   sing N N 44  
9QW C17 H3   sing N N 45  
9QW C19 H4   sing N N 46  
9QW C20 H5   sing N N 47  
9QW C23 H6   sing N N 48  
9QW C25 H7   sing N N 49  
9QW C27 H8   sing N N 50  
9QW C6  H9   sing N N 51  
9QW C7  H10  sing N N 52  
9QW C7  H11  sing N N 53  
9QW C7  H12  sing N N 54  
9QW C8  H13  sing N N 55  
9QW C8  H14  sing N N 56  
9QW C8  H15  sing N N 57  
9QW C33 H16  sing N N 58  
9QW C33 H17  sing N N 59  
9QW C33 H18  sing N N 60  
9QW C35 H19  sing N N 61  
9QW C35 H20  sing N N 62  
9QW C35 H21  sing N N 63  
9QW C38 H22  sing N N 64  
9QW C38 H23  sing N N 65  
9QW C38 H24  sing N N 66  
ALA N   CA   sing N N 67  
ALA N   H    sing N N 68  
ALA N   H2   sing N N 69  
ALA CA  C    sing N N 70  
ALA CA  CB   sing N N 71  
ALA CA  HA   sing N N 72  
ALA C   O    doub N N 73  
ALA C   OXT  sing N N 74  
ALA CB  HB1  sing N N 75  
ALA CB  HB2  sing N N 76  
ALA CB  HB3  sing N N 77  
ALA OXT HXT  sing N N 78  
ARG N   CA   sing N N 79  
ARG N   H    sing N N 80  
ARG N   H2   sing N N 81  
ARG CA  C    sing N N 82  
ARG CA  CB   sing N N 83  
ARG CA  HA   sing N N 84  
ARG C   O    doub N N 85  
ARG C   OXT  sing N N 86  
ARG CB  CG   sing N N 87  
ARG CB  HB2  sing N N 88  
ARG CB  HB3  sing N N 89  
ARG CG  CD   sing N N 90  
ARG CG  HG2  sing N N 91  
ARG CG  HG3  sing N N 92  
ARG CD  NE   sing N N 93  
ARG CD  HD2  sing N N 94  
ARG CD  HD3  sing N N 95  
ARG NE  CZ   sing N N 96  
ARG NE  HE   sing N N 97  
ARG CZ  NH1  sing N N 98  
ARG CZ  NH2  doub N N 99  
ARG NH1 HH11 sing N N 100 
ARG NH1 HH12 sing N N 101 
ARG NH2 HH21 sing N N 102 
ARG NH2 HH22 sing N N 103 
ARG OXT HXT  sing N N 104 
ASN N   CA   sing N N 105 
ASN N   H    sing N N 106 
ASN N   H2   sing N N 107 
ASN CA  C    sing N N 108 
ASN CA  CB   sing N N 109 
ASN CA  HA   sing N N 110 
ASN C   O    doub N N 111 
ASN C   OXT  sing N N 112 
ASN CB  CG   sing N N 113 
ASN CB  HB2  sing N N 114 
ASN CB  HB3  sing N N 115 
ASN CG  OD1  doub N N 116 
ASN CG  ND2  sing N N 117 
ASN ND2 HD21 sing N N 118 
ASN ND2 HD22 sing N N 119 
ASN OXT HXT  sing N N 120 
ASP N   CA   sing N N 121 
ASP N   H    sing N N 122 
ASP N   H2   sing N N 123 
ASP CA  C    sing N N 124 
ASP CA  CB   sing N N 125 
ASP CA  HA   sing N N 126 
ASP C   O    doub N N 127 
ASP C   OXT  sing N N 128 
ASP CB  CG   sing N N 129 
ASP CB  HB2  sing N N 130 
ASP CB  HB3  sing N N 131 
ASP CG  OD1  doub N N 132 
ASP CG  OD2  sing N N 133 
ASP OD2 HD2  sing N N 134 
ASP OXT HXT  sing N N 135 
CYS N   CA   sing N N 136 
CYS N   H    sing N N 137 
CYS N   H2   sing N N 138 
CYS CA  C    sing N N 139 
CYS CA  CB   sing N N 140 
CYS CA  HA   sing N N 141 
CYS C   O    doub N N 142 
CYS C   OXT  sing N N 143 
CYS CB  SG   sing N N 144 
CYS CB  HB2  sing N N 145 
CYS CB  HB3  sing N N 146 
CYS SG  HG   sing N N 147 
CYS OXT HXT  sing N N 148 
GLN N   CA   sing N N 149 
GLN N   H    sing N N 150 
GLN N   H2   sing N N 151 
GLN CA  C    sing N N 152 
GLN CA  CB   sing N N 153 
GLN CA  HA   sing N N 154 
GLN C   O    doub N N 155 
GLN C   OXT  sing N N 156 
GLN CB  CG   sing N N 157 
GLN CB  HB2  sing N N 158 
GLN CB  HB3  sing N N 159 
GLN CG  CD   sing N N 160 
GLN CG  HG2  sing N N 161 
GLN CG  HG3  sing N N 162 
GLN CD  OE1  doub N N 163 
GLN CD  NE2  sing N N 164 
GLN NE2 HE21 sing N N 165 
GLN NE2 HE22 sing N N 166 
GLN OXT HXT  sing N N 167 
GLU N   CA   sing N N 168 
GLU N   H    sing N N 169 
GLU N   H2   sing N N 170 
GLU CA  C    sing N N 171 
GLU CA  CB   sing N N 172 
GLU CA  HA   sing N N 173 
GLU C   O    doub N N 174 
GLU C   OXT  sing N N 175 
GLU CB  CG   sing N N 176 
GLU CB  HB2  sing N N 177 
GLU CB  HB3  sing N N 178 
GLU CG  CD   sing N N 179 
GLU CG  HG2  sing N N 180 
GLU CG  HG3  sing N N 181 
GLU CD  OE1  doub N N 182 
GLU CD  OE2  sing N N 183 
GLU OE2 HE2  sing N N 184 
GLU OXT HXT  sing N N 185 
GLY N   CA   sing N N 186 
GLY N   H    sing N N 187 
GLY N   H2   sing N N 188 
GLY CA  C    sing N N 189 
GLY CA  HA2  sing N N 190 
GLY CA  HA3  sing N N 191 
GLY C   O    doub N N 192 
GLY C   OXT  sing N N 193 
GLY OXT HXT  sing N N 194 
HIS N   CA   sing N N 195 
HIS N   H    sing N N 196 
HIS N   H2   sing N N 197 
HIS CA  C    sing N N 198 
HIS CA  CB   sing N N 199 
HIS CA  HA   sing N N 200 
HIS C   O    doub N N 201 
HIS C   OXT  sing N N 202 
HIS CB  CG   sing N N 203 
HIS CB  HB2  sing N N 204 
HIS CB  HB3  sing N N 205 
HIS CG  ND1  sing Y N 206 
HIS CG  CD2  doub Y N 207 
HIS ND1 CE1  doub Y N 208 
HIS ND1 HD1  sing N N 209 
HIS CD2 NE2  sing Y N 210 
HIS CD2 HD2  sing N N 211 
HIS CE1 NE2  sing Y N 212 
HIS CE1 HE1  sing N N 213 
HIS NE2 HE2  sing N N 214 
HIS OXT HXT  sing N N 215 
HOH O   H1   sing N N 216 
HOH O   H2   sing N N 217 
ILE N   CA   sing N N 218 
ILE N   H    sing N N 219 
ILE N   H2   sing N N 220 
ILE CA  C    sing N N 221 
ILE CA  CB   sing N N 222 
ILE CA  HA   sing N N 223 
ILE C   O    doub N N 224 
ILE C   OXT  sing N N 225 
ILE CB  CG1  sing N N 226 
ILE CB  CG2  sing N N 227 
ILE CB  HB   sing N N 228 
ILE CG1 CD1  sing N N 229 
ILE CG1 HG12 sing N N 230 
ILE CG1 HG13 sing N N 231 
ILE CG2 HG21 sing N N 232 
ILE CG2 HG22 sing N N 233 
ILE CG2 HG23 sing N N 234 
ILE CD1 HD11 sing N N 235 
ILE CD1 HD12 sing N N 236 
ILE CD1 HD13 sing N N 237 
ILE OXT HXT  sing N N 238 
LEU N   CA   sing N N 239 
LEU N   H    sing N N 240 
LEU N   H2   sing N N 241 
LEU CA  C    sing N N 242 
LEU CA  CB   sing N N 243 
LEU CA  HA   sing N N 244 
LEU C   O    doub N N 245 
LEU C   OXT  sing N N 246 
LEU CB  CG   sing N N 247 
LEU CB  HB2  sing N N 248 
LEU CB  HB3  sing N N 249 
LEU CG  CD1  sing N N 250 
LEU CG  CD2  sing N N 251 
LEU CG  HG   sing N N 252 
LEU CD1 HD11 sing N N 253 
LEU CD1 HD12 sing N N 254 
LEU CD1 HD13 sing N N 255 
LEU CD2 HD21 sing N N 256 
LEU CD2 HD22 sing N N 257 
LEU CD2 HD23 sing N N 258 
LEU OXT HXT  sing N N 259 
LYS N   CA   sing N N 260 
LYS N   H    sing N N 261 
LYS N   H2   sing N N 262 
LYS CA  C    sing N N 263 
LYS CA  CB   sing N N 264 
LYS CA  HA   sing N N 265 
LYS C   O    doub N N 266 
LYS C   OXT  sing N N 267 
LYS CB  CG   sing N N 268 
LYS CB  HB2  sing N N 269 
LYS CB  HB3  sing N N 270 
LYS CG  CD   sing N N 271 
LYS CG  HG2  sing N N 272 
LYS CG  HG3  sing N N 273 
LYS CD  CE   sing N N 274 
LYS CD  HD2  sing N N 275 
LYS CD  HD3  sing N N 276 
LYS CE  NZ   sing N N 277 
LYS CE  HE2  sing N N 278 
LYS CE  HE3  sing N N 279 
LYS NZ  HZ1  sing N N 280 
LYS NZ  HZ2  sing N N 281 
LYS NZ  HZ3  sing N N 282 
LYS OXT HXT  sing N N 283 
MET N   CA   sing N N 284 
MET N   H    sing N N 285 
MET N   H2   sing N N 286 
MET CA  C    sing N N 287 
MET CA  CB   sing N N 288 
MET CA  HA   sing N N 289 
MET C   O    doub N N 290 
MET C   OXT  sing N N 291 
MET CB  CG   sing N N 292 
MET CB  HB2  sing N N 293 
MET CB  HB3  sing N N 294 
MET CG  SD   sing N N 295 
MET CG  HG2  sing N N 296 
MET CG  HG3  sing N N 297 
MET SD  CE   sing N N 298 
MET CE  HE1  sing N N 299 
MET CE  HE2  sing N N 300 
MET CE  HE3  sing N N 301 
MET OXT HXT  sing N N 302 
PHE N   CA   sing N N 303 
PHE N   H    sing N N 304 
PHE N   H2   sing N N 305 
PHE CA  C    sing N N 306 
PHE CA  CB   sing N N 307 
PHE CA  HA   sing N N 308 
PHE C   O    doub N N 309 
PHE C   OXT  sing N N 310 
PHE CB  CG   sing N N 311 
PHE CB  HB2  sing N N 312 
PHE CB  HB3  sing N N 313 
PHE CG  CD1  doub Y N 314 
PHE CG  CD2  sing Y N 315 
PHE CD1 CE1  sing Y N 316 
PHE CD1 HD1  sing N N 317 
PHE CD2 CE2  doub Y N 318 
PHE CD2 HD2  sing N N 319 
PHE CE1 CZ   doub Y N 320 
PHE CE1 HE1  sing N N 321 
PHE CE2 CZ   sing Y N 322 
PHE CE2 HE2  sing N N 323 
PHE CZ  HZ   sing N N 324 
PHE OXT HXT  sing N N 325 
PRO N   CA   sing N N 326 
PRO N   CD   sing N N 327 
PRO N   H    sing N N 328 
PRO CA  C    sing N N 329 
PRO CA  CB   sing N N 330 
PRO CA  HA   sing N N 331 
PRO C   O    doub N N 332 
PRO C   OXT  sing N N 333 
PRO CB  CG   sing N N 334 
PRO CB  HB2  sing N N 335 
PRO CB  HB3  sing N N 336 
PRO CG  CD   sing N N 337 
PRO CG  HG2  sing N N 338 
PRO CG  HG3  sing N N 339 
PRO CD  HD2  sing N N 340 
PRO CD  HD3  sing N N 341 
PRO OXT HXT  sing N N 342 
SER N   CA   sing N N 343 
SER N   H    sing N N 344 
SER N   H2   sing N N 345 
SER CA  C    sing N N 346 
SER CA  CB   sing N N 347 
SER CA  HA   sing N N 348 
SER C   O    doub N N 349 
SER C   OXT  sing N N 350 
SER CB  OG   sing N N 351 
SER CB  HB2  sing N N 352 
SER CB  HB3  sing N N 353 
SER OG  HG   sing N N 354 
SER OXT HXT  sing N N 355 
THR N   CA   sing N N 356 
THR N   H    sing N N 357 
THR N   H2   sing N N 358 
THR CA  C    sing N N 359 
THR CA  CB   sing N N 360 
THR CA  HA   sing N N 361 
THR C   O    doub N N 362 
THR C   OXT  sing N N 363 
THR CB  OG1  sing N N 364 
THR CB  CG2  sing N N 365 
THR CB  HB   sing N N 366 
THR OG1 HG1  sing N N 367 
THR CG2 HG21 sing N N 368 
THR CG2 HG22 sing N N 369 
THR CG2 HG23 sing N N 370 
THR OXT HXT  sing N N 371 
TYR N   CA   sing N N 372 
TYR N   H    sing N N 373 
TYR N   H2   sing N N 374 
TYR CA  C    sing N N 375 
TYR CA  CB   sing N N 376 
TYR CA  HA   sing N N 377 
TYR C   O    doub N N 378 
TYR C   OXT  sing N N 379 
TYR CB  CG   sing N N 380 
TYR CB  HB2  sing N N 381 
TYR CB  HB3  sing N N 382 
TYR CG  CD1  doub Y N 383 
TYR CG  CD2  sing Y N 384 
TYR CD1 CE1  sing Y N 385 
TYR CD1 HD1  sing N N 386 
TYR CD2 CE2  doub Y N 387 
TYR CD2 HD2  sing N N 388 
TYR CE1 CZ   doub Y N 389 
TYR CE1 HE1  sing N N 390 
TYR CE2 CZ   sing Y N 391 
TYR CE2 HE2  sing N N 392 
TYR CZ  OH   sing N N 393 
TYR OH  HH   sing N N 394 
TYR OXT HXT  sing N N 395 
VAL N   CA   sing N N 396 
VAL N   H    sing N N 397 
VAL N   H2   sing N N 398 
VAL CA  C    sing N N 399 
VAL CA  CB   sing N N 400 
VAL CA  HA   sing N N 401 
VAL C   O    doub N N 402 
VAL C   OXT  sing N N 403 
VAL CB  CG1  sing N N 404 
VAL CB  CG2  sing N N 405 
VAL CB  HB   sing N N 406 
VAL CG1 HG11 sing N N 407 
VAL CG1 HG12 sing N N 408 
VAL CG1 HG13 sing N N 409 
VAL CG2 HG21 sing N N 410 
VAL CG2 HG22 sing N N 411 
VAL CG2 HG23 sing N N 412 
VAL OXT HXT  sing N N 413 
# 
_pdbx_initial_refinement_model.id               1 
_pdbx_initial_refinement_model.entity_id_list   ? 
_pdbx_initial_refinement_model.type             'experimental model' 
_pdbx_initial_refinement_model.source_name      PDB 
_pdbx_initial_refinement_model.accession_code   5LN2 
_pdbx_initial_refinement_model.details          ? 
# 
_atom_sites.entry_id                    5OC8 
_atom_sites.fract_transf_matrix[1][1]   -0.01874654 
_atom_sites.fract_transf_matrix[1][2]   -0.00246927 
_atom_sites.fract_transf_matrix[1][3]   -0.00784621 
_atom_sites.fract_transf_matrix[2][1]   -0.00300729 
_atom_sites.fract_transf_matrix[2][2]   0.00199901 
_atom_sites.fract_transf_matrix[2][3]   -0.02014999 
_atom_sites.fract_transf_matrix[3][1]   0.00171873 
_atom_sites.fract_transf_matrix[3][2]   -0.00930131 
_atom_sites.fract_transf_matrix[3][3]   -0.00117926 
_atom_sites.fract_transf_vector[1]      0.134039 
_atom_sites.fract_transf_vector[2]      0.351333 
_atom_sites.fract_transf_vector[3]      0.028635 
# 
loop_
_atom_type.symbol 
C  
CL 
N  
O  
S  
# 
loop_
_atom_site.group_PDB 
_atom_site.id 
_atom_site.type_symbol 
_atom_site.label_atom_id 
_atom_site.label_alt_id 
_atom_site.label_comp_id 
_atom_site.label_asym_id 
_atom_site.label_entity_id 
_atom_site.label_seq_id 
_atom_site.pdbx_PDB_ins_code 
_atom_site.Cartn_x 
_atom_site.Cartn_y 
_atom_site.Cartn_z 
_atom_site.occupancy 
_atom_site.B_iso_or_equiv 
_atom_site.pdbx_formal_charge 
_atom_site.auth_seq_id 
_atom_site.auth_comp_id 
_atom_site.auth_asym_id 
_atom_site.auth_atom_id 
_atom_site.pdbx_PDB_model_num 
ATOM   1   N  N   . ILE A 1 4  ? -4.210  10.797  13.199  1.00 30.86 ? 19  ILE A N   1 
ATOM   2   C  CA  . ILE A 1 4  ? -4.522  9.373   12.881  1.00 30.57 ? 19  ILE A CA  1 
ATOM   3   C  C   . ILE A 1 4  ? -4.519  8.516   14.146  1.00 30.12 ? 19  ILE A C   1 
ATOM   4   O  O   . ILE A 1 4  ? -3.508  8.440   14.869  1.00 30.61 ? 19  ILE A O   1 
ATOM   5   C  CB  . ILE A 1 4  ? -3.565  8.777   11.813  1.00 30.52 ? 19  ILE A CB  1 
ATOM   6   C  CG1 . ILE A 1 4  ? -3.546  9.675   10.568  1.00 31.05 ? 19  ILE A CG1 1 
ATOM   7   C  CG2 . ILE A 1 4  ? -3.969  7.333   11.459  1.00 31.19 ? 19  ILE A CG2 1 
ATOM   8   C  CD1 . ILE A 1 4  ? -2.658  9.185   9.450   1.00 32.02 ? 19  ILE A CD1 1 
ATOM   9   N  N   . PRO A 1 5  ? -5.666  7.889   14.436  1.00 29.62 ? 20  PRO A N   1 
ATOM   10  C  CA  . PRO A 1 5  ? -5.800  7.024   15.584  1.00 28.69 ? 20  PRO A CA  1 
ATOM   11  C  C   . PRO A 1 5  ? -5.086  5.704   15.381  1.00 27.93 ? 20  PRO A C   1 
ATOM   12  O  O   . PRO A 1 5  ? -4.929  5.236   14.250  1.00 27.05 ? 20  PRO A O   1 
ATOM   13  C  CB  . PRO A 1 5  ? -7.308  6.784   15.664  1.00 28.95 ? 20  PRO A CB  1 
ATOM   14  C  CG  . PRO A 1 5  ? -7.788  6.954   14.271  1.00 29.28 ? 20  PRO A CG  1 
ATOM   15  C  CD  . PRO A 1 5  ? -6.952  8.067   13.735  1.00 29.05 ? 20  PRO A CD  1 
ATOM   16  N  N   . ALA A 1 6  ? -4.682  5.104   16.493  1.00 27.34 ? 21  ALA A N   1 
ATOM   17  C  CA  . ALA A 1 6  ? -4.053  3.792   16.481  1.00 26.98 ? 21  ALA A CA  1 
ATOM   18  C  C   . ALA A 1 6  ? -5.040  2.721   16.064  1.00 26.27 ? 21  ALA A C   1 
ATOM   19  O  O   . ALA A 1 6  ? -4.638  1.671   15.563  1.00 26.22 ? 21  ALA A O   1 
ATOM   20  C  CB  . ALA A 1 6  ? -3.474  3.469   17.842  1.00 27.48 ? 21  ALA A CB  1 
ATOM   21  N  N   . SER A 1 7  ? -6.332  2.984   16.257  1.00 25.06 ? 22  SER A N   1 
ATOM   22  C  CA  . SER A 1 7  ? -7.354  2.012   15.913  1.00 23.90 ? 22  SER A CA  1 
ATOM   23  C  C   . SER A 1 7  ? -7.432  1.804   14.408  1.00 23.36 ? 22  SER A C   1 
ATOM   24  O  O   . SER A 1 7  ? -7.938  0.789   13.969  1.00 22.71 ? 22  SER A O   1 
ATOM   25  C  CB  . SER A 1 7  ? -8.728  2.414   16.461  1.00 24.20 ? 22  SER A CB  1 
ATOM   26  O  OG  . SER A 1 7  ? -9.175  3.619   15.867  1.00 23.93 ? 22  SER A OG  1 
ATOM   27  N  N   . GLU A 1 8  ? -6.924  2.762   13.627  1.00 23.25 ? 23  GLU A N   1 
ATOM   28  C  CA  . GLU A 1 8  ? -6.957  2.635   12.164  1.00 23.19 ? 23  GLU A CA  1 
ATOM   29  C  C   . GLU A 1 8  ? -6.336  1.303   11.706  1.00 23.65 ? 23  GLU A C   1 
ATOM   30  O  O   . GLU A 1 8  ? -6.867  0.623   10.812  1.00 22.36 ? 23  GLU A O   1 
ATOM   31  C  CB  . GLU A 1 8  ? -6.276  3.840   11.502  1.00 23.68 ? 23  GLU A CB  1 
ATOM   32  C  CG  . GLU A 1 8  ? -5.980  3.697   10.003  1.00 23.70 ? 23  GLU A CG  1 
ATOM   33  C  CD  . GLU A 1 8  ? -7.199  3.301   9.187   1.00 24.74 ? 23  GLU A CD  1 
ATOM   34  O  OE1 . GLU A 1 8  ? -7.021  2.722   8.101   1.00 27.07 ? 23  GLU A OE1 1 
ATOM   35  O  OE2 . GLU A 1 8  ? -8.336  3.538   9.632   1.00 23.45 ? 23  GLU A OE2 1 
ATOM   36  N  N   . GLN A 1 9  ? -5.245  0.908   12.359  1.00 24.33 ? 24  GLN A N   1 
ATOM   37  C  CA  . GLN A 1 9  ? -4.538  -0.319  11.982  1.00 25.32 ? 24  GLN A CA  1 
ATOM   38  C  C   . GLN A 1 9  ? -5.347  -1.591  12.229  1.00 25.31 ? 24  GLN A C   1 
ATOM   39  O  O   . GLN A 1 9  ? -5.072  -2.639  11.638  1.00 25.10 ? 24  GLN A O   1 
ATOM   40  C  CB  . GLN A 1 9  ? -3.164  -0.385  12.654  1.00 25.86 ? 24  GLN A CB  1 
ATOM   41  C  CG  . GLN A 1 9  ? -2.309  0.841   12.358  1.00 29.92 ? 24  GLN A CG  1 
ATOM   42  C  CD  . GLN A 1 9  ? -0.876  0.514   11.984  1.00 33.94 ? 24  GLN A CD  1 
ATOM   43  O  OE1 . GLN A 1 9  ? 0.061   1.085   12.539  1.00 36.49 ? 24  GLN A OE1 1 
ATOM   44  N  NE2 . GLN A 1 9  ? -0.697  -0.394  11.025  1.00 35.07 ? 24  GLN A NE2 1 
ATOM   45  N  N   . GLU A 1 10 ? -6.353  -1.495  13.094  1.00 25.03 ? 25  GLU A N   1 
ATOM   46  C  CA  . GLU A 1 10 ? -7.210  -2.630  13.395  1.00 26.01 ? 25  GLU A CA  1 
ATOM   47  C  C   . GLU A 1 10 ? -8.326  -2.855  12.380  1.00 25.17 ? 25  GLU A C   1 
ATOM   48  O  O   . GLU A 1 10 ? -8.978  -3.898  12.420  1.00 26.37 ? 25  GLU A O   1 
ATOM   49  C  CB  . GLU A 1 10 ? -7.801  -2.492  14.799  1.00 26.41 ? 25  GLU A CB  1 
ATOM   50  C  CG  . GLU A 1 10 ? -6.885  -2.991  15.886  1.00 30.36 ? 25  GLU A CG  1 
ATOM   51  C  CD  . GLU A 1 10 ? -7.142  -2.298  17.201  1.00 33.96 ? 25  GLU A CD  1 
ATOM   52  O  OE1 . GLU A 1 10 ? -6.371  -1.369  17.512  1.00 35.42 ? 25  GLU A OE1 1 
ATOM   53  O  OE2 . GLU A 1 10 ? -8.121  -2.657  17.899  1.00 36.15 ? 25  GLU A OE2 1 
ATOM   54  N  N   . THR A 1 11 ? -8.543  -1.893  11.479  1.00 24.53 ? 26  THR A N   1 
ATOM   55  C  CA  . THR A 1 11 ? -9.607  -1.982  10.466  1.00 23.77 ? 26  THR A CA  1 
ATOM   56  C  C   . THR A 1 11 ? -9.472  -3.229  9.584   1.00 23.96 ? 26  THR A C   1 
ATOM   57  O  O   . THR A 1 11 ? -8.413  -3.470  9.008   1.00 23.78 ? 26  THR A O   1 
ATOM   58  C  CB  . THR A 1 11 ? -9.629  -0.725  9.562   1.00 23.90 ? 26  THR A CB  1 
ATOM   59  O  OG1 . THR A 1 11 ? -9.696  0.449   10.386  1.00 24.23 ? 26  THR A OG1 1 
ATOM   60  C  CG2 . THR A 1 11 ? -10.817 -0.741  8.591   1.00 22.91 ? 26  THR A CG2 1 
ATOM   61  N  N   . LEU A 1 12 ? -10.552 -4.000  9.480   1.00 24.15 ? 27  LEU A N   1 
ATOM   62  C  CA  . LEU A 1 12 ? -10.574 -5.203  8.644   1.00 24.51 ? 27  LEU A CA  1 
ATOM   63  C  C   . LEU A 1 12 ? -11.036 -4.872  7.233   1.00 23.66 ? 27  LEU A C   1 
ATOM   64  O  O   . LEU A 1 12 ? -12.026 -4.154  7.041   1.00 24.25 ? 27  LEU A O   1 
ATOM   65  C  CB  . LEU A 1 12 ? -11.469 -6.292  9.266   1.00 24.86 ? 27  LEU A CB  1 
ATOM   66  C  CG  . LEU A 1 12 ? -10.943 -7.213  10.379  1.00 28.16 ? 27  LEU A CG  1 
ATOM   67  C  CD1 . LEU A 1 12 ? -9.647  -7.910  9.949   1.00 31.01 ? 27  LEU A CD1 1 
ATOM   68  C  CD2 . LEU A 1 12 ? -10.776 -6.501  11.723  1.00 31.60 ? 27  LEU A CD2 1 
ATOM   69  N  N   . VAL A 1 13 ? -10.296 -5.364  6.240   1.00 22.82 ? 28  VAL A N   1 
ATOM   70  C  CA  . VAL A 1 13 ? -10.521 -4.963  4.850   1.00 22.11 ? 28  VAL A CA  1 
ATOM   71  C  C   . VAL A 1 13 ? -10.447 -6.120  3.854   1.00 21.98 ? 28  VAL A C   1 
ATOM   72  O  O   . VAL A 1 13 ? -9.746  -7.108  4.086   1.00 22.41 ? 28  VAL A O   1 
ATOM   73  C  CB  . VAL A 1 13 ? -9.538  -3.837  4.395   1.00 21.76 ? 28  VAL A CB  1 
ATOM   74  C  CG1 . VAL A 1 13 ? -9.632  -2.632  5.301   1.00 21.48 ? 28  VAL A CG1 1 
ATOM   75  C  CG2 . VAL A 1 13 ? -8.097  -4.350  4.370   1.00 22.01 ? 28  VAL A CG2 1 
ATOM   76  N  N   . ARG A 1 14 ? -11.181 -5.951  2.760   1.00 21.65 ? 29  ARG A N   1 
ATOM   77  C  CA  . ARG A 1 14 ? -11.246 -6.873  1.642   1.00 22.04 ? 29  ARG A CA  1 
ATOM   78  C  C   . ARG A 1 14 ? -10.673 -6.155  0.408   1.00 21.43 ? 29  ARG A C   1 
ATOM   79  O  O   . ARG A 1 14 ? -11.315 -5.264  -0.147  1.00 20.36 ? 29  ARG A O   1 
ATOM   80  C  CB  . ARG A 1 14 ? -12.711 -7.268  1.420   1.00 22.99 ? 29  ARG A CB  1 
ATOM   81  C  CG  . ARG A 1 14 ? -13.008 -8.207  0.274   1.00 25.97 ? 29  ARG A CG  1 
ATOM   82  C  CD  . ARG A 1 14 ? -14.459 -8.686  0.393   1.00 30.93 ? 29  ARG A CD  1 
ATOM   83  N  NE  . ARG A 1 14 ? -14.799 -8.984  1.787   1.00 35.01 ? 29  ARG A NE  1 
ATOM   84  C  CZ  . ARG A 1 14 ? -14.795 -10.202 2.329   1.00 37.36 ? 29  ARG A CZ  1 
ATOM   85  N  NH1 . ARG A 1 14 ? -15.105 -10.356 3.611   1.00 38.09 ? 29  ARG A NH1 1 
ATOM   86  N  NH2 . ARG A 1 14 ? -14.487 -11.268 1.596   1.00 38.80 ? 29  ARG A NH2 1 
ATOM   87  N  N   . PRO A 1 15 ? -9.450  -6.521  -0.022  1.00 21.21 ? 30  PRO A N   1 
ATOM   88  C  CA  . PRO A 1 15 ? -8.843  -5.866  -1.185  1.00 20.62 ? 30  PRO A CA  1 
ATOM   89  C  C   . PRO A 1 15 ? -9.578  -6.066  -2.514  1.00 19.62 ? 30  PRO A C   1 
ATOM   90  O  O   . PRO A 1 15 ? -10.051 -7.173  -2.813  1.00 19.98 ? 30  PRO A O   1 
ATOM   91  C  CB  . PRO A 1 15 ? -7.454  -6.529  -1.266  1.00 20.87 ? 30  PRO A CB  1 
ATOM   92  C  CG  . PRO A 1 15 ? -7.149  -6.867  0.146   1.00 22.26 ? 30  PRO A CG  1 
ATOM   93  C  CD  . PRO A 1 15 ? -8.471  -7.348  0.707   1.00 21.76 ? 30  PRO A CD  1 
ATOM   94  N  N   . LYS A 1 16 ? -9.635  -5.005  -3.315  1.00 19.28 ? 31  LYS A N   1 
ATOM   95  C  CA  . LYS A 1 16 ? -10.096 -5.078  -4.706  1.00 19.28 ? 31  LYS A CA  1 
ATOM   96  C  C   . LYS A 1 16 ? -9.039  -5.794  -5.548  1.00 19.97 ? 31  LYS A C   1 
ATOM   97  O  O   . LYS A 1 16 ? -7.938  -6.022  -5.058  1.00 19.56 ? 31  LYS A O   1 
ATOM   98  C  CB  . LYS A 1 16 ? -10.399 -3.686  -5.249  1.00 20.09 ? 31  LYS A CB  1 
ATOM   99  C  CG  . LYS A 1 16 ? -11.597 -3.052  -4.558  1.00 19.40 ? 31  LYS A CG  1 
ATOM   100 C  CD  . LYS A 1 16 ? -11.820 -1.638  -4.996  1.00 20.42 ? 31  LYS A CD  1 
ATOM   101 C  CE  . LYS A 1 16 ? -12.929 -0.993  -4.164  1.00 20.14 ? 31  LYS A CE  1 
ATOM   102 N  NZ  . LYS A 1 16 ? -13.238 0.400   -4.607  1.00 22.50 ? 31  LYS A NZ  1 
ATOM   103 N  N   . PRO A 1 17 ? -9.373  -6.173  -6.799  1.00 20.40 ? 32  PRO A N   1 
ATOM   104 C  CA  . PRO A 1 17 ? -8.456  -7.071  -7.529  1.00 20.61 ? 32  PRO A CA  1 
ATOM   105 C  C   . PRO A 1 17 ? -7.010  -6.595  -7.719  1.00 20.36 ? 32  PRO A C   1 
ATOM   106 O  O   . PRO A 1 17 ? -6.077  -7.418  -7.537  1.00 20.36 ? 32  PRO A O   1 
ATOM   107 C  CB  . PRO A 1 17 ? -9.151  -7.238  -8.883  1.00 21.03 ? 32  PRO A CB  1 
ATOM   108 C  CG  . PRO A 1 17 ? -10.597 -7.179  -8.525  1.00 21.61 ? 32  PRO A CG  1 
ATOM   109 C  CD  . PRO A 1 17 ? -10.693 -6.105  -7.459  1.00 20.74 ? 32  PRO A CD  1 
ATOM   110 N  N   . LEU A 1 18 ? -6.804  -5.321  -8.059  1.00 20.34 ? 33  LEU A N   1 
ATOM   111 C  CA  . LEU A 1 18 ? -5.443  -4.816  -8.281  1.00 19.96 ? 33  LEU A CA  1 
ATOM   112 C  C   . LEU A 1 18 ? -4.635  -4.865  -6.987  1.00 19.45 ? 33  LEU A C   1 
ATOM   113 O  O   . LEU A 1 18 ? -3.489  -5.323  -6.975  1.00 18.58 ? 33  LEU A O   1 
ATOM   114 C  CB  . LEU A 1 18 ? -5.413  -3.402  -8.888  1.00 21.37 ? 33  LEU A CB  1 
ATOM   115 C  CG  . LEU A 1 18 ? -4.021  -2.925  -9.335  1.00 23.64 ? 33  LEU A CG  1 
ATOM   116 C  CD1 . LEU A 1 18 ? -3.463  -3.899  -10.385 1.00 27.17 ? 33  LEU A CD1 1 
ATOM   117 C  CD2 . LEU A 1 18 ? -4.027  -1.491  -9.856  1.00 27.49 ? 33  LEU A CD2 1 
ATOM   118 N  N   . LEU A 1 19 ? -5.226  -4.396  -5.894  1.00 18.02 ? 34  LEU A N   1 
ATOM   119 C  CA  . LEU A 1 19 ? -4.535  -4.482  -4.609  1.00 17.48 ? 34  LEU A CA  1 
ATOM   120 C  C   . LEU A 1 19 ? -4.196  -5.920  -4.254  1.00 18.19 ? 34  LEU A C   1 
ATOM   121 O  O   . LEU A 1 19 ? -3.051  -6.211  -3.875  1.00 17.85 ? 34  LEU A O   1 
ATOM   122 C  CB  . LEU A 1 19 ? -5.331  -3.792  -3.488  1.00 17.12 ? 34  LEU A CB  1 
ATOM   123 C  CG  . LEU A 1 19 ? -4.691  -3.865  -2.094  1.00 16.50 ? 34  LEU A CG  1 
ATOM   124 C  CD1 . LEU A 1 19 ? -3.306  -3.211  -2.129  1.00 17.50 ? 34  LEU A CD1 1 
ATOM   125 C  CD2 . LEU A 1 19 ? -5.576  -3.238  -1.003  1.00 18.63 ? 34  LEU A CD2 1 
ATOM   126 N  N   . LEU A 1 20 ? -5.173  -6.812  -4.396  1.00 18.83 ? 35  LEU A N   1 
ATOM   127 C  CA  . LEU A 1 20 ? -4.944  -8.217  -4.114  1.00 19.33 ? 35  LEU A CA  1 
ATOM   128 C  C   . LEU A 1 20 ? -3.777  -8.776  -4.934  1.00 19.41 ? 35  LEU A C   1 
ATOM   129 O  O   . LEU A 1 20 ? -2.934  -9.512  -4.386  1.00 19.93 ? 35  LEU A O   1 
ATOM   130 C  CB  . LEU A 1 20 ? -6.216  -9.029  -4.335  1.00 20.54 ? 35  LEU A CB  1 
ATOM   131 C  CG  . LEU A 1 20 ? -6.097  -10.485 -3.880  1.00 22.78 ? 35  LEU A CG  1 
ATOM   132 C  CD1 . LEU A 1 20 ? -5.813  -10.605 -2.387  1.00 25.57 ? 35  LEU A CD1 1 
ATOM   133 C  CD2 . LEU A 1 20 ? -7.376  -11.213 -4.253  1.00 24.74 ? 35  LEU A CD2 1 
ATOM   134 N  N   . LYS A 1 21 ? -3.727  -8.413  -6.217  1.00 18.75 ? 36  LYS A N   1 
ATOM   135 C  CA  . LYS A 1 21 ? -2.627  -8.822  -7.107  1.00 18.46 ? 36  LYS A CA  1 
ATOM   136 C  C   . LYS A 1 21 ? -1.267  -8.435  -6.516  1.00 17.98 ? 36  LYS A C   1 
ATOM   137 O  O   . LYS A 1 21 ? -0.348  -9.275  -6.429  1.00 18.07 ? 36  LYS A O   1 
ATOM   138 C  CB  . LYS A 1 21 ? -2.812  -8.202  -8.483  1.00 18.67 ? 36  LYS A CB  1 
ATOM   139 C  CG  . LYS A 1 21 ? -1.724  -8.558  -9.499  1.00 20.89 ? 36  LYS A CG  1 
ATOM   140 C  CD  . LYS A 1 21 ? -2.044  -7.931  -10.842 1.00 22.38 ? 36  LYS A CD  1 
ATOM   141 C  CE  . LYS A 1 21 ? -0.939  -8.115  -11.864 1.00 23.96 ? 36  LYS A CE  1 
ATOM   142 N  NZ  . LYS A 1 21 ? -0.795  -9.562  -12.224 1.00 25.14 ? 36  LYS A NZ  1 
ATOM   143 N  N   . LEU A 1 22 ? -1.126  -7.171  -6.117  1.00 17.26 ? 37  LEU A N   1 
ATOM   144 C  CA  A LEU A 1 22 ? 0.101   -6.689  -5.503  0.50 17.11 ? 37  LEU A CA  1 
ATOM   145 C  CA  B LEU A 1 22 ? 0.123   -6.721  -5.526  0.50 17.12 ? 37  LEU A CA  1 
ATOM   146 C  C   . LEU A 1 22 ? 0.412   -7.442  -4.212  1.00 16.94 ? 37  LEU A C   1 
ATOM   147 O  O   . LEU A 1 22 ? 1.551   -7.858  -3.978  1.00 16.94 ? 37  LEU A O   1 
ATOM   148 C  CB  A LEU A 1 22 ? 0.005   -5.185  -5.233  0.50 17.00 ? 37  LEU A CB  1 
ATOM   149 C  CB  B LEU A 1 22 ? 0.149   -5.202  -5.338  0.50 17.07 ? 37  LEU A CB  1 
ATOM   150 C  CG  A LEU A 1 22 ? 1.317   -4.456  -4.949  0.50 17.93 ? 37  LEU A CG  1 
ATOM   151 C  CG  B LEU A 1 22 ? -0.035  -4.328  -6.586  0.50 17.77 ? 37  LEU A CG  1 
ATOM   152 C  CD1 A LEU A 1 22 ? 1.281   -3.020  -5.469  0.50 16.82 ? 37  LEU A CD1 1 
ATOM   153 C  CD1 B LEU A 1 22 ? 0.325   -2.891  -6.244  0.50 18.51 ? 37  LEU A CD1 1 
ATOM   154 C  CD2 A LEU A 1 22 ? 1.650   -4.503  -3.475  0.50 18.18 ? 37  LEU A CD2 1 
ATOM   155 C  CD2 B LEU A 1 22 ? 0.766   -4.806  -7.780  0.50 17.58 ? 37  LEU A CD2 1 
ATOM   156 N  N   . LEU A 1 23 ? -0.609  -7.599  -3.363  1.00 16.80 ? 38  LEU A N   1 
ATOM   157 C  CA  . LEU A 1 23 ? -0.417  -8.234  -2.050  1.00 17.23 ? 38  LEU A CA  1 
ATOM   158 C  C   . LEU A 1 23 ? 0.084   -9.657  -2.184  1.00 18.16 ? 38  LEU A C   1 
ATOM   159 O  O   . LEU A 1 23 ? 0.901   -10.102 -1.371  1.00 18.52 ? 38  LEU A O   1 
ATOM   160 C  CB  . LEU A 1 23 ? -1.703  -8.196  -1.211  1.00 16.66 ? 38  LEU A CB  1 
ATOM   161 C  CG  . LEU A 1 23 ? -2.158  -6.813  -0.708  1.00 14.99 ? 38  LEU A CG  1 
ATOM   162 C  CD1 . LEU A 1 23 ? -3.523  -6.941  -0.020  1.00 16.86 ? 38  LEU A CD1 1 
ATOM   163 C  CD2 . LEU A 1 23 ? -1.179  -6.188  0.274   1.00 16.89 ? 38  LEU A CD2 1 
ATOM   164 N  N   . LYS A 1 24 ? -0.391  -10.347 -3.217  1.00 19.62 ? 39  LYS A N   1 
ATOM   165 C  CA  . LYS A 1 24 ? 0.000   -11.738 -3.484  1.00 20.35 ? 39  LYS A CA  1 
ATOM   166 C  C   . LYS A 1 24 ? 1.464   -11.894 -3.867  1.00 20.08 ? 39  LYS A C   1 
ATOM   167 O  O   . LYS A 1 24 ? 1.991   -13.007 -3.819  1.00 20.23 ? 39  LYS A O   1 
ATOM   168 C  CB  . LYS A 1 24 ? -0.864  -12.331 -4.592  1.00 21.46 ? 39  LYS A CB  1 
ATOM   169 C  CG  . LYS A 1 24 ? -2.215  -12.817 -4.121  1.00 24.92 ? 39  LYS A CG  1 
ATOM   170 C  CD  . LYS A 1 24 ? -3.154  -13.065 -5.303  1.00 28.45 ? 39  LYS A CD  1 
ATOM   171 C  CE  . LYS A 1 24 ? -2.644  -14.126 -6.281  1.00 30.82 ? 39  LYS A CE  1 
ATOM   172 N  NZ  . LYS A 1 24 ? -1.809  -13.533 -7.377  1.00 31.88 ? 39  LYS A NZ  1 
ATOM   173 N  N   . SER A 1 25 ? 2.126   -10.805 -4.251  1.00 19.72 ? 40  SER A N   1 
ATOM   174 C  CA  . SER A 1 25 ? 3.567   -10.874 -4.560  1.00 19.84 ? 40  SER A CA  1 
ATOM   175 C  C   . SER A 1 25 ? 4.458   -10.687 -3.329  1.00 19.57 ? 40  SER A C   1 
ATOM   176 O  O   . SER A 1 25 ? 5.700   -10.768 -3.419  1.00 19.63 ? 40  SER A O   1 
ATOM   177 C  CB  . SER A 1 25 ? 3.941   -9.856  -5.642  1.00 20.38 ? 40  SER A CB  1 
ATOM   178 O  OG  . SER A 1 25 ? 3.800   -8.532  -5.158  1.00 21.98 ? 40  SER A OG  1 
ATOM   179 N  N   . VAL A 1 26 ? 3.844   -10.442 -2.176  1.00 19.49 ? 41  VAL A N   1 
ATOM   180 C  CA  . VAL A 1 26 ? 4.616   -10.228 -0.943  1.00 20.85 ? 41  VAL A CA  1 
ATOM   181 C  C   . VAL A 1 26 ? 4.096   -10.979 0.288   1.00 21.63 ? 41  VAL A C   1 
ATOM   182 O  O   . VAL A 1 26 ? 4.804   -11.076 1.293   1.00 22.00 ? 41  VAL A O   1 
ATOM   183 C  CB  . VAL A 1 26 ? 4.765   -8.722  -0.593  1.00 20.79 ? 41  VAL A CB  1 
ATOM   184 C  CG1 . VAL A 1 26 ? 5.757   -8.033  -1.523  1.00 21.70 ? 41  VAL A CG1 1 
ATOM   185 C  CG2 . VAL A 1 26 ? 3.427   -8.026  -0.606  1.00 21.23 ? 41  VAL A CG2 1 
ATOM   186 N  N   . GLY A 1 27 ? 2.867   -11.480 0.222   1.00 21.73 ? 42  GLY A N   1 
ATOM   187 C  CA  . GLY A 1 27 ? 2.251   -12.158 1.368   1.00 23.17 ? 42  GLY A CA  1 
ATOM   188 C  C   . GLY A 1 27 ? 1.253   -13.213 0.948   1.00 24.46 ? 42  GLY A C   1 
ATOM   189 O  O   . GLY A 1 27 ? 0.906   -13.307 -0.222  1.00 23.80 ? 42  GLY A O   1 
ATOM   190 N  N   . ALA A 1 28 ? 0.782   -14.002 1.917   1.00 25.98 ? 43  ALA A N   1 
ATOM   191 C  CA  . ALA A 1 28 ? -0.157  -15.085 1.638   1.00 27.91 ? 43  ALA A CA  1 
ATOM   192 C  C   . ALA A 1 28 ? -1.554  -14.557 1.321   1.00 28.73 ? 43  ALA A C   1 
ATOM   193 O  O   . ALA A 1 28 ? -1.982  -13.549 1.890   1.00 29.81 ? 43  ALA A O   1 
ATOM   194 C  CB  . ALA A 1 28 ? -0.196  -16.080 2.813   1.00 27.88 ? 43  ALA A CB  1 
ATOM   195 N  N   . GLN A 1 29 ? -2.246  -15.240 0.414   1.00 29.99 ? 44  GLN A N   1 
ATOM   196 C  CA  . GLN A 1 29 ? -3.572  -14.840 -0.056  1.00 30.95 ? 44  GLN A CA  1 
ATOM   197 C  C   . GLN A 1 29 ? -4.668  -15.321 0.890   1.00 31.16 ? 44  GLN A C   1 
ATOM   198 O  O   . GLN A 1 29 ? -5.034  -16.504 0.877   1.00 31.32 ? 44  GLN A O   1 
ATOM   199 C  CB  . GLN A 1 29 ? -3.815  -15.365 -1.480  1.00 31.48 ? 44  GLN A CB  1 
ATOM   200 C  CG  . GLN A 1 29 ? -5.121  -14.903 -2.148  1.00 34.57 ? 44  GLN A CG  1 
ATOM   201 C  CD  . GLN A 1 29 ? -5.225  -15.319 -3.620  1.00 36.44 ? 44  GLN A CD  1 
ATOM   202 O  OE1 . GLN A 1 29 ? -4.362  -16.030 -4.145  1.00 39.82 ? 44  GLN A OE1 1 
ATOM   203 N  NE2 . GLN A 1 29 ? -6.288  -14.875 -4.290  1.00 37.97 ? 44  GLN A NE2 1 
ATOM   204 N  N   . LYS A 1 30 ? -5.163  -14.407 1.722   1.00 30.64 ? 45  LYS A N   1 
ATOM   205 C  CA  . LYS A 1 30 ? -6.340  -14.655 2.561   1.00 30.27 ? 45  LYS A CA  1 
ATOM   206 C  C   . LYS A 1 30 ? -7.443  -13.664 2.196   1.00 30.47 ? 45  LYS A C   1 
ATOM   207 O  O   . LYS A 1 30 ? -7.192  -12.704 1.475   1.00 29.91 ? 45  LYS A O   1 
ATOM   208 C  CB  . LYS A 1 30 ? -6.009  -14.632 4.065   1.00 30.80 ? 45  LYS A CB  1 
ATOM   209 C  CG  . LYS A 1 30 ? -5.448  -13.347 4.632   1.00 30.15 ? 45  LYS A CG  1 
ATOM   210 C  CD  . LYS A 1 30 ? -5.342  -13.470 6.138   1.00 31.72 ? 45  LYS A CD  1 
ATOM   211 C  CE  . LYS A 1 30 ? -4.465  -12.385 6.726   1.00 29.75 ? 45  LYS A CE  1 
ATOM   212 N  NZ  . LYS A 1 30 ? -4.475  -12.450 8.210   1.00 31.55 ? 45  LYS A NZ  1 
ATOM   213 N  N   . ASP A 1 31 ? -8.663  -13.915 2.667   1.00 30.21 ? 46  ASP A N   1 
ATOM   214 C  CA  . ASP A 1 31 ? -9.817  -13.127 2.238   1.00 30.29 ? 46  ASP A CA  1 
ATOM   215 C  C   . ASP A 1 31 ? -9.858  -11.742 2.880   1.00 29.59 ? 46  ASP A C   1 
ATOM   216 O  O   . ASP A 1 31 ? -10.155 -10.751 2.223   1.00 30.16 ? 46  ASP A O   1 
ATOM   217 C  CB  . ASP A 1 31 ? -11.128 -13.888 2.488   1.00 30.53 ? 46  ASP A CB  1 
ATOM   218 C  CG  . ASP A 1 31 ? -11.379 -14.986 1.455   1.00 31.60 ? 46  ASP A CG  1 
ATOM   219 O  OD1 . ASP A 1 31 ? -12.558 -15.305 1.193   1.00 32.40 ? 46  ASP A OD1 1 
ATOM   220 O  OD2 . ASP A 1 31 ? -10.398 -15.532 0.893   1.00 33.96 ? 46  ASP A OD2 1 
ATOM   221 N  N   . THR A 1 32 ? -9.554  -11.685 4.167   1.00 29.68 ? 47  THR A N   1 
ATOM   222 C  CA  . THR A 1 32 ? -9.675  -10.436 4.914   1.00 29.37 ? 47  THR A CA  1 
ATOM   223 C  C   . THR A 1 32 ? -8.332  -10.086 5.536   1.00 28.68 ? 47  THR A C   1 
ATOM   224 O  O   . THR A 1 32 ? -7.697  -10.940 6.156   1.00 29.37 ? 47  THR A O   1 
ATOM   225 C  CB  . THR A 1 32 ? -10.774 -10.560 5.990   1.00 29.32 ? 47  THR A CB  1 
ATOM   226 O  OG1 . THR A 1 32 ? -12.029 -10.843 5.350   1.00 31.86 ? 47  THR A OG1 1 
ATOM   227 C  CG2 . THR A 1 32 ? -10.916 -9.269  6.813   1.00 30.02 ? 47  THR A CG2 1 
ATOM   228 N  N   . TYR A 1 33 ? -7.900  -8.836  5.348   1.00 27.17 ? 48  TYR A N   1 
ATOM   229 C  CA  . TYR A 1 33 ? -6.668  -8.331  5.950   1.00 25.90 ? 48  TYR A CA  1 
ATOM   230 C  C   . TYR A 1 33 ? -6.986  -7.224  6.925   1.00 25.73 ? 48  TYR A C   1 
ATOM   231 O  O   . TYR A 1 33 ? -8.016  -6.555  6.785   1.00 26.44 ? 48  TYR A O   1 
ATOM   232 C  CB  . TYR A 1 33 ? -5.732  -7.767  4.878   1.00 25.55 ? 48  TYR A CB  1 
ATOM   233 C  CG  . TYR A 1 33 ? -5.235  -8.788  3.888   1.00 24.27 ? 48  TYR A CG  1 
ATOM   234 C  CD1 . TYR A 1 33 ? -5.986  -9.118  2.768   1.00 23.40 ? 48  TYR A CD1 1 
ATOM   235 C  CD2 . TYR A 1 33 ? -3.998  -9.413  4.064   1.00 24.45 ? 48  TYR A CD2 1 
ATOM   236 C  CE1 . TYR A 1 33 ? -5.546  -10.050 1.852   1.00 22.76 ? 48  TYR A CE1 1 
ATOM   237 C  CE2 . TYR A 1 33 ? -3.545  -10.356 3.150   1.00 23.68 ? 48  TYR A CE2 1 
ATOM   238 C  CZ  . TYR A 1 33 ? -4.318  -10.663 2.049   1.00 23.77 ? 48  TYR A CZ  1 
ATOM   239 O  OH  . TYR A 1 33 ? -3.887  -11.587 1.128   1.00 23.29 ? 48  TYR A OH  1 
ATOM   240 N  N   . THR A 1 34 ? -6.102  -7.021  7.894   1.00 24.23 ? 49  THR A N   1 
ATOM   241 C  CA  . THR A 1 34 ? -6.138  -5.812  8.716   1.00 23.44 ? 49  THR A CA  1 
ATOM   242 C  C   . THR A 1 34 ? -5.397  -4.716  7.961   1.00 22.32 ? 49  THR A C   1 
ATOM   243 O  O   . THR A 1 34 ? -4.561  -4.995  7.091   1.00 21.85 ? 49  THR A O   1 
ATOM   244 C  CB  . THR A 1 34 ? -5.462  -5.996  10.094  1.00 23.97 ? 49  THR A CB  1 
ATOM   245 O  OG1 . THR A 1 34 ? -4.084  -6.331  9.899   1.00 24.32 ? 49  THR A OG1 1 
ATOM   246 C  CG2 . THR A 1 34 ? -6.145  -7.091  10.932  1.00 24.86 ? 49  THR A CG2 1 
ATOM   247 N  N   . MET A 1 35 ? -5.687  -3.461  8.286   1.00 20.89 ? 50  MET A N   1 
ATOM   248 C  CA  . MET A 1 35 ? -4.921  -2.370  7.707   1.00 19.94 ? 50  MET A CA  1 
ATOM   249 C  C   . MET A 1 35 ? -3.438  -2.444  8.102   1.00 19.55 ? 50  MET A C   1 
ATOM   250 O  O   . MET A 1 35 ? -2.564  -2.069  7.311   1.00 19.06 ? 50  MET A O   1 
ATOM   251 C  CB  . MET A 1 35 ? -5.554  -1.012  8.036   1.00 20.04 ? 50  MET A CB  1 
ATOM   252 C  CG  . MET A 1 35 ? -6.714  -0.661  7.104   1.00 20.88 ? 50  MET A CG  1 
ATOM   253 S  SD  . MET A 1 35 ? -6.232  -0.598  5.347   1.00 25.47 ? 50  MET A SD  1 
ATOM   254 C  CE  . MET A 1 35 ? -4.872  0.512   5.466   1.00 17.51 ? 50  MET A CE  1 
ATOM   255 N  N   . LYS A 1 36 ? -3.154  -2.967  9.295   1.00 19.57 ? 51  LYS A N   1 
ATOM   256 C  CA  . LYS A 1 36 ? -1.776  -3.230  9.714   1.00 19.72 ? 51  LYS A CA  1 
ATOM   257 C  C   . LYS A 1 36 ? -1.095  -4.137  8.696   1.00 19.46 ? 51  LYS A C   1 
ATOM   258 O  O   . LYS A 1 36 ? 0.030   -3.847  8.251   1.00 19.43 ? 51  LYS A O   1 
ATOM   259 C  CB  . LYS A 1 36 ? -1.732  -3.874  11.107  1.00 20.16 ? 51  LYS A CB  1 
ATOM   260 C  CG  . LYS A 1 36 ? -0.324  -4.292  11.542  1.00 21.91 ? 51  LYS A CG  1 
ATOM   261 C  CD  . LYS A 1 36 ? -0.283  -4.521  13.040  1.00 25.61 ? 51  LYS A CD  1 
ATOM   262 C  CE  . LYS A 1 36 ? 1.098   -4.929  13.522  1.00 27.64 ? 51  LYS A CE  1 
ATOM   263 N  NZ  . LYS A 1 36 ? 0.983   -5.468  14.906  1.00 30.44 ? 51  LYS A NZ  1 
ATOM   264 N  N   . GLU A 1 37 ? -1.770  -5.227  8.335   1.00 18.94 ? 52  GLU A N   1 
ATOM   265 C  CA  . GLU A 1 37 ? -1.257  -6.142  7.308   1.00 19.06 ? 52  GLU A CA  1 
ATOM   266 C  C   . GLU A 1 37 ? -1.058  -5.466  5.952   1.00 18.36 ? 52  GLU A C   1 
ATOM   267 O  O   . GLU A 1 37 ? 0.012   -5.591  5.358   1.00 17.71 ? 52  GLU A O   1 
ATOM   268 C  CB  . GLU A 1 37 ? -2.154  -7.364  7.161   1.00 19.62 ? 52  GLU A CB  1 
ATOM   269 C  CG  . GLU A 1 37 ? -2.020  -8.325  8.320   1.00 22.71 ? 52  GLU A CG  1 
ATOM   270 C  CD  . GLU A 1 37 ? -2.982  -9.473  8.228   1.00 26.62 ? 52  GLU A CD  1 
ATOM   271 O  OE1 . GLU A 1 37 ? -4.190  -9.231  8.027   1.00 26.01 ? 52  GLU A OE1 1 
ATOM   272 O  OE2 . GLU A 1 37 ? -2.522  -10.629 8.350   1.00 29.26 ? 52  GLU A OE2 1 
ATOM   273 N  N   . VAL A 1 38 ? -2.085  -4.761  5.460   1.00 17.24 ? 53  VAL A N   1 
ATOM   274 C  CA  . VAL A 1 38 ? -2.007  -4.113  4.142   1.00 17.33 ? 53  VAL A CA  1 
ATOM   275 C  C   . VAL A 1 38 ? -0.838  -3.126  4.073   1.00 16.26 ? 53  VAL A C   1 
ATOM   276 O  O   . VAL A 1 38 ? -0.075  -3.127  3.091   1.00 16.61 ? 53  VAL A O   1 
ATOM   277 C  CB  . VAL A 1 38 ? -3.334  -3.404  3.737   1.00 17.18 ? 53  VAL A CB  1 
ATOM   278 C  CG1 . VAL A 1 38 ? -3.129  -2.587  2.463   1.00 18.22 ? 53  VAL A CG1 1 
ATOM   279 C  CG2 . VAL A 1 38 ? -4.442  -4.429  3.544   1.00 17.38 ? 53  VAL A CG2 1 
ATOM   280 N  N   . LEU A 1 39 ? -0.702  -2.274  5.091   1.00 16.86 ? 54  LEU A N   1 
ATOM   281 C  CA  A LEU A 1 39 ? 0.407   -1.322  5.159   0.50 16.36 ? 54  LEU A CA  1 
ATOM   282 C  CA  B LEU A 1 39 ? 0.409   -1.320  5.128   0.50 16.45 ? 54  LEU A CA  1 
ATOM   283 C  C   . LEU A 1 39 ? 1.751   -2.037  5.145   1.00 16.35 ? 54  LEU A C   1 
ATOM   284 O  O   . LEU A 1 39 ? 2.678   -1.633  4.432   1.00 16.51 ? 54  LEU A O   1 
ATOM   285 C  CB  A LEU A 1 39 ? 0.310   -0.476  6.431   0.50 16.77 ? 54  LEU A CB  1 
ATOM   286 C  CB  B LEU A 1 39 ? 0.310   -0.363  6.326   0.50 16.97 ? 54  LEU A CB  1 
ATOM   287 C  CG  A LEU A 1 39 ? -0.766  0.598   6.491   0.50 16.52 ? 54  LEU A CG  1 
ATOM   288 C  CG  B LEU A 1 39 ? -0.352  1.000   6.103   0.50 17.11 ? 54  LEU A CG  1 
ATOM   289 C  CD1 A LEU A 1 39 ? -0.917  1.065   7.926   0.50 17.12 ? 54  LEU A CD1 1 
ATOM   290 C  CD1 B LEU A 1 39 ? 0.451   1.876   5.157   0.50 17.55 ? 54  LEU A CD1 1 
ATOM   291 C  CD2 A LEU A 1 39 ? -0.385  1.755   5.601   0.50 16.12 ? 54  LEU A CD2 1 
ATOM   292 C  CD2 B LEU A 1 39 ? -1.751  0.814   5.593   0.50 18.83 ? 54  LEU A CD2 1 
ATOM   293 N  N   . PHE A 1 40 ? 1.870   -3.088  5.953   1.00 16.62 ? 55  PHE A N   1 
ATOM   294 C  CA  . PHE A 1 40 ? 3.130   -3.813  5.981   1.00 16.41 ? 55  PHE A CA  1 
ATOM   295 C  C   . PHE A 1 40 ? 3.496   -4.423  4.628   1.00 16.23 ? 55  PHE A C   1 
ATOM   296 O  O   . PHE A 1 40 ? 4.644   -4.281  4.161   1.00 16.65 ? 55  PHE A O   1 
ATOM   297 C  CB  . PHE A 1 40 ? 3.160   -4.905  7.051   1.00 16.06 ? 55  PHE A CB  1 
ATOM   298 C  CG  . PHE A 1 40 ? 4.368   -5.808  6.931   1.00 16.34 ? 55  PHE A CG  1 
ATOM   299 C  CD1 . PHE A 1 40 ? 5.606   -5.388  7.419   1.00 17.83 ? 55  PHE A CD1 1 
ATOM   300 C  CD2 . PHE A 1 40 ? 4.270   -7.044  6.305   1.00 16.08 ? 55  PHE A CD2 1 
ATOM   301 C  CE1 . PHE A 1 40 ? 6.726   -6.214  7.297   1.00 17.81 ? 55  PHE A CE1 1 
ATOM   302 C  CE2 . PHE A 1 40 ? 5.388   -7.869  6.171   1.00 18.53 ? 55  PHE A CE2 1 
ATOM   303 C  CZ  . PHE A 1 40 ? 6.610   -7.445  6.672   1.00 17.03 ? 55  PHE A CZ  1 
ATOM   304 N  N   . TYR A 1 41 ? 2.535   -5.106  4.002   1.00 15.78 ? 56  TYR A N   1 
ATOM   305 C  CA  . TYR A 1 41 ? 2.793   -5.789  2.730   1.00 15.08 ? 56  TYR A CA  1 
ATOM   306 C  C   . TYR A 1 41 ? 3.080   -4.794  1.610   1.00 14.60 ? 56  TYR A C   1 
ATOM   307 O  O   . TYR A 1 41 ? 4.012   -5.013  0.806   1.00 13.87 ? 56  TYR A O   1 
ATOM   308 C  CB  . TYR A 1 41 ? 1.664   -6.754  2.348   1.00 15.16 ? 56  TYR A CB  1 
ATOM   309 C  CG  . TYR A 1 41 ? 1.600   -7.970  3.239   1.00 15.48 ? 56  TYR A CG  1 
ATOM   310 C  CD1 . TYR A 1 41 ? 2.710   -8.800  3.390   1.00 17.45 ? 56  TYR A CD1 1 
ATOM   311 C  CD2 . TYR A 1 41 ? 0.431   -8.302  3.924   1.00 18.49 ? 56  TYR A CD2 1 
ATOM   312 C  CE1 . TYR A 1 41 ? 2.654   -9.920  4.202   1.00 18.89 ? 56  TYR A CE1 1 
ATOM   313 C  CE2 . TYR A 1 41 ? 0.370   -9.427  4.732   1.00 19.20 ? 56  TYR A CE2 1 
ATOM   314 C  CZ  . TYR A 1 41 ? 1.487   -10.223 4.862   1.00 19.79 ? 56  TYR A CZ  1 
ATOM   315 O  OH  . TYR A 1 41 ? 1.415   -11.337 5.662   1.00 20.46 ? 56  TYR A OH  1 
ATOM   316 N  N   . LEU A 1 42 ? 2.330   -3.693  1.561   1.00 14.33 ? 57  LEU A N   1 
ATOM   317 C  CA  . LEU A 1 42 ? 2.641   -2.659  0.567   1.00 14.17 ? 57  LEU A CA  1 
ATOM   318 C  C   . LEU A 1 42 ? 4.010   -2.036  0.826   1.00 13.94 ? 57  LEU A C   1 
ATOM   319 O  O   . LEU A 1 42 ? 4.736   -1.747  -0.111  1.00 13.54 ? 57  LEU A O   1 
ATOM   320 C  CB  . LEU A 1 42 ? 1.575   -1.556  0.542   1.00 14.50 ? 57  LEU A CB  1 
ATOM   321 C  CG  . LEU A 1 42 ? 0.249   -1.932  -0.108  1.00 14.53 ? 57  LEU A CG  1 
ATOM   322 C  CD1 . LEU A 1 42 ? -0.737  -0.820  0.190   1.00 16.07 ? 57  LEU A CD1 1 
ATOM   323 C  CD2 . LEU A 1 42 ? 0.412   -2.091  -1.590  1.00 18.95 ? 57  LEU A CD2 1 
ATOM   324 N  N   . GLY A 1 43 ? 4.345   -1.822  2.098   1.00 14.16 ? 58  GLY A N   1 
ATOM   325 C  CA  . GLY A 1 43 ? 5.660   -1.312  2.479   1.00 13.41 ? 58  GLY A CA  1 
ATOM   326 C  C   . GLY A 1 43 ? 6.749   -2.274  2.033   1.00 13.95 ? 58  GLY A C   1 
ATOM   327 O  O   . GLY A 1 43 ? 7.752   -1.842  1.470   1.00 14.14 ? 58  GLY A O   1 
ATOM   328 N  N   . GLN A 1 44 ? 6.532   -3.572  2.241   1.00 14.23 ? 59  GLN A N   1 
ATOM   329 C  CA  . GLN A 1 44 ? 7.506   -4.598  1.854   1.00 16.14 ? 59  GLN A CA  1 
ATOM   330 C  C   . GLN A 1 44 ? 7.700   -4.619  0.347   1.00 15.44 ? 59  GLN A C   1 
ATOM   331 O  O   . GLN A 1 44 ? 8.812   -4.788  -0.137  1.00 16.22 ? 59  GLN A O   1 
ATOM   332 C  CB  . GLN A 1 44 ? 7.072   -5.978  2.328   1.00 16.75 ? 59  GLN A CB  1 
ATOM   333 C  CG  . GLN A 1 44 ? 8.193   -7.005  2.327   1.00 19.75 ? 59  GLN A CG  1 
ATOM   334 C  CD  . GLN A 1 44 ? 9.427   -6.532  3.091   1.00 22.07 ? 59  GLN A CD  1 
ATOM   335 O  OE1 . GLN A 1 44 ? 9.469   -6.585  4.311   1.00 26.59 ? 59  GLN A OE1 1 
ATOM   336 N  NE2 . GLN A 1 44 ? 10.419  -6.050  2.368   1.00 23.59 ? 59  GLN A NE2 1 
ATOM   337 N  N   . TYR A 1 45 ? 6.600   -4.454  -0.388  1.00 14.44 ? 60  TYR A N   1 
ATOM   338 C  CA  . TYR A 1 45 ? 6.622   -4.369  -1.843  1.00 13.79 ? 60  TYR A CA  1 
ATOM   339 C  C   . TYR A 1 45 ? 7.534   -3.227  -2.326  1.00 13.95 ? 60  TYR A C   1 
ATOM   340 O  O   . TYR A 1 45 ? 8.418   -3.418  -3.173  1.00 15.11 ? 60  TYR A O   1 
ATOM   341 C  CB  . TYR A 1 45 ? 5.168   -4.184  -2.350  1.00 13.61 ? 60  TYR A CB  1 
ATOM   342 C  CG  . TYR A 1 45 ? 5.046   -4.079  -3.856  1.00 11.74 ? 60  TYR A CG  1 
ATOM   343 C  CD1 . TYR A 1 45 ? 4.889   -5.229  -4.657  1.00 11.40 ? 60  TYR A CD1 1 
ATOM   344 C  CD2 . TYR A 1 45 ? 5.052   -2.827  -4.491  1.00 11.61 ? 60  TYR A CD2 1 
ATOM   345 C  CE1 . TYR A 1 45 ? 4.769   -5.120  -6.055  1.00 11.00 ? 60  TYR A CE1 1 
ATOM   346 C  CE2 . TYR A 1 45 ? 4.935   -2.720  -5.892  1.00 11.66 ? 60  TYR A CE2 1 
ATOM   347 C  CZ  . TYR A 1 45 ? 4.787   -3.878  -6.666  1.00 11.23 ? 60  TYR A CZ  1 
ATOM   348 O  OH  . TYR A 1 45 ? 4.670   -3.771  -8.037  1.00 13.46 ? 60  TYR A OH  1 
ATOM   349 N  N   . ILE A 1 46 ? 7.317   -2.038  -1.771  1.00 13.43 ? 61  ILE A N   1 
ATOM   350 C  CA  . ILE A 1 46 ? 8.119   -0.849  -2.077  1.00 13.14 ? 61  ILE A CA  1 
ATOM   351 C  C   . ILE A 1 46 ? 9.598   -1.091  -1.763  1.00 14.40 ? 61  ILE A C   1 
ATOM   352 O  O   . ILE A 1 46 ? 10.478  -0.792  -2.587  1.00 14.91 ? 61  ILE A O   1 
ATOM   353 C  CB  . ILE A 1 46 ? 7.587   0.339   -1.268  1.00 13.38 ? 61  ILE A CB  1 
ATOM   354 C  CG1 . ILE A 1 46 ? 6.215   0.741   -1.817  1.00 12.43 ? 61  ILE A CG1 1 
ATOM   355 C  CG2 . ILE A 1 46 ? 8.589   1.506   -1.255  1.00 14.92 ? 61  ILE A CG2 1 
ATOM   356 C  CD1 . ILE A 1 46 ? 5.364   1.585   -0.841  1.00 14.05 ? 61  ILE A CD1 1 
ATOM   357 N  N   . MET A 1 47 ? 9.859   -1.658  -0.594  1.00 14.88 ? 62  MET A N   1 
ATOM   358 C  CA  . MET A 1 47 ? 11.249  -1.880  -0.173  1.00 16.14 ? 62  MET A CA  1 
ATOM   359 C  C   . MET A 1 47 ? 11.939  -2.909  -1.048  1.00 16.98 ? 62  MET A C   1 
ATOM   360 O  O   . MET A 1 47 ? 13.082  -2.666  -1.482  1.00 18.13 ? 62  MET A O   1 
ATOM   361 C  CB  . MET A 1 47 ? 11.316  -2.278  1.302   1.00 15.96 ? 62  MET A CB  1 
ATOM   362 C  CG  . MET A 1 47 ? 10.840  -1.168  2.250   1.00 16.57 ? 62  MET A CG  1 
ATOM   363 S  SD  . MET A 1 47 ? 11.580  0.447   2.033   1.00 20.85 ? 62  MET A SD  1 
ATOM   364 C  CE  . MET A 1 47 ? 13.271  0.160   2.589   1.00 21.62 ? 62  MET A CE  1 
ATOM   365 N  N   . THR A 1 48 ? 11.274  -4.030  -1.345  1.00 17.52 ? 63  THR A N   1 
ATOM   366 C  CA  A THR A 1 48 ? 11.909  -5.119  -2.096  0.50 17.82 ? 63  THR A CA  1 
ATOM   367 C  CA  B THR A 1 48 ? 11.922  -5.112  -2.101  0.50 17.97 ? 63  THR A CA  1 
ATOM   368 C  C   . THR A 1 48 ? 12.180  -4.733  -3.546  1.00 17.99 ? 63  THR A C   1 
ATOM   369 O  O   . THR A 1 48 ? 13.222  -5.098  -4.111  1.00 19.33 ? 63  THR A O   1 
ATOM   370 C  CB  A THR A 1 48 ? 11.092  -6.416  -2.029  0.50 18.14 ? 63  THR A CB  1 
ATOM   371 C  CB  B THR A 1 48 ? 11.146  -6.431  -2.060  0.50 18.31 ? 63  THR A CB  1 
ATOM   372 O  OG1 A THR A 1 48 ? 10.793  -6.713  -0.661  0.50 19.50 ? 63  THR A OG1 1 
ATOM   373 O  OG1 B THR A 1 48 ? 9.815   -6.227  -2.551  0.50 18.48 ? 63  THR A OG1 1 
ATOM   374 C  CG2 A THR A 1 48 ? 11.874  -7.580  -2.639  0.50 16.98 ? 63  THR A CG2 1 
ATOM   375 C  CG2 B THR A 1 48 ? 11.106  -6.965  -0.653  0.50 19.19 ? 63  THR A CG2 1 
ATOM   376 N  N   . LYS A 1 49 ? 11.244  -3.998  -4.141  1.00 17.53 ? 64  LYS A N   1 
ATOM   377 C  CA  . LYS A 1 49 ? 11.360  -3.563  -5.531  1.00 17.53 ? 64  LYS A CA  1 
ATOM   378 C  C   . LYS A 1 49 ? 12.179  -2.295  -5.705  1.00 18.16 ? 64  LYS A C   1 
ATOM   379 O  O   . LYS A 1 49 ? 12.395  -1.844  -6.843  1.00 18.36 ? 64  LYS A O   1 
ATOM   380 C  CB  . LYS A 1 49 ? 9.974   -3.381  -6.151  1.00 16.27 ? 64  LYS A CB  1 
ATOM   381 C  CG  . LYS A 1 49 ? 9.258   -4.714  -6.380  1.00 16.17 ? 64  LYS A CG  1 
ATOM   382 C  CD  . LYS A 1 49 ? 8.080   -4.594  -7.319  1.00 15.45 ? 64  LYS A CD  1 
ATOM   383 C  CE  . LYS A 1 49 ? 8.514   -4.536  -8.786  1.00 12.19 ? 64  LYS A CE  1 
ATOM   384 N  NZ  . LYS A 1 49 ? 7.313   -4.335  -9.672  1.00 12.75 ? 64  LYS A NZ  1 
ATOM   385 N  N   . ARG A 1 50 ? 12.624  -1.721  -4.580  1.00 18.89 ? 65  ARG A N   1 
ATOM   386 C  CA  . ARG A 1 50 ? 13.463  -0.520  -4.561  1.00 20.43 ? 65  ARG A CA  1 
ATOM   387 C  C   . ARG A 1 50 ? 12.801  0.650   -5.297  1.00 20.49 ? 65  ARG A C   1 
ATOM   388 O  O   . ARG A 1 50 ? 13.423  1.318   -6.147  1.00 20.43 ? 65  ARG A O   1 
ATOM   389 C  CB  . ARG A 1 50 ? 14.883  -0.817  -5.097  1.00 21.60 ? 65  ARG A CB  1 
ATOM   390 C  CG  . ARG A 1 50 ? 15.649  -1.851  -4.274  1.00 25.01 ? 65  ARG A CG  1 
ATOM   391 C  CD  . ARG A 1 50 ? 17.109  -1.957  -4.740  1.00 30.41 ? 65  ARG A CD  1 
ATOM   392 N  NE  . ARG A 1 50 ? 17.810  -3.096  -4.146  1.00 34.99 ? 65  ARG A NE  1 
ATOM   393 C  CZ  . ARG A 1 50 ? 18.084  -4.232  -4.786  1.00 36.81 ? 65  ARG A CZ  1 
ATOM   394 N  NH1 . ARG A 1 50 ? 18.729  -5.207  -4.154  1.00 39.45 ? 65  ARG A NH1 1 
ATOM   395 N  NH2 . ARG A 1 50 ? 17.716  -4.401  -6.055  1.00 38.43 ? 65  ARG A NH2 1 
ATOM   396 N  N   . LEU A 1 51 ? 11.529  0.895   -4.976  1.00 19.95 ? 66  LEU A N   1 
ATOM   397 C  CA  . LEU A 1 51 ? 10.768  1.965   -5.629  1.00 20.90 ? 66  LEU A CA  1 
ATOM   398 C  C   . LEU A 1 51 ? 11.075  3.343   -5.033  1.00 22.42 ? 66  LEU A C   1 
ATOM   399 O  O   . LEU A 1 51 ? 10.628  4.378   -5.543  1.00 23.84 ? 66  LEU A O   1 
ATOM   400 C  CB  . LEU A 1 51 ? 9.256   1.657   -5.614  1.00 19.84 ? 66  LEU A CB  1 
ATOM   401 C  CG  . LEU A 1 51 ? 8.813   0.382   -6.360  1.00 18.37 ? 66  LEU A CG  1 
ATOM   402 C  CD1 . LEU A 1 51 ? 7.315   0.273   -6.329  1.00 18.61 ? 66  LEU A CD1 1 
ATOM   403 C  CD2 . LEU A 1 51 ? 9.276   0.381   -7.823  1.00 18.54 ? 66  LEU A CD2 1 
ATOM   404 N  N   . TYR A 1 52 ? 11.871  3.347   -3.972  1.00 24.17 ? 67  TYR A N   1 
ATOM   405 C  CA  . TYR A 1 52 ? 12.394  4.577   -3.409  1.00 25.97 ? 67  TYR A CA  1 
ATOM   406 C  C   . TYR A 1 52 ? 13.830  4.728   -3.896  1.00 28.05 ? 67  TYR A C   1 
ATOM   407 O  O   . TYR A 1 52 ? 14.482  3.741   -4.253  1.00 28.75 ? 67  TYR A O   1 
ATOM   408 C  CB  . TYR A 1 52 ? 12.395  4.491   -1.878  1.00 25.17 ? 67  TYR A CB  1 
ATOM   409 C  CG  . TYR A 1 52 ? 13.376  3.456   -1.378  1.00 23.64 ? 67  TYR A CG  1 
ATOM   410 C  CD1 . TYR A 1 52 ? 14.697  3.816   -1.069  1.00 24.11 ? 67  TYR A CD1 1 
ATOM   411 C  CD2 . TYR A 1 52 ? 13.021  2.107   -1.286  1.00 21.82 ? 67  TYR A CD2 1 
ATOM   412 C  CE1 . TYR A 1 52 ? 15.615  2.859   -0.658  1.00 24.39 ? 67  TYR A CE1 1 
ATOM   413 C  CE2 . TYR A 1 52 ? 13.933  1.150   -0.865  1.00 22.41 ? 67  TYR A CE2 1 
ATOM   414 C  CZ  . TYR A 1 52 ? 15.227  1.536   -0.552  1.00 24.12 ? 67  TYR A CZ  1 
ATOM   415 O  OH  . TYR A 1 52 ? 16.125  0.588   -0.134  1.00 26.70 ? 67  TYR A OH  1 
ATOM   416 N  N   . ASP A 1 53 ? 14.336  5.951   -3.862  1.00 30.92 ? 68  ASP A N   1 
ATOM   417 C  CA  . ASP A 1 53 ? 15.739  6.194   -4.168  1.00 33.08 ? 68  ASP A CA  1 
ATOM   418 C  C   . ASP A 1 53 ? 16.551  6.359   -2.895  1.00 34.16 ? 68  ASP A C   1 
ATOM   419 O  O   . ASP A 1 53 ? 16.141  7.072   -1.977  1.00 34.26 ? 68  ASP A O   1 
ATOM   420 C  CB  . ASP A 1 53 ? 15.872  7.415   -5.065  1.00 33.84 ? 68  ASP A CB  1 
ATOM   421 C  CG  . ASP A 1 53 ? 15.430  7.136   -6.495  1.00 35.04 ? 68  ASP A CG  1 
ATOM   422 O  OD1 . ASP A 1 53 ? 14.729  6.123   -6.729  1.00 36.85 ? 68  ASP A OD1 1 
ATOM   423 O  OD2 . ASP A 1 53 ? 15.784  7.924   -7.394  1.00 38.44 ? 68  ASP A OD2 1 
ATOM   424 N  N   . GLU A 1 54 ? 17.698  5.679   -2.856  1.00 35.06 ? 69  GLU A N   1 
ATOM   425 C  CA  . GLU A 1 54 ? 18.594  5.685   -1.701  1.00 35.91 ? 69  GLU A CA  1 
ATOM   426 C  C   . GLU A 1 54 ? 19.083  7.088   -1.359  1.00 35.52 ? 69  GLU A C   1 
ATOM   427 O  O   . GLU A 1 54 ? 19.437  7.363   -0.214  1.00 35.85 ? 69  GLU A O   1 
ATOM   428 C  CB  . GLU A 1 54 ? 19.794  4.767   -1.952  1.00 36.18 ? 69  GLU A CB  1 
ATOM   429 C  CG  . GLU A 1 54 ? 20.276  4.041   -0.718  1.00 38.75 ? 69  GLU A CG  1 
ATOM   430 C  CD  . GLU A 1 54 ? 19.352  2.895   -0.321  1.00 41.13 ? 69  GLU A CD  1 
ATOM   431 O  OE1 . GLU A 1 54 ? 19.241  1.922   -1.096  1.00 42.80 ? 69  GLU A OE1 1 
ATOM   432 O  OE2 . GLU A 1 54 ? 18.742  2.967   0.766   1.00 42.46 ? 69  GLU A OE2 1 
ATOM   433 N  N   . LYS A 1 55 ? 19.092  7.966   -2.356  1.00 35.55 ? 70  LYS A N   1 
ATOM   434 C  CA  . LYS A 1 55 ? 19.537  9.351   -2.168  1.00 35.40 ? 70  LYS A CA  1 
ATOM   435 C  C   . LYS A 1 55 ? 18.410  10.299  -1.734  1.00 34.69 ? 70  LYS A C   1 
ATOM   436 O  O   . LYS A 1 55 ? 18.661  11.470  -1.443  1.00 34.94 ? 70  LYS A O   1 
ATOM   437 C  CB  . LYS A 1 55 ? 20.260  9.879   -3.423  1.00 35.58 ? 70  LYS A CB  1 
ATOM   438 C  CG  . LYS A 1 55 ? 19.582  9.541   -4.754  1.00 36.32 ? 70  LYS A CG  1 
ATOM   439 C  CD  . LYS A 1 55 ? 20.540  9.739   -5.928  1.00 38.04 ? 70  LYS A CD  1 
ATOM   440 C  CE  . LYS A 1 55 ? 20.413  8.608   -6.952  1.00 39.34 ? 70  LYS A CE  1 
ATOM   441 N  NZ  . LYS A 1 55 ? 19.002  8.387   -7.394  1.00 39.93 ? 70  LYS A NZ  1 
ATOM   442 N  N   . GLN A 1 56 ? 17.179  9.788   -1.673  1.00 34.03 ? 71  GLN A N   1 
ATOM   443 C  CA  . GLN A 1 56 ? 16.005  10.595  -1.336  1.00 33.02 ? 71  GLN A CA  1 
ATOM   444 C  C   . GLN A 1 56 ? 14.922  9.663   -0.777  1.00 32.16 ? 71  GLN A C   1 
ATOM   445 O  O   . GLN A 1 56 ? 13.869  9.473   -1.387  1.00 32.16 ? 71  GLN A O   1 
ATOM   446 C  CB  . GLN A 1 56 ? 15.507  11.330  -2.580  1.00 33.51 ? 71  GLN A CB  1 
ATOM   447 C  CG  . GLN A 1 56 ? 14.475  12.410  -2.316  1.00 34.02 ? 71  GLN A CG  1 
ATOM   448 C  CD  . GLN A 1 56 ? 13.646  12.752  -3.545  1.00 34.86 ? 71  GLN A CD  1 
ATOM   449 O  OE1 . GLN A 1 56 ? 13.685  12.058  -4.568  1.00 34.83 ? 71  GLN A OE1 1 
ATOM   450 N  NE2 . GLN A 1 56 ? 12.879  13.832  -3.444  1.00 35.18 ? 71  GLN A NE2 1 
ATOM   451 N  N   . GLN A 1 57 ? 15.200  9.099   0.395   1.00 30.89 ? 72  GLN A N   1 
ATOM   452 C  CA  . GLN A 1 57 ? 14.526  7.888   0.879   1.00 29.88 ? 72  GLN A CA  1 
ATOM   453 C  C   . GLN A 1 57 ? 13.071  8.029   1.353   1.00 28.79 ? 72  GLN A C   1 
ATOM   454 O  O   . GLN A 1 57 ? 12.428  7.017   1.650   1.00 28.40 ? 72  GLN A O   1 
ATOM   455 C  CB  . GLN A 1 57 ? 15.371  7.208   1.961   1.00 30.29 ? 72  GLN A CB  1 
ATOM   456 C  CG  . GLN A 1 57 ? 16.665  6.584   1.425   1.00 31.42 ? 72  GLN A CG  1 
ATOM   457 C  CD  . GLN A 1 57 ? 17.517  5.921   2.493   1.00 32.84 ? 72  GLN A CD  1 
ATOM   458 O  OE1 . GLN A 1 57 ? 17.113  5.799   3.652   1.00 34.51 ? 72  GLN A OE1 1 
ATOM   459 N  NE2 . GLN A 1 57 ? 18.711  5.486   2.104   1.00 34.68 ? 72  GLN A NE2 1 
ATOM   460 N  N   . HIS A 1 58 ? 12.562  9.256   1.428   1.00 27.49 ? 73  HIS A N   1 
ATOM   461 C  CA  . HIS A 1 58 ? 11.154  9.472   1.793   1.00 26.79 ? 73  HIS A CA  1 
ATOM   462 C  C   . HIS A 1 58 ? 10.215  9.380   0.589   1.00 25.62 ? 73  HIS A C   1 
ATOM   463 O  O   . HIS A 1 58 ? 8.999   9.268   0.760   1.00 25.04 ? 73  HIS A O   1 
ATOM   464 C  CB  . HIS A 1 58 ? 10.939  10.820  2.483   1.00 27.63 ? 73  HIS A CB  1 
ATOM   465 C  CG  . HIS A 1 58 ? 11.666  10.969  3.782   1.00 28.53 ? 73  HIS A CG  1 
ATOM   466 N  ND1 . HIS A 1 58 ? 11.733  12.171  4.453   1.00 30.98 ? 73  HIS A ND1 1 
ATOM   467 C  CD2 . HIS A 1 58 ? 12.368  10.081  4.526   1.00 29.88 ? 73  HIS A CD2 1 
ATOM   468 C  CE1 . HIS A 1 58 ? 12.442  12.016  5.557   1.00 30.80 ? 73  HIS A CE1 1 
ATOM   469 N  NE2 . HIS A 1 58 ? 12.836  10.756  5.628   1.00 31.14 ? 73  HIS A NE2 1 
ATOM   470 N  N   . ILE A 1 59 ? 10.774  9.451   -0.621  1.00 23.96 ? 74  ILE A N   1 
ATOM   471 C  CA  . ILE A 1 59 ? 9.949   9.509   -1.825  1.00 22.73 ? 74  ILE A CA  1 
ATOM   472 C  C   . ILE A 1 59 ? 9.925   8.170   -2.545  1.00 21.49 ? 74  ILE A C   1 
ATOM   473 O  O   . ILE A 1 59 ? 10.970  7.569   -2.813  1.00 22.11 ? 74  ILE A O   1 
ATOM   474 C  CB  . ILE A 1 59 ? 10.361  10.648  -2.808  1.00 22.49 ? 74  ILE A CB  1 
ATOM   475 C  CG1 . ILE A 1 59 ? 10.489  11.993  -2.075  1.00 23.72 ? 74  ILE A CG1 1 
ATOM   476 C  CG2 . ILE A 1 59 ? 9.360   10.773  -3.960  1.00 22.97 ? 74  ILE A CG2 1 
ATOM   477 C  CD1 . ILE A 1 59 ? 9.244   12.424  -1.300  1.00 25.81 ? 74  ILE A CD1 1 
ATOM   478 N  N   . VAL A 1 60 ? 8.708   7.723   -2.829  1.00 19.75 ? 75  VAL A N   1 
ATOM   479 C  CA  . VAL A 1 60 ? 8.461   6.503   -3.582  1.00 18.85 ? 75  VAL A CA  1 
ATOM   480 C  C   . VAL A 1 60 ? 8.065   6.941   -4.987  1.00 18.29 ? 75  VAL A C   1 
ATOM   481 O  O   . VAL A 1 60 ? 7.170   7.778   -5.162  1.00 18.06 ? 75  VAL A O   1 
ATOM   482 C  CB  . VAL A 1 60 ? 7.321   5.665   -2.947  1.00 18.29 ? 75  VAL A CB  1 
ATOM   483 C  CG1 . VAL A 1 60 ? 6.959   4.464   -3.845  1.00 17.52 ? 75  VAL A CG1 1 
ATOM   484 C  CG2 . VAL A 1 60 ? 7.706   5.181   -1.560  1.00 19.20 ? 75  VAL A CG2 1 
ATOM   485 N  N   . TYR A 1 61 ? 8.746   6.389   -5.988  1.00 18.51 ? 76  TYR A N   1 
ATOM   486 C  CA  . TYR A 1 61 ? 8.419   6.656   -7.379  1.00 18.58 ? 76  TYR A CA  1 
ATOM   487 C  C   . TYR A 1 61 ? 7.787   5.394   -7.931  1.00 18.53 ? 76  TYR A C   1 
ATOM   488 O  O   . TYR A 1 61 ? 8.354   4.298   -7.821  1.00 18.98 ? 76  TYR A O   1 
ATOM   489 C  CB  . TYR A 1 61 ? 9.681   7.025   -8.170  1.00 18.14 ? 76  TYR A CB  1 
ATOM   490 C  CG  . TYR A 1 61 ? 10.248  8.375   -7.791  1.00 19.40 ? 76  TYR A CG  1 
ATOM   491 C  CD1 . TYR A 1 61 ? 9.773   9.530   -8.394  1.00 21.68 ? 76  TYR A CD1 1 
ATOM   492 C  CD2 . TYR A 1 61 ? 11.242  8.485   -6.824  1.00 22.64 ? 76  TYR A CD2 1 
ATOM   493 C  CE1 . TYR A 1 61 ? 10.287  10.785  -8.046  1.00 22.79 ? 76  TYR A CE1 1 
ATOM   494 C  CE2 . TYR A 1 61 ? 11.768  9.731   -6.475  1.00 24.00 ? 76  TYR A CE2 1 
ATOM   495 C  CZ  . TYR A 1 61 ? 11.277  10.866  -7.089  1.00 23.39 ? 76  TYR A CZ  1 
ATOM   496 O  OH  . TYR A 1 61 ? 11.779  12.104  -6.753  1.00 26.11 ? 76  TYR A OH  1 
ATOM   497 N  N   . CYS A 1 62 ? 6.601   5.560   -8.489  1.00 18.71 ? 77  CYS A N   1 
ATOM   498 C  CA  . CYS A 1 62 ? 5.805   4.418   -8.956  1.00 18.72 ? 77  CYS A CA  1 
ATOM   499 C  C   . CYS A 1 62 ? 5.160   4.592   -10.325 1.00 19.29 ? 77  CYS A C   1 
ATOM   500 O  O   . CYS A 1 62 ? 4.225   3.857   -10.657 1.00 19.20 ? 77  CYS A O   1 
ATOM   501 C  CB  . CYS A 1 62 ? 4.734   4.064   -7.916  1.00 18.83 ? 77  CYS A CB  1 
ATOM   502 S  SG  . CYS A 1 62 ? 3.846   5.491   -7.220  1.00 18.14 ? 77  CYS A SG  1 
ATOM   503 N  N   . SER A 1 63 ? 5.666   5.534   -11.127 1.00 19.48 ? 78  SER A N   1 
ATOM   504 C  CA  . SER A 1 63 ? 5.129   5.831   -12.448 1.00 20.74 ? 78  SER A CA  1 
ATOM   505 C  C   . SER A 1 63 ? 5.293   4.650   -13.397 1.00 19.78 ? 78  SER A C   1 
ATOM   506 O  O   . SER A 1 63 ? 4.477   4.453   -14.307 1.00 21.14 ? 78  SER A O   1 
ATOM   507 C  CB  . SER A 1 63 ? 5.837   7.046   -13.057 1.00 20.90 ? 78  SER A CB  1 
ATOM   508 O  OG  . SER A 1 63 ? 5.009   7.690   -13.989 1.00 27.18 ? 78  SER A OG  1 
ATOM   509 N  N   . ASN A 1 64 ? 6.336   3.870   -13.142 1.00 19.28 ? 79  ASN A N   1 
ATOM   510 C  CA  . ASN A 1 64 ? 6.720   2.724   -13.967 1.00 18.37 ? 79  ASN A CA  1 
ATOM   511 C  C   . ASN A 1 64 ? 6.361   1.403   -13.293 1.00 17.35 ? 79  ASN A C   1 
ATOM   512 O  O   . ASN A 1 64 ? 6.962   0.370   -13.587 1.00 17.07 ? 79  ASN A O   1 
ATOM   513 C  CB  . ASN A 1 64 ? 8.227   2.765   -14.260 1.00 19.69 ? 79  ASN A CB  1 
ATOM   514 C  CG  . ASN A 1 64 ? 9.095   2.514   -13.020 1.00 20.61 ? 79  ASN A CG  1 
ATOM   515 O  OD1 . ASN A 1 64 ? 8.607   2.486   -11.882 1.00 23.39 ? 79  ASN A OD1 1 
ATOM   516 N  ND2 . ASN A 1 64 ? 10.392  2.362   -13.239 1.00 25.93 ? 79  ASN A ND2 1 
ATOM   517 N  N   . ASP A 1 65 ? 5.384   1.441   -12.400 1.00 15.56 ? 80  ASP A N   1 
ATOM   518 C  CA  . ASP A 1 65 ? 5.021   0.273   -11.599 1.00 14.05 ? 80  ASP A CA  1 
ATOM   519 C  C   . ASP A 1 65 ? 3.524   0.180   -11.416 1.00 14.37 ? 80  ASP A C   1 
ATOM   520 O  O   . ASP A 1 65 ? 2.819   1.212   -11.423 1.00 14.71 ? 80  ASP A O   1 
ATOM   521 C  CB  . ASP A 1 65 ? 5.682   0.389   -10.235 1.00 14.25 ? 80  ASP A CB  1 
ATOM   522 C  CG  . ASP A 1 65 ? 5.719   -0.924  -9.491  1.00 12.43 ? 80  ASP A CG  1 
ATOM   523 O  OD1 . ASP A 1 65 ? 6.718   -1.650  -9.646  1.00 13.37 ? 80  ASP A OD1 1 
ATOM   524 O  OD2 . ASP A 1 65 ? 4.749   -1.240  -8.772  1.00 12.79 ? 80  ASP A OD2 1 
ATOM   525 N  N   . LEU A 1 66 ? 3.016   -1.036  -11.218 1.00 14.96 ? 81  LEU A N   1 
ATOM   526 C  CA  A LEU A 1 66 ? 1.627   -1.310  -10.836 0.50 15.60 ? 81  LEU A CA  1 
ATOM   527 C  CA  B LEU A 1 66 ? 1.585   -1.150  -10.966 0.50 15.15 ? 81  LEU A CA  1 
ATOM   528 C  C   . LEU A 1 66 ? 1.162   -0.446  -9.665  1.00 15.04 ? 81  LEU A C   1 
ATOM   529 O  O   . LEU A 1 66 ? 0.002   -0.069  -9.543  1.00 15.22 ? 81  LEU A O   1 
ATOM   530 C  CB  A LEU A 1 66 ? 1.513   -2.784  -10.431 0.50 16.39 ? 81  LEU A CB  1 
ATOM   531 C  CB  B LEU A 1 66 ? 1.084   -2.596  -11.050 0.50 15.35 ? 81  LEU A CB  1 
ATOM   532 C  CG  A LEU A 1 66 ? 0.111   -3.283  -10.105 0.50 18.15 ? 81  LEU A CG  1 
ATOM   533 C  CG  B LEU A 1 66 ? 1.329   -3.314  -12.380 0.50 15.67 ? 81  LEU A CG  1 
ATOM   534 C  CD1 A LEU A 1 66 ? -0.744  -3.078  -11.332 0.50 19.05 ? 81  LEU A CD1 1 
ATOM   535 C  CD1 B LEU A 1 66 ? 0.563   -4.619  -12.425 0.50 14.86 ? 81  LEU A CD1 1 
ATOM   536 C  CD2 A LEU A 1 66 ? 0.125   -4.734  -9.659  0.50 19.62 ? 81  LEU A CD2 1 
ATOM   537 C  CD2 B LEU A 1 66 ? 0.933   -2.468  -13.567 0.50 14.97 ? 81  LEU A CD2 1 
ATOM   538 N  N   . LEU A 1 67 ? 2.092   -0.179  -8.754  1.00 14.30 ? 82  LEU A N   1 
ATOM   539 C  CA  . LEU A 1 67 ? 1.742   0.597   -7.568  1.00 14.58 ? 82  LEU A CA  1 
ATOM   540 C  C   . LEU A 1 67 ? 1.201   1.964   -7.979  1.00 15.00 ? 82  LEU A C   1 
ATOM   541 O  O   . LEU A 1 67 ? 0.276   2.460   -7.345  1.00 15.29 ? 82  LEU A O   1 
ATOM   542 C  CB  . LEU A 1 67 ? 2.932   0.747   -6.626  1.00 14.57 ? 82  LEU A CB  1 
ATOM   543 C  CG  . LEU A 1 67 ? 2.688   1.578   -5.352  1.00 15.26 ? 82  LEU A CG  1 
ATOM   544 C  CD1 . LEU A 1 67 ? 1.585   0.986   -4.492  1.00 16.19 ? 82  LEU A CD1 1 
ATOM   545 C  CD2 . LEU A 1 67 ? 3.973   1.678   -4.571  1.00 16.18 ? 82  LEU A CD2 1 
ATOM   546 N  N   . GLY A 1 68 ? 1.771   2.532   -9.044  1.00 15.37 ? 83  GLY A N   1 
ATOM   547 C  CA  . GLY A 1 68 ? 1.315   3.806   -9.605  1.00 17.41 ? 83  GLY A CA  1 
ATOM   548 C  C   . GLY A 1 68 ? -0.115  3.730   -10.097 1.00 18.27 ? 83  GLY A C   1 
ATOM   549 O  O   . GLY A 1 68 ? -0.873  4.687   -9.956  1.00 19.53 ? 83  GLY A O   1 
ATOM   550 N  N   . ASP A 1 69 ? -0.492  2.598   -10.681 1.00 18.81 ? 84  ASP A N   1 
ATOM   551 C  CA  . ASP A 1 69 ? -1.870  2.389   -11.127 1.00 20.21 ? 84  ASP A CA  1 
ATOM   552 C  C   . ASP A 1 69 ? -2.799  2.238   -9.933  1.00 20.31 ? 84  ASP A C   1 
ATOM   553 O  O   . ASP A 1 69 ? -3.938  2.729   -9.942  1.00 21.48 ? 84  ASP A O   1 
ATOM   554 C  CB  . ASP A 1 69 ? -1.959  1.148   -12.015 1.00 20.97 ? 84  ASP A CB  1 
ATOM   555 C  CG  . ASP A 1 69 ? -1.060  1.242   -13.240 1.00 24.09 ? 84  ASP A CG  1 
ATOM   556 O  OD1 . ASP A 1 69 ? -0.539  0.190   -13.656 1.00 29.21 ? 84  ASP A OD1 1 
ATOM   557 O  OD2 . ASP A 1 69 ? -0.860  2.359   -13.772 1.00 27.30 ? 84  ASP A OD2 1 
ATOM   558 N  N   . LEU A 1 70 ? -2.307  1.568   -8.894  1.00 19.45 ? 85  LEU A N   1 
ATOM   559 C  CA  . LEU A 1 70 ? -3.071  1.380   -7.673  1.00 19.36 ? 85  LEU A CA  1 
ATOM   560 C  C   . LEU A 1 70 ? -3.406  2.715   -7.000  1.00 19.61 ? 85  LEU A C   1 
ATOM   561 O  O   . LEU A 1 70 ? -4.555  2.959   -6.630  1.00 20.17 ? 85  LEU A O   1 
ATOM   562 C  CB  . LEU A 1 70 ? -2.277  0.516   -6.697  1.00 19.55 ? 85  LEU A CB  1 
ATOM   563 C  CG  . LEU A 1 70 ? -3.028  -0.072  -5.515  1.00 20.26 ? 85  LEU A CG  1 
ATOM   564 C  CD1 . LEU A 1 70 ? -3.877  -1.246  -5.972  1.00 22.84 ? 85  LEU A CD1 1 
ATOM   565 C  CD2 . LEU A 1 70 ? -2.021  -0.513  -4.469  1.00 22.94 ? 85  LEU A CD2 1 
ATOM   566 N  N   . PHE A 1 71 ? -2.393  3.563   -6.859  1.00 19.54 ? 86  PHE A N   1 
ATOM   567 C  CA  . PHE A 1 71 ? -2.479  4.792   -6.062  1.00 19.16 ? 86  PHE A CA  1 
ATOM   568 C  C   . PHE A 1 71 ? -2.885  6.018   -6.863  1.00 20.50 ? 86  PHE A C   1 
ATOM   569 O  O   . PHE A 1 71 ? -3.322  7.019   -6.284  1.00 21.49 ? 86  PHE A O   1 
ATOM   570 C  CB  . PHE A 1 71 ? -1.137  5.034   -5.393  1.00 17.98 ? 86  PHE A CB  1 
ATOM   571 C  CG  . PHE A 1 71 ? -0.952  4.279   -4.113  1.00 15.86 ? 86  PHE A CG  1 
ATOM   572 C  CD1 . PHE A 1 71 ? -1.846  3.270   -3.713  1.00 14.65 ? 86  PHE A CD1 1 
ATOM   573 C  CD2 . PHE A 1 71 ? 0.141   4.562   -3.313  1.00 16.28 ? 86  PHE A CD2 1 
ATOM   574 C  CE1 . PHE A 1 71 ? -1.652  2.583   -2.522  1.00 14.08 ? 86  PHE A CE1 1 
ATOM   575 C  CE2 . PHE A 1 71 ? 0.348   3.878   -2.112  1.00 16.20 ? 86  PHE A CE2 1 
ATOM   576 C  CZ  . PHE A 1 71 ? -0.557  2.892   -1.714  1.00 15.54 ? 86  PHE A CZ  1 
ATOM   577 N  N   . GLY A 1 72 ? -2.767  5.930   -8.182  1.00 21.04 ? 87  GLY A N   1 
ATOM   578 C  CA  . GLY A 1 72 ? -3.098  7.052   -9.063  1.00 21.89 ? 87  GLY A CA  1 
ATOM   579 C  C   . GLY A 1 72 ? -2.162  8.247   -8.992  1.00 22.23 ? 87  GLY A C   1 
ATOM   580 O  O   . GLY A 1 72 ? -2.587  9.384   -9.259  1.00 22.90 ? 87  GLY A O   1 
ATOM   581 N  N   . VAL A 1 73 ? -0.899  8.007   -8.634  1.00 22.47 ? 88  VAL A N   1 
ATOM   582 C  CA  . VAL A 1 73 ? 0.151   9.034   -8.626  1.00 22.23 ? 88  VAL A CA  1 
ATOM   583 C  C   . VAL A 1 73 ? 1.491   8.505   -9.201  1.00 22.74 ? 88  VAL A C   1 
ATOM   584 O  O   . VAL A 1 73 ? 1.759   7.294   -9.133  1.00 21.62 ? 88  VAL A O   1 
ATOM   585 C  CB  . VAL A 1 73 ? 0.391   9.587   -7.179  1.00 22.33 ? 88  VAL A CB  1 
ATOM   586 C  CG1 . VAL A 1 73 ? -0.899  10.148  -6.570  1.00 22.86 ? 88  VAL A CG1 1 
ATOM   587 C  CG2 . VAL A 1 73 ? 0.974   8.507   -6.263  1.00 21.45 ? 88  VAL A CG2 1 
ATOM   588 N  N   . PRO A 1 74 ? 2.344   9.397   -9.763  1.00 22.37 ? 89  PRO A N   1 
ATOM   589 C  CA  . PRO A 1 74 ? 3.692   8.998   -10.188 1.00 22.29 ? 89  PRO A CA  1 
ATOM   590 C  C   . PRO A 1 74 ? 4.667   8.845   -9.026  1.00 21.09 ? 89  PRO A C   1 
ATOM   591 O  O   . PRO A 1 74 ? 5.713   8.195   -9.173  1.00 21.21 ? 89  PRO A O   1 
ATOM   592 C  CB  . PRO A 1 74 ? 4.149   10.170  -11.077 1.00 22.59 ? 89  PRO A CB  1 
ATOM   593 C  CG  . PRO A 1 74 ? 3.372   11.323  -10.574 1.00 23.18 ? 89  PRO A CG  1 
ATOM   594 C  CD  . PRO A 1 74 ? 2.044   10.785  -10.174 1.00 23.28 ? 89  PRO A CD  1 
ATOM   595 N  N   . SER A 1 75 ? 4.346   9.479   -7.895  1.00 21.06 ? 90  SER A N   1 
ATOM   596 C  CA  . SER A 1 75 ? 5.199   9.471   -6.716  1.00 20.61 ? 90  SER A CA  1 
ATOM   597 C  C   . SER A 1 75 ? 4.434   9.972   -5.493  1.00 19.97 ? 90  SER A C   1 
ATOM   598 O  O   . SER A 1 75 ? 3.390   10.616  -5.613  1.00 20.02 ? 90  SER A O   1 
ATOM   599 C  CB  . SER A 1 75 ? 6.447   10.332  -6.925  1.00 21.26 ? 90  SER A CB  1 
ATOM   600 O  OG  . SER A 1 75 ? 6.093   11.695  -7.076  1.00 23.14 ? 90  SER A OG  1 
ATOM   601 N  N   . PHE A 1 76 ? 4.985   9.687   -4.321  1.00 19.12 ? 91  PHE A N   1 
ATOM   602 C  CA  . PHE A 1 76 ? 4.406   10.168  -3.079  1.00 18.57 ? 91  PHE A CA  1 
ATOM   603 C  C   . PHE A 1 76 ? 5.443   10.054  -1.981  1.00 18.65 ? 91  PHE A C   1 
ATOM   604 O  O   . PHE A 1 76 ? 6.441   9.350   -2.122  1.00 18.40 ? 91  PHE A O   1 
ATOM   605 C  CB  . PHE A 1 76 ? 3.126   9.385   -2.733  1.00 18.14 ? 91  PHE A CB  1 
ATOM   606 C  CG  . PHE A 1 76 ? 3.363   7.928   -2.439  1.00 18.54 ? 91  PHE A CG  1 
ATOM   607 C  CD1 . PHE A 1 76 ? 3.628   7.501   -1.144  1.00 18.39 ? 91  PHE A CD1 1 
ATOM   608 C  CD2 . PHE A 1 76 ? 3.311   6.985   -3.462  1.00 18.81 ? 91  PHE A CD2 1 
ATOM   609 C  CE1 . PHE A 1 76 ? 3.849   6.157   -0.863  1.00 19.00 ? 91  PHE A CE1 1 
ATOM   610 C  CE2 . PHE A 1 76 ? 3.541   5.634   -3.199  1.00 20.17 ? 91  PHE A CE2 1 
ATOM   611 C  CZ  . PHE A 1 76 ? 3.804   5.219   -1.897  1.00 18.58 ? 91  PHE A CZ  1 
ATOM   612 N  N   . SER A 1 77 ? 5.205   10.759  -0.881  1.00 18.72 ? 92  SER A N   1 
ATOM   613 C  CA  . SER A 1 77 ? 6.084   10.677  0.256   1.00 19.26 ? 92  SER A CA  1 
ATOM   614 C  C   . SER A 1 77 ? 5.545   9.709   1.299   1.00 19.19 ? 92  SER A C   1 
ATOM   615 O  O   . SER A 1 77 ? 4.342   9.712   1.589   1.00 19.78 ? 92  SER A O   1 
ATOM   616 C  CB  . SER A 1 77 ? 6.243   12.055  0.882   1.00 20.45 ? 92  SER A CB  1 
ATOM   617 O  OG  . SER A 1 77 ? 7.010   11.939  2.055   1.00 20.42 ? 92  SER A OG  1 
ATOM   618 N  N   . VAL A 1 78 ? 6.438   8.891   1.856   1.00 19.72 ? 93  VAL A N   1 
ATOM   619 C  CA  . VAL A 1 78 ? 6.074   7.934   2.903   1.00 20.51 ? 93  VAL A CA  1 
ATOM   620 C  C   . VAL A 1 78 ? 5.650   8.641   4.190   1.00 21.39 ? 93  VAL A C   1 
ATOM   621 O  O   . VAL A 1 78 ? 5.074   8.005   5.078   1.00 21.58 ? 93  VAL A O   1 
ATOM   622 C  CB  . VAL A 1 78 ? 7.204   6.913   3.213   1.00 20.68 ? 93  VAL A CB  1 
ATOM   623 C  CG1 . VAL A 1 78 ? 7.503   6.047   1.995   1.00 19.53 ? 93  VAL A CG1 1 
ATOM   624 C  CG2 . VAL A 1 78 ? 8.480   7.612   3.726   1.00 21.38 ? 93  VAL A CG2 1 
ATOM   625 N  N   . LYS A 1 79 ? 5.928   9.940   4.269   1.00 22.34 ? 94  LYS A N   1 
ATOM   626 C  CA  . LYS A 1 79 ? 5.596   10.741  5.461   1.00 23.70 ? 94  LYS A CA  1 
ATOM   627 C  C   . LYS A 1 79 ? 4.180   11.321  5.386   1.00 24.34 ? 94  LYS A C   1 
ATOM   628 O  O   . LYS A 1 79 ? 3.657   11.825  6.394   1.00 25.02 ? 94  LYS A O   1 
ATOM   629 C  CB  . LYS A 1 79 ? 6.631   11.862  5.692   1.00 24.33 ? 94  LYS A CB  1 
ATOM   630 C  CG  . LYS A 1 79 ? 8.088   11.404  5.799   1.00 24.31 ? 94  LYS A CG  1 
ATOM   631 C  CD  . LYS A 1 79 ? 8.316   10.408  6.936   1.00 24.74 ? 94  LYS A CD  1 
ATOM   632 C  CE  . LYS A 1 79 ? 9.800   10.105  7.148   1.00 26.47 ? 94  LYS A CE  1 
ATOM   633 N  NZ  . LYS A 1 79 ? 10.002  9.058   8.193   1.00 27.22 ? 94  LYS A NZ  1 
ATOM   634 N  N   . GLU A 1 80 ? 3.575   11.241  4.197   1.00 24.74 ? 95  GLU A N   1 
ATOM   635 C  CA  A GLU A 1 80 ? 2.229   11.742  3.920   0.50 24.48 ? 95  GLU A CA  1 
ATOM   636 C  CA  B GLU A 1 80 ? 2.229   11.765  3.977   0.50 24.69 ? 95  GLU A CA  1 
ATOM   637 C  C   . GLU A 1 80 ? 1.185   10.678  4.259   1.00 24.30 ? 95  GLU A C   1 
ATOM   638 O  O   . GLU A 1 80 ? 0.545   10.120  3.348   1.00 23.96 ? 95  GLU A O   1 
ATOM   639 C  CB  A GLU A 1 80 ? 2.090   12.101  2.430   0.50 24.76 ? 95  GLU A CB  1 
ATOM   640 C  CB  B GLU A 1 80 ? 2.097   12.357  2.568   0.50 25.15 ? 95  GLU A CB  1 
ATOM   641 C  CG  A GLU A 1 80 ? 3.003   13.202  1.908   0.50 25.73 ? 95  GLU A CG  1 
ATOM   642 C  CG  B GLU A 1 80 ? 2.940   13.618  2.344   0.50 26.97 ? 95  GLU A CG  1 
ATOM   643 C  CD  A GLU A 1 80 ? 2.761   13.499  0.436   0.50 25.52 ? 95  GLU A CD  1 
ATOM   644 C  CD  B GLU A 1 80 ? 2.230   14.887  2.771   0.50 28.71 ? 95  GLU A CD  1 
ATOM   645 O  OE1 A GLU A 1 80 ? 2.179   14.563  0.142   0.50 25.77 ? 95  GLU A OE1 1 
ATOM   646 O  OE1 B GLU A 1 80 ? 1.064   14.803  3.207   0.50 30.05 ? 95  GLU A OE1 1 
ATOM   647 O  OE2 A GLU A 1 80 ? 3.145   12.673  -0.432  0.50 24.40 ? 95  GLU A OE2 1 
ATOM   648 O  OE2 B GLU A 1 80 ? 2.840   15.974  2.663   0.50 30.55 ? 95  GLU A OE2 1 
ATOM   649 N  N   . HIS A 1 81 ? 1.012   10.389  5.546   1.00 23.06 ? 96  HIS A N   1 
ATOM   650 C  CA  . HIS A 1 81 ? 0.178   9.267   5.995   1.00 22.71 ? 96  HIS A CA  1 
ATOM   651 C  C   . HIS A 1 81 ? -1.299  9.364   5.663   1.00 22.01 ? 96  HIS A C   1 
ATOM   652 O  O   . HIS A 1 81 ? -1.881  8.388   5.209   1.00 21.73 ? 96  HIS A O   1 
ATOM   653 C  CB  . HIS A 1 81 ? 0.383   8.999   7.485   1.00 23.03 ? 96  HIS A CB  1 
ATOM   654 C  CG  . HIS A 1 81 ? 1.705   8.372   7.799   1.00 23.52 ? 96  HIS A CG  1 
ATOM   655 N  ND1 . HIS A 1 81 ? 1.991   7.799   9.020   1.00 25.01 ? 96  HIS A ND1 1 
ATOM   656 C  CD2 . HIS A 1 81 ? 2.811   8.202   7.033   1.00 24.28 ? 96  HIS A CD2 1 
ATOM   657 C  CE1 . HIS A 1 81 ? 3.227   7.325   9.002   1.00 25.38 ? 96  HIS A CE1 1 
ATOM   658 N  NE2 . HIS A 1 81 ? 3.743   7.553   7.807   1.00 24.49 ? 96  HIS A NE2 1 
ATOM   659 N  N   . ARG A 1 82 ? -1.912  10.522  5.879   1.00 21.90 ? 97  ARG A N   1 
ATOM   660 C  CA  . ARG A 1 82 ? -3.312  10.683  5.508   1.00 22.25 ? 97  ARG A CA  1 
ATOM   661 C  C   . ARG A 1 82 ? -3.546  10.371  4.032   1.00 21.53 ? 97  ARG A C   1 
ATOM   662 O  O   . ARG A 1 82 ? -4.471  9.624   3.685   1.00 21.44 ? 97  ARG A O   1 
ATOM   663 C  CB  . ARG A 1 82 ? -3.813  12.083  5.866   1.00 22.59 ? 97  ARG A CB  1 
ATOM   664 C  CG  . ARG A 1 82 ? -4.149  12.213  7.340   1.00 26.21 ? 97  ARG A CG  1 
ATOM   665 C  CD  . ARG A 1 82 ? -4.504  13.639  7.719   1.00 29.29 ? 97  ARG A CD  1 
ATOM   666 N  NE  . ARG A 1 82 ? -3.320  14.452  8.005   1.00 32.84 ? 97  ARG A NE  1 
ATOM   667 C  CZ  . ARG A 1 82 ? -3.342  15.749  8.315   1.00 34.65 ? 97  ARG A CZ  1 
ATOM   668 N  NH1 . ARG A 1 82 ? -4.489  16.412  8.390   1.00 35.92 ? 97  ARG A NH1 1 
ATOM   669 N  NH2 . ARG A 1 82 ? -2.206  16.390  8.559   1.00 36.33 ? 97  ARG A NH2 1 
ATOM   670 N  N   . LYS A 1 83 ? -2.685  10.932  3.190   1.00 21.14 ? 98  LYS A N   1 
ATOM   671 C  CA  . LYS A 1 83 ? -2.715  10.709  1.745   1.00 20.42 ? 98  LYS A CA  1 
ATOM   672 C  C   . LYS A 1 83 ? -2.574  9.224   1.399   1.00 19.74 ? 98  LYS A C   1 
ATOM   673 O  O   . LYS A 1 83 ? -3.313  8.727   0.543   1.00 19.04 ? 98  LYS A O   1 
ATOM   674 C  CB  . LYS A 1 83 ? -1.643  11.549  1.039   1.00 21.59 ? 98  LYS A CB  1 
ATOM   675 C  CG  . LYS A 1 83 ? -2.055  13.008  0.880   1.00 24.25 ? 98  LYS A CG  1 
ATOM   676 C  CD  . LYS A 1 83 ? -0.929  13.893  0.393   1.00 29.59 ? 98  LYS A CD  1 
ATOM   677 C  CE  . LYS A 1 83 ? -1.342  15.365  0.470   1.00 32.10 ? 98  LYS A CE  1 
ATOM   678 N  NZ  . LYS A 1 83 ? -0.167  16.278  0.359   1.00 34.29 ? 98  LYS A NZ  1 
ATOM   679 N  N   . ILE A 1 84 ? -1.658  8.535   2.082   1.00 18.97 ? 99  ILE A N   1 
ATOM   680 C  CA  . ILE A 1 84 ? -1.440  7.099   1.835   1.00 18.16 ? 99  ILE A CA  1 
ATOM   681 C  C   . ILE A 1 84 ? -2.695  6.288   2.178   1.00 18.07 ? 99  ILE A C   1 
ATOM   682 O  O   . ILE A 1 84 ? -3.127  5.440   1.391   1.00 17.89 ? 99  ILE A O   1 
ATOM   683 C  CB  . ILE A 1 84 ? -0.175  6.563   2.554   1.00 17.73 ? 99  ILE A CB  1 
ATOM   684 C  CG1 . ILE A 1 84 ? 1.081   7.157   1.898   1.00 18.82 ? 99  ILE A CG1 1 
ATOM   685 C  CG2 . ILE A 1 84 ? -0.091  5.052   2.458   1.00 16.55 ? 99  ILE A CG2 1 
ATOM   686 C  CD1 . ILE A 1 84 ? 2.323   7.118   2.774   1.00 19.23 ? 99  ILE A CD1 1 
ATOM   687 N  N   . TYR A 1 85 ? -3.300  6.558   3.338   1.00 18.30 ? 100 TYR A N   1 
ATOM   688 C  CA  . TYR A 1 85 ? -4.527  5.867   3.719   1.00 18.50 ? 100 TYR A CA  1 
ATOM   689 C  C   . TYR A 1 85 ? -5.630  6.056   2.697   1.00 18.66 ? 100 TYR A C   1 
ATOM   690 O  O   . TYR A 1 85 ? -6.301  5.101   2.337   1.00 18.48 ? 100 TYR A O   1 
ATOM   691 C  CB  . TYR A 1 85 ? -5.000  6.272   5.121   1.00 18.84 ? 100 TYR A CB  1 
ATOM   692 C  CG  . TYR A 1 85 ? -4.197  5.608   6.202   1.00 19.75 ? 100 TYR A CG  1 
ATOM   693 C  CD1 . TYR A 1 85 ? -3.414  6.365   7.063   1.00 23.94 ? 100 TYR A CD1 1 
ATOM   694 C  CD2 . TYR A 1 85 ? -4.205  4.218   6.359   1.00 20.73 ? 100 TYR A CD2 1 
ATOM   695 C  CE1 . TYR A 1 85 ? -2.662  5.767   8.059   1.00 22.94 ? 100 TYR A CE1 1 
ATOM   696 C  CE2 . TYR A 1 85 ? -3.443  3.605   7.344   1.00 23.61 ? 100 TYR A CE2 1 
ATOM   697 C  CZ  . TYR A 1 85 ? -2.677  4.392   8.193   1.00 24.48 ? 100 TYR A CZ  1 
ATOM   698 O  OH  . TYR A 1 85 ? -1.924  3.813   9.189   1.00 26.77 ? 100 TYR A OH  1 
ATOM   699 N  N   . THR A 1 86 ? -5.807  7.285   2.224   1.00 18.11 ? 101 THR A N   1 
ATOM   700 C  CA  . THR A 1 86 ? -6.763  7.538   1.146   1.00 18.22 ? 101 THR A CA  1 
ATOM   701 C  C   . THR A 1 86 ? -6.479  6.749   -0.132  1.00 18.08 ? 101 THR A C   1 
ATOM   702 O  O   . THR A 1 86 ? -7.388  6.156   -0.697  1.00 18.47 ? 101 THR A O   1 
ATOM   703 C  CB  . THR A 1 86 ? -6.886  9.027   0.875   1.00 18.48 ? 101 THR A CB  1 
ATOM   704 O  OG1 . THR A 1 86 ? -7.340  9.645   2.084   1.00 18.58 ? 101 THR A OG1 1 
ATOM   705 C  CG2 . THR A 1 86 ? -7.903  9.291   -0.219  1.00 18.59 ? 101 THR A CG2 1 
ATOM   706 N  N   . MET A 1 87 ? -5.218  6.731   -0.556  1.00 18.07 ? 102 MET A N   1 
ATOM   707 C  CA  . MET A 1 87 ? -4.831  5.972   -1.749  1.00 18.77 ? 102 MET A CA  1 
ATOM   708 C  C   . MET A 1 87 ? -5.113  4.488   -1.585  1.00 18.79 ? 102 MET A C   1 
ATOM   709 O  O   . MET A 1 87 ? -5.592  3.829   -2.516  1.00 19.38 ? 102 MET A O   1 
ATOM   710 C  CB  . MET A 1 87 ? -3.365  6.229   -2.100  1.00 18.26 ? 102 MET A CB  1 
ATOM   711 C  CG  . MET A 1 87 ? -3.131  7.637   -2.630  1.00 19.80 ? 102 MET A CG  1 
ATOM   712 S  SD  . MET A 1 87 ? -1.457  8.000   -3.143  1.00 20.75 ? 102 MET A SD  1 
ATOM   713 C  CE  . MET A 1 87 ? -0.530  7.818   -1.636  1.00 20.93 ? 102 MET A CE  1 
ATOM   714 N  N   . ILE A 1 88 ? -4.823  3.966   -0.401  1.00 18.29 ? 103 ILE A N   1 
ATOM   715 C  CA  . ILE A 1 88 ? -5.085  2.566   -0.088  1.00 18.44 ? 103 ILE A CA  1 
ATOM   716 C  C   . ILE A 1 88 ? -6.586  2.279   -0.031  1.00 19.05 ? 103 ILE A C   1 
ATOM   717 O  O   . ILE A 1 88 ? -7.043  1.294   -0.615  1.00 19.16 ? 103 ILE A O   1 
ATOM   718 C  CB  . ILE A 1 88 ? -4.384  2.136   1.231   1.00 17.89 ? 103 ILE A CB  1 
ATOM   719 C  CG1 . ILE A 1 88 ? -2.866  2.183   1.052   1.00 17.54 ? 103 ILE A CG1 1 
ATOM   720 C  CG2 . ILE A 1 88 ? -4.819  0.752   1.663   1.00 19.56 ? 103 ILE A CG2 1 
ATOM   721 C  CD1 . ILE A 1 88 ? -2.108  1.948   2.330   1.00 18.51 ? 103 ILE A CD1 1 
ATOM   722 N  N   . TYR A 1 89 ? -7.342  3.142   0.652   1.00 20.35 ? 104 TYR A N   1 
ATOM   723 C  CA  . TYR A 1 89 ? -8.786  2.927   0.886   1.00 21.31 ? 104 TYR A CA  1 
ATOM   724 C  C   . TYR A 1 89 ? -9.594  2.773   -0.392  1.00 21.51 ? 104 TYR A C   1 
ATOM   725 O  O   . TYR A 1 89 ? -10.572 2.018   -0.421  1.00 21.95 ? 104 TYR A O   1 
ATOM   726 C  CB  . TYR A 1 89 ? -9.385  4.067   1.714   1.00 21.64 ? 104 TYR A CB  1 
ATOM   727 C  CG  . TYR A 1 89 ? -9.503  3.780   3.187   1.00 22.82 ? 104 TYR A CG  1 
ATOM   728 C  CD1 . TYR A 1 89 ? -10.618 3.129   3.704   1.00 23.75 ? 104 TYR A CD1 1 
ATOM   729 C  CD2 . TYR A 1 89 ? -8.498  4.170   4.082   1.00 25.02 ? 104 TYR A CD2 1 
ATOM   730 C  CE1 . TYR A 1 89 ? -10.724 2.857   5.052   1.00 24.05 ? 104 TYR A CE1 1 
ATOM   731 C  CE2 . TYR A 1 89 ? -8.604  3.904   5.447   1.00 26.78 ? 104 TYR A CE2 1 
ATOM   732 C  CZ  . TYR A 1 89 ? -9.719  3.239   5.921   1.00 26.06 ? 104 TYR A CZ  1 
ATOM   733 O  OH  . TYR A 1 89 ? -9.834  2.968   7.268   1.00 26.74 ? 104 TYR A OH  1 
ATOM   734 N  N   . ARG A 1 90 ? -9.172  3.476   -1.440  1.00 22.47 ? 105 ARG A N   1 
ATOM   735 C  CA  . ARG A 1 90 ? -9.855  3.462   -2.734  1.00 23.44 ? 105 ARG A CA  1 
ATOM   736 C  C   . ARG A 1 90 ? -9.703  2.114   -3.460  1.00 22.94 ? 105 ARG A C   1 
ATOM   737 O  O   . ARG A 1 90 ? -10.383 1.843   -4.462  1.00 23.35 ? 105 ARG A O   1 
ATOM   738 C  CB  . ARG A 1 90 ? -9.384  4.641   -3.588  1.00 24.25 ? 105 ARG A CB  1 
ATOM   739 C  CG  . ARG A 1 90 ? -9.978  5.986   -3.118  1.00 25.93 ? 105 ARG A CG  1 
ATOM   740 C  CD  . ARG A 1 90 ? -9.207  7.204   -3.613  1.00 28.39 ? 105 ARG A CD  1 
ATOM   741 N  NE  . ARG A 1 90 ? -9.785  8.451   -3.092  1.00 30.20 ? 105 ARG A NE  1 
ATOM   742 C  CZ  . ARG A 1 90 ? -9.283  9.675   -3.273  1.00 31.78 ? 105 ARG A CZ  1 
ATOM   743 N  NH1 . ARG A 1 90 ? -8.170  9.867   -3.974  1.00 33.09 ? 105 ARG A NH1 1 
ATOM   744 N  NH2 . ARG A 1 90 ? -9.900  10.731  -2.747  1.00 29.45 ? 105 ARG A NH2 1 
ATOM   745 N  N   . ASN A 1 91 ? -8.847  1.259   -2.914  1.00 21.83 ? 106 ASN A N   1 
ATOM   746 C  CA  . ASN A 1 91 ? -8.568  -0.047  -3.478  1.00 20.79 ? 106 ASN A CA  1 
ATOM   747 C  C   . ASN A 1 91 ? -9.078  -1.192  -2.596  1.00 20.47 ? 106 ASN A C   1 
ATOM   748 O  O   . ASN A 1 91 ? -8.653  -2.334  -2.742  1.00 20.12 ? 106 ASN A O   1 
ATOM   749 C  CB  . ASN A 1 91 ? -7.058  -0.170  -3.727  1.00 20.32 ? 106 ASN A CB  1 
ATOM   750 C  CG  . ASN A 1 91 ? -6.589  0.697   -4.878  1.00 21.19 ? 106 ASN A CG  1 
ATOM   751 O  OD1 . ASN A 1 91 ? -6.797  0.364   -6.038  1.00 22.23 ? 106 ASN A OD1 1 
ATOM   752 N  ND2 . ASN A 1 91 ? -5.930  1.809   -4.566  1.00 20.02 ? 106 ASN A ND2 1 
ATOM   753 N  N   . LEU A 1 92 ? -9.986  -0.890  -1.670  1.00 20.91 ? 107 LEU A N   1 
ATOM   754 C  CA  . LEU A 1 92 ? -10.487 -1.928  -0.773  1.00 20.92 ? 107 LEU A CA  1 
ATOM   755 C  C   . LEU A 1 92 ? -11.887 -1.634  -0.264  1.00 21.55 ? 107 LEU A C   1 
ATOM   756 O  O   . LEU A 1 92 ? -12.414 -0.539  -0.469  1.00 21.35 ? 107 LEU A O   1 
ATOM   757 C  CB  . LEU A 1 92 ? -9.539  -2.138  0.414   1.00 21.47 ? 107 LEU A CB  1 
ATOM   758 C  CG  . LEU A 1 92 ? -9.207  -0.921  1.281   1.00 20.28 ? 107 LEU A CG  1 
ATOM   759 C  CD1 . LEU A 1 92 ? -10.339 -0.573  2.281   1.00 21.90 ? 107 LEU A CD1 1 
ATOM   760 C  CD2 . LEU A 1 92 ? -7.928  -1.203  2.053   1.00 20.69 ? 107 LEU A CD2 1 
ATOM   761 N  N   . VAL A 1 93 ? -12.465 -2.633  0.400   1.00 22.68 ? 108 VAL A N   1 
ATOM   762 C  CA  . VAL A 1 93 ? -13.781 -2.517  1.046   1.00 23.49 ? 108 VAL A CA  1 
ATOM   763 C  C   . VAL A 1 93 ? -13.605 -2.831  2.521   1.00 24.08 ? 108 VAL A C   1 
ATOM   764 O  O   . VAL A 1 93 ? -12.992 -3.845  2.872   1.00 23.38 ? 108 VAL A O   1 
ATOM   765 C  CB  . VAL A 1 93 ? -14.808 -3.527  0.433   1.00 23.78 ? 108 VAL A CB  1 
ATOM   766 C  CG1 . VAL A 1 93 ? -16.089 -3.575  1.263   1.00 24.77 ? 108 VAL A CG1 1 
ATOM   767 C  CG2 . VAL A 1 93 ? -15.107 -3.197  -1.020  1.00 24.64 ? 108 VAL A CG2 1 
ATOM   768 N  N   . VAL A 1 94 ? -14.151 -1.987  3.395   1.00 24.48 ? 109 VAL A N   1 
ATOM   769 C  CA  . VAL A 1 94 ? -14.082 -2.245  4.831   1.00 25.49 ? 109 VAL A CA  1 
ATOM   770 C  C   . VAL A 1 94 ? -15.167 -3.238  5.229   1.00 26.54 ? 109 VAL A C   1 
ATOM   771 O  O   . VAL A 1 94 ? -16.297 -3.174  4.722   1.00 26.95 ? 109 VAL A O   1 
ATOM   772 C  CB  . VAL A 1 94 ? -14.209 -0.948  5.666   1.00 24.93 ? 109 VAL A CB  1 
ATOM   773 C  CG1 . VAL A 1 94 ? -14.245 -1.265  7.149   1.00 25.80 ? 109 VAL A CG1 1 
ATOM   774 C  CG2 . VAL A 1 94 ? -13.044 -0.010  5.358   1.00 24.66 ? 109 VAL A CG2 1 
ATOM   775 N  N   . VAL A 1 95 ? -14.813 -4.158  6.117   1.00 27.95 ? 110 VAL A N   1 
ATOM   776 C  CA  . VAL A 1 95 ? -15.747 -5.180  6.580   1.00 29.59 ? 110 VAL A CA  1 
ATOM   777 C  C   . VAL A 1 95 ? -15.952 -5.167  8.099   1.00 30.32 ? 110 VAL A C   1 
ATOM   778 O  O   . VAL A 1 95 ? -15.018 -4.938  8.883   1.00 29.98 ? 110 VAL A O   1 
ATOM   779 C  CB  . VAL A 1 95 ? -15.379 -6.589  6.049   1.00 29.88 ? 110 VAL A CB  1 
ATOM   780 C  CG1 . VAL A 1 95 ? -15.695 -6.691  4.548   1.00 30.13 ? 110 VAL A CG1 1 
ATOM   781 C  CG2 . VAL A 1 95 ? -13.917 -6.911  6.310   1.00 31.09 ? 110 VAL A CG2 1 
ATOM   782 N  N   . ASN A 1 96 ? -17.205 -5.383  8.494   1.00 30.91 ? 111 ASN A N   1 
ATOM   783 C  CA  . ASN A 1 96 ? -17.609 -5.408  9.897   1.00 31.92 ? 111 ASN A CA  1 
ATOM   784 C  C   . ASN A 1 96 ? -18.728 -6.415  10.089  1.00 32.46 ? 111 ASN A C   1 
ATOM   785 O  O   . ASN A 1 96 ? -19.545 -6.610  9.187   1.00 33.22 ? 111 ASN A O   1 
ATOM   786 C  CB  . ASN A 1 96 ? -18.065 -4.016  10.363  1.00 31.94 ? 111 ASN A CB  1 
ATOM   787 C  CG  . ASN A 1 96 ? -16.921 -3.176  10.923  1.00 32.52 ? 111 ASN A CG  1 
ATOM   788 O  OD1 . ASN A 1 96 ? -16.324 -3.522  11.946  1.00 34.32 ? 111 ASN A OD1 1 
ATOM   789 N  ND2 . ASN A 1 96 ? -16.614 -2.066  10.256  1.00 30.76 ? 111 ASN A ND2 1 
HETATM 790 C  C1  . 9QW B 2 .  ? 7.410   4.420   6.043   1.00 19.58 ? 201 9QW A C1  1 
HETATM 791 C  C2  . 9QW B 2 .  ? 7.184   3.268   5.395   1.00 18.72 ? 201 9QW A C2  1 
HETATM 792 C  C12 . 9QW B 2 .  ? 5.738   2.879   5.610   1.00 18.27 ? 201 9QW A C12 1 
HETATM 793 C  C13 . 9QW B 2 .  ? 4.836   2.684   4.371   1.00 16.26 ? 201 9QW A C13 1 
HETATM 794 C  C14 . 9QW B 2 .  ? 3.980   4.140   6.877   1.00 23.17 ? 201 9QW A C14 1 
HETATM 795 C  C16 . 9QW B 2 .  ? 4.072   1.503   4.246   1.00 15.73 ? 201 9QW A C16 1 
HETATM 796 C  C17 . 9QW B 2 .  ? 3.224   1.339   3.138   1.00 15.07 ? 201 9QW A C17 1 
HETATM 797 C  C18 . 9QW B 2 .  ? 3.142   2.374   2.193   1.00 14.25 ? 201 9QW A C18 1 
HETATM 798 C  C19 . 9QW B 2 .  ? 3.896   3.546   2.315   1.00 15.71 ? 201 9QW A C19 1 
HETATM 799 C  C20 . 9QW B 2 .  ? 4.747   3.703   3.414   1.00 15.03 ? 201 9QW A C20 1 
HETATM 800 C  C21 . 9QW B 2 .  ? 3.707   3.509   8.202   1.00 26.41 ? 201 9QW A C21 1 
HETATM 801 C  C23 . 9QW B 2 .  ? 1.449   4.206   8.144   1.00 25.14 ? 201 9QW A C23 1 
HETATM 802 C  C24 . 9QW B 2 .  ? 1.651   4.792   6.954   1.00 22.29 ? 201 9QW A C24 1 
HETATM 803 C  C25 . 9QW B 2 .  ? 2.957   4.775   6.296   1.00 22.97 ? 201 9QW A C25 1 
HETATM 804 C  C27 . 9QW B 2 .  ? 11.620  3.326   5.693   1.00 24.07 ? 201 9QW A C27 1 
HETATM 805 C  C29 . 9QW B 2 .  ? 13.340  3.419   4.101   1.00 25.92 ? 201 9QW A C29 1 
HETATM 806 N  N3  . 9QW B 2 .  ? 8.303   2.826   4.845   1.00 19.39 ? 201 9QW A N3  1 
HETATM 807 C  C4  . 9QW B 2 .  ? 9.232   3.720   5.115   1.00 21.19 ? 201 9QW A C4  1 
HETATM 808 N  N5  . 9QW B 2 .  ? 8.794   4.681   5.820   1.00 19.22 ? 201 9QW A N5  1 
HETATM 809 C  C6  . 9QW B 2 .  ? 8.503   1.595   4.043   1.00 19.57 ? 201 9QW A C6  1 
HETATM 810 C  C7  . 9QW B 2 .  ? 7.998   0.310   4.732   1.00 19.53 ? 201 9QW A C7  1 
HETATM 811 C  C8  . 9QW B 2 .  ? 7.911   1.680   2.600   1.00 17.26 ? 201 9QW A C8  1 
HETATM 812 C  C9  . 9QW B 2 .  ? 10.678  3.645   4.716   1.00 21.55 ? 201 9QW A C9  1 
HETATM 813 C  C10 . 9QW B 2 .  ? 6.222   4.935   6.693   1.00 20.45 ? 201 9QW A C10 1 
HETATM 814 N  N11 . 9QW B 2 .  ? 5.251   4.051   6.397   1.00 21.50 ? 201 9QW A N11 1 
HETATM 815 O  O15 . 9QW B 2 .  ? 6.169   5.981   7.332   1.00 21.26 ? 201 9QW A O15 1 
HETATM 816 N  N22 . 9QW B 2 .  ? 2.471   3.577   8.775   1.00 26.89 ? 201 9QW A N22 1 
HETATM 817 CL CL2 . 9QW B 2 .  ? 2.090   2.217   0.814   1.00 16.19 ? 201 9QW A CL2 1 
HETATM 818 N  N28 . 9QW B 2 .  ? 12.921  3.227   5.368   1.00 25.37 ? 201 9QW A N28 1 
HETATM 819 N  N30 . 9QW B 2 .  ? 12.447  3.712   3.128   1.00 23.71 ? 201 9QW A N30 1 
HETATM 820 C  C31 . 9QW B 2 .  ? 11.123  3.827   3.408   1.00 22.57 ? 201 9QW A C31 1 
HETATM 821 O  O32 . 9QW B 2 .  ? 10.189  4.122   2.430   1.00 21.68 ? 201 9QW A O32 1 
HETATM 822 C  C33 . 9QW B 2 .  ? 10.644  4.227   1.073   1.00 21.90 ? 201 9QW A C33 1 
HETATM 823 O  O34 . 9QW B 2 .  ? 14.702  3.317   3.823   1.00 26.64 ? 201 9QW A O34 1 
HETATM 824 C  C35 . 9QW B 2 .  ? 2.235   2.939   10.085  1.00 28.57 ? 201 9QW A C35 1 
HETATM 825 O  O36 . 9QW B 2 .  ? 4.630   2.941   8.774   1.00 27.89 ? 201 9QW A O36 1 
HETATM 826 CL CL3 . 9QW B 2 .  ? 0.347   5.592   6.141   1.00 21.88 ? 201 9QW A CL3 1 
HETATM 827 C  C38 . 9QW B 2 .  ? 15.122  3.256   2.456   1.00 26.68 ? 201 9QW A C38 1 
HETATM 828 CL CL  . CL  C 3 .  ? 4.895   -3.567  -11.722 0.50 12.76 ? 202 CL  A CL  1 
HETATM 829 O  O   . HOH D 4 .  ? 10.254  -5.205  6.109   1.00 33.65 ? 301 HOH A O   1 
HETATM 830 O  O   . HOH D 4 .  ? 12.326  6.852   4.241   1.00 31.60 ? 302 HOH A O   1 
HETATM 831 O  O   . HOH D 4 .  ? 7.629   14.329  2.927   1.00 36.86 ? 303 HOH A O   1 
HETATM 832 O  O   . HOH D 4 .  ? -1.569  -11.144 10.745  1.00 28.95 ? 304 HOH A O   1 
HETATM 833 O  O   . HOH D 4 .  ? 15.083  -4.245  -6.079  1.00 38.80 ? 305 HOH A O   1 
HETATM 834 O  O   . HOH D 4 .  ? -2.915  3.980   13.078  1.00 43.09 ? 306 HOH A O   1 
HETATM 835 O  O   . HOH D 4 .  ? -4.786  9.215   -6.050  1.00 28.36 ? 307 HOH A O   1 
HETATM 836 O  O   . HOH D 4 .  ? -4.475  13.406  13.696  1.00 52.40 ? 308 HOH A O   1 
HETATM 837 O  O   . HOH D 4 .  ? 18.595  0.997   2.579   1.00 45.56 ? 309 HOH A O   1 
HETATM 838 O  O   . HOH D 4 .  ? -5.184  4.662   -11.363 1.00 46.80 ? 310 HOH A O   1 
HETATM 839 O  O   . HOH D 4 .  ? -6.494  -10.732 8.750   1.00 39.71 ? 311 HOH A O   1 
HETATM 840 O  O   . HOH D 4 .  ? -10.840 -8.479  -5.062  1.00 37.90 ? 312 HOH A O   1 
HETATM 841 O  O   . HOH D 4 .  ? 6.282   13.133  -9.381  1.00 41.45 ? 313 HOH A O   1 
HETATM 842 O  O   . HOH D 4 .  ? -3.466  -18.734 0.885   1.00 33.83 ? 314 HOH A O   1 
HETATM 843 O  O   . HOH D 4 .  ? 8.138   7.044   8.892   1.00 35.82 ? 315 HOH A O   1 
HETATM 844 O  O   . HOH D 4 .  ? 0.250   -11.561 -10.679 1.00 44.77 ? 316 HOH A O   1 
HETATM 845 O  O   . HOH D 4 .  ? 0.380   -11.439 -7.952  1.00 27.83 ? 317 HOH A O   1 
HETATM 846 O  O   . HOH D 4 .  ? -6.381  -10.063 -8.248  1.00 27.90 ? 318 HOH A O   1 
HETATM 847 O  O   . HOH D 4 .  ? 7.318   -12.300 -5.049  1.00 33.22 ? 319 HOH A O   1 
HETATM 848 O  O   . HOH D 4 .  ? -0.923  13.270  4.367   1.00 28.79 ? 320 HOH A O   1 
HETATM 849 O  O   . HOH D 4 .  ? -12.983 2.505   0.847   1.00 32.44 ? 321 HOH A O   1 
HETATM 850 O  O   . HOH D 4 .  ? 10.643  6.611   6.542   1.00 30.67 ? 322 HOH A O   1 
HETATM 851 O  O   . HOH D 4 .  ? 2.230   3.073   -13.438 1.00 37.54 ? 323 HOH A O   1 
HETATM 852 O  O   . HOH D 4 .  ? 1.979   -2.260  9.445   1.00 25.33 ? 324 HOH A O   1 
HETATM 853 O  O   . HOH D 4 .  ? -7.472  -2.328  -6.402  1.00 22.28 ? 325 HOH A O   1 
HETATM 854 O  O   . HOH D 4 .  ? 13.254  -0.139  -8.891  1.00 27.47 ? 326 HOH A O   1 
HETATM 855 O  O   . HOH D 4 .  ? -6.134  12.177  2.021   1.00 27.02 ? 327 HOH A O   1 
HETATM 856 O  O   . HOH D 4 .  ? 2.143   12.817  -6.851  1.00 51.36 ? 328 HOH A O   1 
HETATM 857 O  O   . HOH D 4 .  ? -13.101 -3.431  10.622  1.00 26.70 ? 329 HOH A O   1 
HETATM 858 O  O   . HOH D 4 .  ? 6.572   -2.650  5.484   1.00 19.66 ? 330 HOH A O   1 
HETATM 859 O  O   . HOH D 4 .  ? 14.788  6.419   5.182   1.00 38.38 ? 331 HOH A O   1 
HETATM 860 O  O   . HOH D 4 .  ? -5.957  5.422   -4.886  1.00 31.27 ? 332 HOH A O   1 
HETATM 861 O  O   . HOH D 4 .  ? -7.353  16.422  8.727   1.00 32.45 ? 333 HOH A O   1 
HETATM 862 O  O   . HOH D 4 .  ? 13.773  11.885  1.199   1.00 25.85 ? 334 HOH A O   1 
HETATM 863 O  O   . HOH D 4 .  ? 3.369   -5.422  -10.053 1.00 24.01 ? 335 HOH A O   1 
HETATM 864 O  O   . HOH D 4 .  ? 15.779  10.321  -5.708  1.00 34.56 ? 336 HOH A O   1 
HETATM 865 O  O   . HOH D 4 .  ? -6.559  16.894  6.348   1.00 37.15 ? 337 HOH A O   1 
HETATM 866 O  O   . HOH D 4 .  ? -13.470 -5.933  -2.084  1.00 31.20 ? 338 HOH A O   1 
HETATM 867 O  O   . HOH D 4 .  ? 6.258   12.824  -4.298  1.00 43.60 ? 339 HOH A O   1 
HETATM 868 O  O   . HOH D 4 .  ? 8.151   7.222   -11.153 1.00 48.43 ? 340 HOH A O   1 
HETATM 869 O  O   . HOH D 4 .  ? -2.805  -7.506  12.355  1.00 33.42 ? 341 HOH A O   1 
HETATM 870 O  O   . HOH D 4 .  ? -4.310  10.749  -1.461  1.00 33.94 ? 342 HOH A O   1 
HETATM 871 O  O   . HOH D 4 .  ? 11.206  3.796   -8.684  1.00 30.63 ? 343 HOH A O   1 
HETATM 872 O  O   . HOH D 4 .  ? -8.876  -3.183  -8.667  1.00 27.98 ? 344 HOH A O   1 
HETATM 873 O  O   . HOH D 4 .  ? 2.241   -8.558  -7.881  1.00 33.64 ? 345 HOH A O   1 
HETATM 874 O  O   . HOH D 4 .  ? 12.005  1.932   -10.677 1.00 31.22 ? 346 HOH A O   1 
HETATM 875 O  O   . HOH D 4 .  ? 4.815   11.153  9.177   1.00 44.90 ? 347 HOH A O   1 
HETATM 876 O  O   . HOH D 4 .  ? 17.824  9.841   1.853   1.00 40.74 ? 348 HOH A O   1 
HETATM 877 O  O   . HOH D 4 .  ? 4.058   14.180  -3.016  1.00 35.54 ? 349 HOH A O   1 
HETATM 878 O  O   . HOH D 4 .  ? 2.872   2.288   -15.935 1.00 44.74 ? 350 HOH A O   1 
HETATM 879 O  O   . HOH D 4 .  ? -4.489  -12.000 -8.146  1.00 52.72 ? 351 HOH A O   1 
HETATM 880 O  O   . HOH D 4 .  ? 1.488   6.230   -12.166 1.00 44.11 ? 352 HOH A O   1 
HETATM 881 O  O   . HOH D 4 .  ? 7.130   6.239   -15.979 1.00 30.11 ? 353 HOH A O   1 
HETATM 882 O  O   . HOH D 4 .  ? 13.162  9.598   8.907   1.00 54.10 ? 354 HOH A O   1 
HETATM 883 O  O   . HOH D 4 .  ? 11.046  11.760  9.797   1.00 57.90 ? 355 HOH A O   1 
HETATM 884 O  O   . HOH D 4 .  ? -3.069  -11.899 -11.506 1.00 44.27 ? 356 HOH A O   1 
HETATM 885 O  O   . HOH D 4 .  ? -12.655 -11.165 -1.200  1.00 41.52 ? 357 HOH A O   1 
HETATM 886 O  O   . HOH D 4 .  ? -0.144  13.035  7.657   1.00 31.45 ? 358 HOH A O   1 
HETATM 887 O  O   . HOH D 4 .  ? 20.723  -2.550  -6.205  1.00 40.97 ? 359 HOH A O   1 
HETATM 888 O  O   . HOH D 4 .  ? -4.114  -4.681  14.412  1.00 52.16 ? 360 HOH A O   1 
HETATM 889 O  O   . HOH D 4 .  ? 9.866   5.832   -11.759 1.00 33.87 ? 361 HOH A O   1 
HETATM 890 O  O   . HOH D 4 .  ? 3.607   -0.603  7.857   1.00 41.01 ? 362 HOH A O   1 
HETATM 891 O  O   . HOH D 4 .  ? 0.061   6.194   11.582  1.00 38.22 ? 363 HOH A O   1 
HETATM 892 O  O   . HOH D 4 .  ? 19.844  4.769   -5.582  1.00 31.17 ? 364 HOH A O   1 
HETATM 893 O  O   . HOH D 4 .  ? -2.050  -6.928  16.256  1.00 38.16 ? 365 HOH A O   1 
HETATM 894 O  O   . HOH D 4 .  ? -8.783  -13.585 -1.974  1.00 43.77 ? 366 HOH A O   1 
HETATM 895 O  O   . HOH D 4 .  ? 15.255  11.044  8.344   1.00 58.49 ? 367 HOH A O   1 
HETATM 896 O  O   . HOH D 4 .  ? -17.444 -6.735  0.650   1.00 41.24 ? 368 HOH A O   1 
HETATM 897 O  O   . HOH D 4 .  ? 0.801   8.790   12.359  1.00 43.40 ? 369 HOH A O   1 
HETATM 898 O  O   . HOH D 4 .  ? -1.332  -1.514  14.958  1.00 37.04 ? 370 HOH A O   1 
HETATM 899 O  O   . HOH D 4 .  ? -2.639  15.598  -2.622  1.00 51.01 ? 371 HOH A O   1 
HETATM 900 O  O   . HOH D 4 .  ? -4.822  14.234  2.874   1.00 40.11 ? 372 HOH A O   1 
HETATM 901 O  O   . HOH D 4 .  ? -2.814  15.228  3.901   1.00 42.75 ? 373 HOH A O   1 
HETATM 902 O  O   . HOH D 4 .  ? 6.216   8.510   10.853  1.00 50.97 ? 374 HOH A O   1 
HETATM 903 O  O   . HOH D 4 .  ? -6.719  6.639   -8.961  1.00 44.33 ? 375 HOH A O   1 
HETATM 904 O  O   . HOH D 4 .  ? 1.705   10.531  -13.734 1.00 39.10 ? 376 HOH A O   1 
HETATM 905 O  O   . HOH D 4 .  ? -4.333  -10.457 12.252  1.00 45.11 ? 377 HOH A O   1 
HETATM 906 O  O   . HOH D 4 .  ? -6.014  12.657  -0.871  1.00 33.03 ? 378 HOH A O   1 
HETATM 907 O  O   . HOH D 4 .  ? 9.275   11.003  12.196  1.00 42.32 ? 379 HOH A O   1 
HETATM 908 O  O   . HOH D 4 .  ? -8.872  -10.997 -7.928  1.00 39.50 ? 380 HOH A O   1 
HETATM 909 O  O   . HOH D 4 .  ? 6.022   -1.772  7.830   1.00 34.10 ? 381 HOH A O   1 
HETATM 910 O  O   . HOH D 4 .  ? 11.023  -1.036  6.174   1.00 37.77 ? 382 HOH A O   1 
HETATM 911 O  O   . HOH D 4 .  ? -10.614 -10.793 -6.027  1.00 34.95 ? 383 HOH A O   1 
# 
